data_5LVX
#
_entry.id   5LVX
#
_cell.length_a   94.910
_cell.length_b   132.281
_cell.length_c   103.085
_cell.angle_alpha   90.00
_cell.angle_beta   95.26
_cell.angle_gamma   90.00
#
_symmetry.space_group_name_H-M   'P 1 21 1'
#
loop_
_entity.id
_entity.type
_entity.pdbx_description
1 polymer Glucosylceramidase
2 branched alpha-D-mannopyranose-(1-2)-alpha-D-mannopyranose-(1-2)-alpha-D-mannopyranose-(1-3)-beta-D-mannopyranose-(1-4)-2-acetamido-2-deoxy-beta-D-glucopyranose-(1-4)-2-acetamido-2-deoxy-beta-D-glucopyranose
3 branched 2-acetamido-2-deoxy-beta-D-glucopyranose-(1-4)-2-acetamido-2-deoxy-beta-D-glucopyranose
4 branched alpha-D-mannopyranose-(1-3)-[alpha-D-mannopyranose-(1-6)]beta-D-mannopyranose-(1-4)-2-acetamido-2-deoxy-beta-D-glucopyranose-(1-4)-2-acetamido-2-deoxy-beta-D-glucopyranose
5 non-polymer '11-[(2~{R})-2-[(2-pyridin-3-ylquinazolin-4-yl)amino]-2,3-dihydro-1~{H}-inden-5-yl]undec-10-ynoic acid'
6 non-polymer 'PHOSPHATE ION'
7 non-polymer 2-acetamido-2-deoxy-beta-D-glucopyranose
8 non-polymer '11-[(2~{S})-2-[(2-pyridin-3-ylquinazolin-4-yl)amino]-2,3-dihydro-1~{H}-inden-5-yl]undec-10-ynoic acid'
9 water water
#
_entity_poly.entity_id   1
_entity_poly.type   'polypeptide(L)'
_entity_poly.pdbx_seq_one_letter_code
;ARPCIPKSFGYSSVVCVCNATYCDSFDPPTFPALGTFSRYESTRSGRRMELSMGPIQANHTGTGLLLTLQPEQKFQKVKG
FGGAMTDAAALNILALSPPAQNLLLKSYFSEEGIGYNIIRVPMASCDFSIRTYTYADTPDDFQLHNFSLPEEDTKLKIPL
IHRALQLAQRPVSLLASPWTSPTWLKTNGAVNGKGSLKGQPGDIYHQTWARYFVKFLDAYAEHKLQFWAVTAENEPSAGL
LSGYPFQCLGFTPEHQRDFIARDLGPTLANSTHHNVRLLMLDDQRLLLPHWAKVVLTDPEAAKYVHGIAVHWYLDFLAPA
KATLGETHRLFPNTMLFASEACVGSKFWEQSVRLGSWDRGMQYSHSIITNLLYHVVGWTDWNLALNPEGGPNWVRNFVDS
PIIVDITKDTFYKQPMFYHLGHFSKFIPEGSQRVGLVASQKNDLDAVALMHPDGSAVVVVLNRSSKDVPLTIKDPAVGFL
ETISPGYSIHTYLWRRQ
;
_entity_poly.pdbx_strand_id   A,B,C,D
#
# COMPACT_ATOMS: atom_id res chain seq x y z
N ALA A 1 3.28 -39.54 8.77
CA ALA A 1 1.91 -39.82 8.25
C ALA A 1 1.62 -39.12 6.92
N ARG A 2 1.83 -37.81 6.86
CA ARG A 2 1.53 -37.01 5.66
C ARG A 2 2.69 -36.07 5.29
N PRO A 3 3.20 -36.16 4.04
CA PRO A 3 4.32 -35.32 3.65
C PRO A 3 3.96 -33.85 3.34
N CYS A 4 5.00 -33.03 3.29
CA CYS A 4 4.95 -31.62 2.88
C CYS A 4 4.39 -31.52 1.47
N ILE A 5 3.42 -30.62 1.27
CA ILE A 5 3.02 -30.20 -0.09
C ILE A 5 3.85 -28.95 -0.40
N PRO A 6 4.90 -29.08 -1.22
CA PRO A 6 5.79 -27.95 -1.40
C PRO A 6 5.20 -26.87 -2.30
N LYS A 7 5.58 -25.63 -2.06
CA LYS A 7 5.21 -24.51 -2.93
C LYS A 7 6.28 -23.47 -2.89
N SER A 8 6.70 -23.01 -4.07
CA SER A 8 7.76 -22.02 -4.18
C SER A 8 7.15 -20.65 -4.46
N PHE A 9 7.70 -19.62 -3.81
CA PHE A 9 7.29 -18.22 -4.04
C PHE A 9 8.45 -17.39 -4.60
N GLY A 10 9.47 -18.06 -5.11
CA GLY A 10 10.62 -17.41 -5.73
C GLY A 10 11.81 -17.13 -4.84
N TYR A 11 11.75 -17.55 -3.57
CA TYR A 11 12.90 -17.43 -2.66
C TYR A 11 13.69 -18.76 -2.66
N SER A 12 14.67 -18.90 -1.76
CA SER A 12 15.65 -19.99 -1.86
C SER A 12 15.09 -21.40 -1.66
N SER A 13 13.94 -21.53 -1.00
CA SER A 13 13.35 -22.84 -0.76
C SER A 13 11.85 -22.76 -0.76
N VAL A 14 11.21 -23.89 -0.41
CA VAL A 14 9.76 -24.00 -0.46
C VAL A 14 9.09 -23.78 0.91
N VAL A 15 7.82 -23.43 0.86
CA VAL A 15 6.91 -23.56 2.01
C VAL A 15 6.11 -24.86 1.85
N CYS A 16 5.53 -25.30 2.96
CA CYS A 16 4.63 -26.45 2.97
C CYS A 16 3.22 -25.94 3.11
N VAL A 17 2.35 -26.38 2.19
CA VAL A 17 1.00 -25.83 2.10
C VAL A 17 0.05 -26.68 2.91
N CYS A 18 -0.74 -26.03 3.75
CA CYS A 18 -1.77 -26.68 4.54
C CYS A 18 -3.10 -25.98 4.36
N ASN A 19 -4.18 -26.72 4.58
CA ASN A 19 -5.54 -26.20 4.41
C ASN A 19 -6.51 -26.96 5.32
N ALA A 20 -7.81 -26.88 5.04
CA ALA A 20 -8.84 -27.49 5.91
C ALA A 20 -8.78 -29.01 6.03
N THR A 21 -8.31 -29.67 4.98
CA THR A 21 -8.32 -31.14 4.92
C THR A 21 -6.94 -31.78 4.84
N TYR A 22 -5.88 -30.97 4.77
CA TYR A 22 -4.53 -31.50 4.65
C TYR A 22 -3.52 -30.61 5.37
N CYS A 23 -2.69 -31.23 6.20
CA CYS A 23 -1.44 -30.61 6.63
C CYS A 23 -0.41 -31.67 6.87
N ASP A 24 0.86 -31.35 6.65
CA ASP A 24 1.92 -32.33 6.84
C ASP A 24 2.06 -32.63 8.32
N SER A 25 2.40 -33.86 8.65
CA SER A 25 2.41 -34.32 10.04
C SER A 25 3.29 -35.55 10.23
N PHE A 26 3.63 -35.80 11.49
CA PHE A 26 4.43 -36.97 11.87
C PHE A 26 3.55 -38.12 12.38
N ASP A 27 4.08 -39.34 12.29
CA ASP A 27 3.50 -40.47 13.03
C ASP A 27 3.80 -40.32 14.52
N PRO A 28 3.05 -41.03 15.38
CA PRO A 28 3.39 -41.01 16.81
C PRO A 28 4.85 -41.40 17.07
N PRO A 29 5.51 -40.77 18.07
CA PRO A 29 6.91 -41.11 18.34
C PRO A 29 7.11 -42.58 18.68
N THR A 30 7.95 -43.24 17.90
CA THR A 30 8.45 -44.58 18.21
C THR A 30 9.82 -44.45 18.84
N PHE A 31 10.11 -45.31 19.81
CA PHE A 31 11.42 -45.36 20.45
C PHE A 31 12.20 -46.51 19.82
N PRO A 32 13.15 -46.21 18.91
CA PRO A 32 13.83 -47.30 18.23
C PRO A 32 14.84 -48.00 19.15
N ALA A 33 15.15 -49.24 18.80
CA ALA A 33 15.94 -50.13 19.65
C ALA A 33 17.36 -49.65 19.89
N LEU A 34 17.91 -50.03 21.03
CA LEU A 34 19.33 -49.78 21.34
C LEU A 34 20.22 -50.38 20.25
N GLY A 35 21.22 -49.61 19.81
CA GLY A 35 22.05 -49.97 18.65
C GLY A 35 21.66 -49.35 17.31
N THR A 36 20.50 -48.69 17.28
CA THR A 36 20.04 -47.95 16.08
C THR A 36 19.84 -46.47 16.42
N PHE A 37 19.99 -45.62 15.40
CA PHE A 37 19.71 -44.19 15.52
C PHE A 37 18.60 -43.75 14.57
N SER A 38 17.89 -42.70 14.97
CA SER A 38 16.96 -41.98 14.12
C SER A 38 17.61 -40.68 13.63
N ARG A 39 17.38 -40.35 12.35
CA ARG A 39 17.80 -39.08 11.74
C ARG A 39 16.56 -38.39 11.16
N TYR A 40 16.35 -37.14 11.54
CA TYR A 40 15.38 -36.26 10.87
C TYR A 40 16.14 -35.23 10.07
N GLU A 41 15.79 -35.09 8.80
CA GLU A 41 16.52 -34.23 7.84
C GLU A 41 15.61 -33.20 7.16
N SER A 42 16.08 -31.96 7.13
CA SER A 42 15.48 -30.91 6.32
C SER A 42 16.56 -30.30 5.48
N THR A 43 16.20 -29.95 4.24
CA THR A 43 17.14 -29.37 3.29
C THR A 43 16.52 -28.20 2.54
N ARG A 44 17.38 -27.31 2.08
CA ARG A 44 16.98 -26.24 1.19
C ARG A 44 16.30 -26.76 -0.08
N SER A 45 16.79 -27.89 -0.57
CA SER A 45 16.25 -28.55 -1.78
C SER A 45 14.83 -29.07 -1.65
N GLY A 46 14.31 -29.18 -0.43
CA GLY A 46 12.90 -29.49 -0.22
C GLY A 46 12.51 -30.52 0.85
N ARG A 47 13.47 -31.24 1.41
CA ARG A 47 13.15 -32.24 2.43
C ARG A 47 12.72 -31.54 3.71
N ARG A 48 11.68 -32.07 4.34
CA ARG A 48 11.12 -31.46 5.55
C ARG A 48 10.97 -32.50 6.67
N MET A 49 11.93 -32.44 7.60
CA MET A 49 11.99 -33.35 8.78
C MET A 49 11.69 -34.81 8.43
N GLU A 50 12.37 -35.29 7.39
CA GLU A 50 12.19 -36.67 6.90
C GLU A 50 12.92 -37.65 7.79
N LEU A 51 12.21 -38.72 8.18
CA LEU A 51 12.72 -39.75 9.06
C LEU A 51 13.43 -40.86 8.31
N SER A 52 14.68 -41.11 8.69
CA SER A 52 15.41 -42.32 8.30
C SER A 52 16.06 -42.94 9.55
N MET A 53 16.55 -44.16 9.39
CA MET A 53 17.20 -44.90 10.48
C MET A 53 18.44 -45.61 9.98
N GLY A 54 19.33 -45.91 10.93
CA GLY A 54 20.60 -46.54 10.61
C GLY A 54 21.21 -47.24 11.81
N PRO A 55 22.24 -48.05 11.57
CA PRO A 55 22.91 -48.73 12.66
C PRO A 55 23.96 -47.84 13.32
N ILE A 56 24.14 -48.04 14.62
CA ILE A 56 25.31 -47.54 15.33
C ILE A 56 26.35 -48.65 15.24
N GLN A 57 27.47 -48.34 14.60
CA GLN A 57 28.51 -49.33 14.31
C GLN A 57 29.52 -49.44 15.44
N ALA A 58 30.06 -50.65 15.61
CA ALA A 58 31.05 -50.93 16.64
C ALA A 58 32.39 -50.26 16.39
N ASN A 59 32.82 -50.26 15.13
CA ASN A 59 34.14 -49.74 14.74
C ASN A 59 34.06 -48.65 13.70
N HIS A 60 35.12 -47.86 13.61
CA HIS A 60 35.23 -46.77 12.66
C HIS A 60 36.68 -46.54 12.26
N THR A 61 36.92 -46.52 10.96
CA THR A 61 38.22 -46.17 10.38
C THR A 61 38.04 -44.97 9.44
N GLY A 62 39.08 -44.15 9.31
CA GLY A 62 39.10 -43.00 8.39
C GLY A 62 39.66 -41.74 9.01
N THR A 63 39.93 -40.76 8.16
CA THR A 63 40.42 -39.43 8.59
C THR A 63 39.31 -38.35 8.56
N GLY A 64 38.06 -38.77 8.40
CA GLY A 64 36.92 -37.83 8.30
C GLY A 64 36.60 -37.08 9.58
N LEU A 65 35.69 -36.13 9.48
CA LEU A 65 35.28 -35.31 10.64
C LEU A 65 34.57 -36.20 11.67
N LEU A 66 35.06 -36.15 12.90
CA LEU A 66 34.49 -36.88 14.01
C LEU A 66 33.96 -35.87 15.04
N LEU A 67 32.69 -36.03 15.41
CA LEU A 67 32.11 -35.31 16.57
C LEU A 67 31.93 -36.30 17.69
N THR A 68 32.54 -36.02 18.83
CA THR A 68 32.62 -36.98 19.92
C THR A 68 31.78 -36.45 21.08
N LEU A 69 30.76 -37.22 21.43
CA LEU A 69 29.91 -36.93 22.58
C LEU A 69 30.71 -37.05 23.87
N GLN A 70 30.48 -36.10 24.78
CA GLN A 70 31.11 -36.09 26.10
C GLN A 70 29.98 -36.06 27.14
N PRO A 71 29.37 -37.23 27.39
CA PRO A 71 28.19 -37.29 28.27
C PRO A 71 28.42 -36.87 29.75
N GLU A 72 29.67 -36.92 30.22
CA GLU A 72 30.01 -36.51 31.59
C GLU A 72 30.24 -35.01 31.78
N GLN A 73 30.46 -34.29 30.66
N GLN A 73 30.46 -34.29 30.66
CA GLN A 73 30.47 -32.83 30.67
CA GLN A 73 30.48 -32.82 30.67
C GLN A 73 29.03 -32.34 30.62
C GLN A 73 29.03 -32.34 30.62
N LYS A 74 28.50 -31.93 31.77
CA LYS A 74 27.07 -31.56 31.93
C LYS A 74 26.94 -30.06 32.08
N PHE A 75 25.93 -29.48 31.43
CA PHE A 75 25.71 -28.04 31.48
C PHE A 75 24.25 -27.75 31.90
N GLN A 76 23.58 -26.78 31.26
CA GLN A 76 22.25 -26.35 31.69
C GLN A 76 21.18 -27.39 31.36
N LYS A 77 20.06 -27.32 32.09
CA LYS A 77 18.85 -28.06 31.77
C LYS A 77 17.83 -27.18 31.02
N VAL A 78 17.09 -27.80 30.09
CA VAL A 78 16.22 -27.09 29.16
C VAL A 78 14.83 -26.90 29.77
N LYS A 79 14.31 -25.69 29.68
CA LYS A 79 12.93 -25.39 30.04
C LYS A 79 12.01 -25.72 28.87
N GLY A 80 12.33 -25.17 27.70
CA GLY A 80 11.54 -25.47 26.50
C GLY A 80 11.62 -24.49 25.33
N PHE A 81 10.65 -24.65 24.43
CA PHE A 81 10.61 -23.91 23.18
C PHE A 81 9.19 -23.55 22.82
N GLY A 82 9.02 -22.42 22.17
CA GLY A 82 7.69 -22.03 21.71
C GLY A 82 7.61 -20.72 20.97
N GLY A 83 6.42 -20.12 21.02
CA GLY A 83 6.16 -18.84 20.39
C GLY A 83 5.07 -18.03 21.06
N ALA A 84 4.71 -16.91 20.44
CA ALA A 84 3.85 -15.91 21.08
C ALA A 84 2.43 -15.85 20.53
N MET A 85 1.46 -15.93 21.45
CA MET A 85 0.04 -15.75 21.12
C MET A 85 -0.33 -14.26 21.22
N THR A 86 0.10 -13.51 20.24
CA THR A 86 -0.29 -12.12 20.09
C THR A 86 -1.73 -11.99 19.57
N ASP A 87 -2.27 -10.78 19.62
CA ASP A 87 -3.56 -10.47 18.98
C ASP A 87 -3.48 -10.79 17.49
N ALA A 88 -2.39 -10.38 16.85
CA ALA A 88 -2.19 -10.64 15.41
C ALA A 88 -2.17 -12.14 15.09
N ALA A 89 -1.44 -12.90 15.90
CA ALA A 89 -1.37 -14.36 15.73
C ALA A 89 -2.74 -14.99 15.88
N ALA A 90 -3.46 -14.62 16.93
CA ALA A 90 -4.79 -15.16 17.21
C ALA A 90 -5.81 -14.83 16.10
N LEU A 91 -5.75 -13.59 15.61
CA LEU A 91 -6.62 -13.11 14.53
C LEU A 91 -6.39 -13.91 13.24
N ASN A 92 -5.11 -14.12 12.92
CA ASN A 92 -4.73 -14.90 11.75
C ASN A 92 -5.18 -16.36 11.84
N ILE A 93 -5.00 -16.99 12.99
CA ILE A 93 -5.40 -18.39 13.21
C ILE A 93 -6.93 -18.51 13.07
N LEU A 94 -7.66 -17.60 13.71
CA LEU A 94 -9.14 -17.60 13.68
C LEU A 94 -9.76 -17.14 12.35
N ALA A 95 -8.95 -16.55 11.48
CA ALA A 95 -9.32 -16.31 10.08
C ALA A 95 -9.51 -17.60 9.26
N LEU A 96 -8.87 -18.69 9.70
CA LEU A 96 -9.05 -20.00 9.06
C LEU A 96 -10.37 -20.63 9.51
N SER A 97 -10.86 -21.59 8.71
CA SER A 97 -11.99 -22.44 9.13
C SER A 97 -11.53 -23.35 10.28
N PRO A 98 -12.45 -23.77 11.17
CA PRO A 98 -12.07 -24.60 12.33
C PRO A 98 -11.18 -25.83 12.06
N PRO A 99 -11.45 -26.61 11.01
CA PRO A 99 -10.54 -27.74 10.76
C PRO A 99 -9.11 -27.31 10.40
N ALA A 100 -8.98 -26.22 9.65
CA ALA A 100 -7.65 -25.66 9.32
C ALA A 100 -6.96 -25.13 10.57
N GLN A 101 -7.72 -24.46 11.44
CA GLN A 101 -7.22 -23.98 12.73
C GLN A 101 -6.59 -25.11 13.53
N ASN A 102 -7.32 -26.22 13.62
CA ASN A 102 -6.84 -27.39 14.38
C ASN A 102 -5.59 -28.01 13.79
N LEU A 103 -5.47 -28.03 12.48
CA LEU A 103 -4.24 -28.48 11.83
C LEU A 103 -3.04 -27.56 12.11
N LEU A 104 -3.29 -26.25 12.19
CA LEU A 104 -2.25 -25.29 12.54
C LEU A 104 -1.80 -25.50 13.98
N LEU A 105 -2.78 -25.55 14.89
CA LEU A 105 -2.47 -25.78 16.31
C LEU A 105 -1.78 -27.13 16.54
N LYS A 106 -2.25 -28.17 15.86
CA LYS A 106 -1.57 -29.49 15.91
C LYS A 106 -0.12 -29.42 15.41
N SER A 107 0.12 -28.63 14.36
CA SER A 107 1.47 -28.46 13.81
C SER A 107 2.45 -27.96 14.86
N TYR A 108 2.01 -27.01 15.67
CA TYR A 108 2.85 -26.43 16.71
C TYR A 108 2.90 -27.25 18.01
N PHE A 109 1.75 -27.74 18.44
CA PHE A 109 1.60 -28.21 19.83
C PHE A 109 1.49 -29.71 20.07
N SER A 110 1.09 -30.48 19.07
CA SER A 110 0.94 -31.93 19.26
C SER A 110 2.24 -32.67 18.99
N GLU A 111 2.25 -33.96 19.34
CA GLU A 111 3.37 -34.86 19.05
C GLU A 111 3.38 -35.24 17.56
N GLU A 112 2.26 -35.03 16.88
CA GLU A 112 2.16 -35.15 15.42
C GLU A 112 2.70 -33.90 14.73
N GLY A 113 2.97 -32.84 15.51
CA GLY A 113 3.68 -31.65 15.07
C GLY A 113 5.03 -31.53 15.73
N ILE A 114 5.40 -30.31 16.15
CA ILE A 114 6.76 -30.02 16.68
C ILE A 114 6.86 -29.76 18.20
N GLY A 115 5.78 -30.04 18.93
CA GLY A 115 5.84 -30.21 20.38
C GLY A 115 6.26 -29.00 21.20
N TYR A 116 5.80 -27.82 20.77
CA TYR A 116 6.00 -26.59 21.54
C TYR A 116 5.50 -26.77 22.97
N ASN A 117 6.27 -26.30 23.95
CA ASN A 117 5.83 -26.31 25.36
C ASN A 117 5.88 -24.95 26.06
N ILE A 118 6.01 -23.88 25.27
CA ILE A 118 5.99 -22.52 25.78
C ILE A 118 5.08 -21.68 24.90
N ILE A 119 4.23 -20.87 25.55
CA ILE A 119 3.45 -19.84 24.86
C ILE A 119 3.68 -18.51 25.59
N ARG A 120 4.14 -17.51 24.85
CA ARG A 120 4.32 -16.17 25.42
C ARG A 120 3.06 -15.36 25.13
N VAL A 121 2.54 -14.72 26.16
CA VAL A 121 1.24 -14.03 26.13
C VAL A 121 1.47 -12.56 26.49
N PRO A 122 1.25 -11.63 25.54
CA PRO A 122 1.38 -10.23 25.92
C PRO A 122 0.28 -9.84 26.92
N MET A 123 0.66 -9.01 27.90
CA MET A 123 -0.31 -8.44 28.84
C MET A 123 -0.85 -7.17 28.17
N ALA A 124 -2.01 -7.34 27.54
CA ALA A 124 -2.70 -6.29 26.77
C ALA A 124 -1.97 -6.00 25.45
N SER A 125 -2.09 -4.79 24.90
CA SER A 125 -1.73 -4.54 23.51
C SER A 125 -0.23 -4.35 23.29
N CYS A 126 0.23 -4.76 22.10
CA CYS A 126 1.57 -4.39 21.61
C CYS A 126 1.41 -3.87 20.17
N ASP A 127 2.52 -3.74 19.44
CA ASP A 127 2.43 -3.36 18.02
C ASP A 127 1.66 -4.38 17.18
N PHE A 128 1.73 -5.67 17.54
CA PHE A 128 0.95 -6.72 16.85
C PHE A 128 -0.46 -6.85 17.43
N SER A 129 -1.15 -5.71 17.35
CA SER A 129 -2.52 -5.53 17.81
C SER A 129 -3.15 -4.55 16.82
N ILE A 130 -4.48 -4.55 16.75
CA ILE A 130 -5.23 -3.62 15.89
C ILE A 130 -5.63 -2.32 16.59
N ARG A 131 -5.39 -2.25 17.90
CA ARG A 131 -5.65 -1.03 18.66
C ARG A 131 -4.80 -0.98 19.92
N THR A 132 -4.73 0.20 20.51
CA THR A 132 -3.88 0.42 21.67
C THR A 132 -4.93 0.29 22.79
N TYR A 133 -4.70 -0.60 23.73
CA TYR A 133 -5.59 -0.79 24.88
C TYR A 133 -4.69 -1.34 25.98
N THR A 134 -5.06 -1.05 27.21
CA THR A 134 -4.54 -1.74 28.38
C THR A 134 -5.75 -2.37 29.05
N TYR A 135 -5.49 -3.10 30.12
CA TYR A 135 -6.58 -3.67 30.92
C TYR A 135 -7.29 -2.68 31.86
N ALA A 136 -6.73 -1.48 32.03
CA ALA A 136 -7.27 -0.47 32.95
C ALA A 136 -7.15 0.95 32.39
N ASP A 137 -7.92 1.21 31.34
CA ASP A 137 -7.85 2.50 30.63
C ASP A 137 -8.71 3.60 31.25
N THR A 138 -9.66 3.25 32.11
CA THR A 138 -10.43 4.25 32.89
C THR A 138 -9.46 5.08 33.75
N PRO A 139 -9.35 6.41 33.51
CA PRO A 139 -8.32 7.21 34.15
C PRO A 139 -8.31 7.20 35.67
N ASP A 140 -7.10 7.30 36.23
CA ASP A 140 -6.86 7.40 37.66
C ASP A 140 -7.55 6.34 38.52
N ASP A 141 -7.65 5.13 37.99
CA ASP A 141 -8.25 3.99 38.69
C ASP A 141 -7.15 3.24 39.45
N PHE A 142 -6.58 3.89 40.46
CA PHE A 142 -5.46 3.30 41.22
C PHE A 142 -5.84 1.99 41.94
N GLN A 143 -7.12 1.86 42.26
CA GLN A 143 -7.68 0.63 42.81
C GLN A 143 -7.86 -0.50 41.80
N LEU A 144 -7.86 -0.15 40.52
CA LEU A 144 -8.08 -1.11 39.43
C LEU A 144 -9.43 -1.79 39.54
N HIS A 145 -10.45 -1.02 39.92
CA HIS A 145 -11.83 -1.49 39.98
C HIS A 145 -12.38 -1.80 38.59
N ASN A 146 -11.93 -1.02 37.59
CA ASN A 146 -12.35 -1.21 36.18
C ASN A 146 -11.33 -2.02 35.34
N PHE A 147 -10.45 -2.78 35.99
CA PHE A 147 -9.56 -3.73 35.32
C PHE A 147 -10.44 -4.78 34.67
N SER A 148 -10.27 -4.98 33.37
CA SER A 148 -10.92 -6.10 32.71
C SER A 148 -10.24 -6.53 31.41
N LEU A 149 -10.45 -7.79 31.09
CA LEU A 149 -9.93 -8.41 29.88
C LEU A 149 -10.88 -8.16 28.72
N PRO A 150 -10.38 -7.50 27.66
CA PRO A 150 -11.25 -7.22 26.52
C PRO A 150 -11.40 -8.45 25.62
N GLU A 151 -12.15 -8.28 24.53
CA GLU A 151 -12.42 -9.35 23.55
C GLU A 151 -11.15 -10.04 23.03
N GLU A 152 -10.06 -9.30 22.87
CA GLU A 152 -8.79 -9.87 22.39
C GLU A 152 -8.36 -11.05 23.27
N ASP A 153 -8.53 -10.93 24.58
CA ASP A 153 -8.17 -12.01 25.49
C ASP A 153 -9.26 -13.08 25.54
N THR A 154 -10.49 -12.64 25.81
CA THR A 154 -11.58 -13.58 26.17
C THR A 154 -12.11 -14.38 24.98
N LYS A 155 -12.15 -13.75 23.80
CA LYS A 155 -12.65 -14.40 22.59
C LYS A 155 -11.56 -14.92 21.63
N LEU A 156 -10.36 -14.31 21.63
CA LEU A 156 -9.27 -14.71 20.70
C LEU A 156 -8.16 -15.51 21.38
N LYS A 157 -7.42 -14.89 22.27
CA LYS A 157 -6.21 -15.50 22.85
C LYS A 157 -6.50 -16.68 23.77
N ILE A 158 -7.38 -16.49 24.75
CA ILE A 158 -7.64 -17.51 25.79
C ILE A 158 -8.23 -18.81 25.20
N PRO A 159 -9.26 -18.72 24.34
CA PRO A 159 -9.77 -19.96 23.75
C PRO A 159 -8.73 -20.71 22.92
N LEU A 160 -7.87 -19.99 22.20
CA LEU A 160 -6.79 -20.61 21.42
C LEU A 160 -5.73 -21.26 22.30
N ILE A 161 -5.41 -20.63 23.42
CA ILE A 161 -4.46 -21.20 24.39
C ILE A 161 -5.03 -22.50 24.98
N HIS A 162 -6.32 -22.50 25.34
CA HIS A 162 -7.00 -23.74 25.81
C HIS A 162 -6.86 -24.86 24.80
N ARG A 163 -7.23 -24.56 23.56
CA ARG A 163 -7.18 -25.54 22.47
C ARG A 163 -5.76 -26.07 22.25
N ALA A 164 -4.77 -25.20 22.35
CA ALA A 164 -3.35 -25.61 22.28
C ALA A 164 -2.95 -26.59 23.40
N LEU A 165 -3.36 -26.29 24.63
CA LEU A 165 -3.04 -27.14 25.79
C LEU A 165 -3.73 -28.51 25.70
N GLN A 166 -4.95 -28.53 25.18
CA GLN A 166 -5.69 -29.77 24.92
C GLN A 166 -4.94 -30.67 23.92
N LEU A 167 -4.35 -30.07 22.90
CA LEU A 167 -3.60 -30.82 21.88
C LEU A 167 -2.21 -31.25 22.31
N ALA A 168 -1.65 -30.61 23.32
CA ALA A 168 -0.27 -30.87 23.75
C ALA A 168 -0.19 -32.09 24.66
N GLN A 169 0.83 -32.93 24.42
CA GLN A 169 1.12 -34.10 25.29
C GLN A 169 2.09 -33.72 26.42
N ARG A 170 2.99 -32.78 26.15
CA ARG A 170 3.87 -32.21 27.18
C ARG A 170 3.16 -31.07 27.94
N PRO A 171 3.49 -30.88 29.23
CA PRO A 171 2.98 -29.69 29.94
C PRO A 171 3.47 -28.41 29.27
N VAL A 172 2.57 -27.47 29.07
CA VAL A 172 2.88 -26.21 28.38
C VAL A 172 3.02 -25.14 29.44
N SER A 173 4.10 -24.37 29.36
CA SER A 173 4.36 -23.27 30.26
C SER A 173 3.98 -21.93 29.61
N LEU A 174 3.16 -21.13 30.28
CA LEU A 174 2.76 -19.79 29.80
C LEU A 174 3.67 -18.72 30.40
N LEU A 175 4.06 -17.76 29.57
CA LEU A 175 4.96 -16.67 29.94
C LEU A 175 4.29 -15.35 29.57
N ALA A 176 4.13 -14.45 30.53
CA ALA A 176 3.46 -13.17 30.31
C ALA A 176 4.42 -12.00 30.35
N SER A 177 4.19 -11.02 29.49
CA SER A 177 5.05 -9.83 29.41
C SER A 177 4.22 -8.61 29.04
N PRO A 178 4.35 -7.51 29.81
CA PRO A 178 3.64 -6.28 29.43
C PRO A 178 4.48 -5.37 28.54
N TRP A 179 3.82 -4.61 27.69
CA TRP A 179 4.49 -3.63 26.81
C TRP A 179 4.31 -2.25 27.44
N THR A 180 3.07 -1.85 27.67
CA THR A 180 2.80 -0.59 28.37
C THR A 180 1.85 -0.75 29.56
N SER A 181 1.99 0.17 30.50
CA SER A 181 1.01 0.36 31.57
C SER A 181 -0.08 1.28 31.05
N PRO A 182 -1.18 1.40 31.81
CA PRO A 182 -2.14 2.48 31.55
C PRO A 182 -1.41 3.81 31.48
N THR A 183 -1.86 4.66 30.56
CA THR A 183 -1.16 5.92 30.26
C THR A 183 -1.15 6.90 31.44
N TRP A 184 -2.20 6.83 32.26
CA TRP A 184 -2.30 7.62 33.51
C TRP A 184 -1.31 7.22 34.61
N LEU A 185 -0.61 6.10 34.43
CA LEU A 185 0.53 5.75 35.31
C LEU A 185 1.87 6.23 34.78
N LYS A 186 1.88 6.85 33.62
CA LYS A 186 3.12 7.16 32.91
C LYS A 186 3.43 8.64 32.87
N THR A 187 4.72 8.95 32.89
CA THR A 187 5.21 10.34 32.89
C THR A 187 4.77 11.10 31.64
N ASN A 188 4.71 10.40 30.50
CA ASN A 188 4.39 11.03 29.21
C ASN A 188 2.91 10.96 28.83
N GLY A 189 2.12 10.21 29.59
CA GLY A 189 0.68 10.12 29.33
C GLY A 189 0.30 9.53 27.99
N ALA A 190 1.14 8.64 27.47
CA ALA A 190 0.89 7.98 26.18
C ALA A 190 1.41 6.54 26.20
N VAL A 191 0.84 5.70 25.35
CA VAL A 191 1.22 4.27 25.26
C VAL A 191 2.63 4.06 24.71
N ASN A 192 3.06 4.98 23.86
CA ASN A 192 4.36 4.89 23.18
C ASN A 192 5.23 6.08 23.57
N GLY A 193 6.40 6.21 22.95
CA GLY A 193 7.31 7.33 23.23
C GLY A 193 8.14 7.10 24.48
N LYS A 194 9.01 8.06 24.79
CA LYS A 194 9.87 8.03 25.97
C LYS A 194 9.03 8.33 27.19
N GLY A 195 9.00 7.39 28.13
CA GLY A 195 8.17 7.52 29.30
C GLY A 195 8.28 6.33 30.22
N SER A 196 8.29 6.61 31.52
CA SER A 196 8.35 5.59 32.55
C SER A 196 7.16 5.75 33.46
N LEU A 197 7.08 4.88 34.45
CA LEU A 197 6.15 5.06 35.56
C LEU A 197 6.40 6.38 36.28
N LYS A 198 5.32 7.07 36.60
CA LYS A 198 5.38 8.30 37.42
C LYS A 198 5.94 7.99 38.78
N GLY A 199 6.64 8.97 39.35
CA GLY A 199 7.08 8.90 40.74
C GLY A 199 8.28 7.99 40.95
N GLN A 200 8.23 7.19 42.01
CA GLN A 200 9.35 6.35 42.44
C GLN A 200 8.89 5.03 43.04
N PRO A 201 9.76 4.00 43.00
CA PRO A 201 9.44 2.70 43.60
C PRO A 201 9.03 2.83 45.08
N GLY A 202 7.98 2.10 45.45
CA GLY A 202 7.34 2.21 46.76
C GLY A 202 5.99 2.92 46.69
N ASP A 203 5.88 3.93 45.83
CA ASP A 203 4.68 4.81 45.78
C ASP A 203 3.44 4.14 45.16
N ILE A 204 2.36 4.89 45.09
CA ILE A 204 1.07 4.40 44.60
C ILE A 204 1.10 3.97 43.11
N TYR A 205 1.83 4.72 42.29
CA TYR A 205 1.93 4.44 40.85
C TYR A 205 2.54 3.06 40.62
N HIS A 206 3.63 2.80 41.34
CA HIS A 206 4.36 1.55 41.27
C HIS A 206 3.62 0.40 41.92
N GLN A 207 2.89 0.69 43.01
CA GLN A 207 2.09 -0.33 43.67
C GLN A 207 0.89 -0.74 42.82
N THR A 208 0.28 0.24 42.17
CA THR A 208 -0.83 -0.02 41.23
C THR A 208 -0.34 -0.90 40.07
N TRP A 209 0.82 -0.55 39.51
CA TRP A 209 1.39 -1.29 38.38
C TRP A 209 1.71 -2.73 38.80
N ALA A 210 2.32 -2.89 39.97
CA ALA A 210 2.53 -4.22 40.54
C ALA A 210 1.23 -5.00 40.71
N ARG A 211 0.21 -4.32 41.24
CA ARG A 211 -1.11 -4.94 41.44
C ARG A 211 -1.81 -5.34 40.13
N TYR A 212 -1.55 -4.58 39.06
CA TYR A 212 -2.02 -4.91 37.69
C TYR A 212 -1.52 -6.32 37.25
N PHE A 213 -0.29 -6.67 37.61
CA PHE A 213 0.24 -8.03 37.31
C PHE A 213 -0.64 -9.08 37.99
N VAL A 214 -0.96 -8.85 39.26
CA VAL A 214 -1.80 -9.79 40.04
C VAL A 214 -3.21 -9.85 39.47
N LYS A 215 -3.77 -8.68 39.17
CA LYS A 215 -5.08 -8.60 38.48
C LYS A 215 -5.12 -9.39 37.17
N PHE A 216 -4.05 -9.27 36.38
CA PHE A 216 -3.89 -10.06 35.13
C PHE A 216 -3.90 -11.56 35.41
N LEU A 217 -3.09 -11.98 36.37
CA LEU A 217 -3.00 -13.41 36.74
C LEU A 217 -4.31 -13.95 37.30
N ASP A 218 -4.99 -13.14 38.11
CA ASP A 218 -6.34 -13.47 38.63
C ASP A 218 -7.31 -13.71 37.49
N ALA A 219 -7.40 -12.75 36.58
CA ALA A 219 -8.34 -12.82 35.46
C ALA A 219 -8.09 -14.05 34.59
N TYR A 220 -6.82 -14.30 34.27
CA TYR A 220 -6.47 -15.52 33.52
C TYR A 220 -6.76 -16.80 34.32
N ALA A 221 -6.56 -16.76 35.64
CA ALA A 221 -6.91 -17.89 36.53
C ALA A 221 -8.41 -18.18 36.56
N GLU A 222 -9.24 -17.15 36.52
CA GLU A 222 -10.70 -17.31 36.38
C GLU A 222 -11.09 -18.02 35.10
N HIS A 223 -10.25 -17.88 34.07
CA HIS A 223 -10.37 -18.62 32.80
C HIS A 223 -9.59 -19.95 32.75
N LYS A 224 -9.20 -20.46 33.91
CA LYS A 224 -8.51 -21.75 34.07
C LYS A 224 -7.16 -21.81 33.38
N LEU A 225 -6.41 -20.71 33.49
CA LEU A 225 -5.05 -20.65 32.96
C LEU A 225 -4.12 -20.12 34.04
N GLN A 226 -3.03 -20.86 34.22
CA GLN A 226 -1.97 -20.52 35.18
C GLN A 226 -0.70 -20.21 34.42
N PHE A 227 0.09 -19.29 34.94
CA PHE A 227 1.37 -18.93 34.34
C PHE A 227 2.56 -19.56 35.05
N TRP A 228 3.51 -20.01 34.25
CA TRP A 228 4.82 -20.43 34.73
C TRP A 228 5.62 -19.21 35.17
N ALA A 229 5.60 -18.18 34.34
CA ALA A 229 6.45 -17.01 34.56
C ALA A 229 5.85 -15.72 34.01
N VAL A 230 6.40 -14.62 34.51
CA VAL A 230 6.16 -13.29 33.95
C VAL A 230 7.50 -12.59 33.80
N THR A 231 7.56 -11.61 32.90
CA THR A 231 8.72 -10.75 32.79
C THR A 231 8.36 -9.40 33.41
N ALA A 232 9.37 -8.70 33.92
CA ALA A 232 9.19 -7.42 34.60
C ALA A 232 8.75 -6.28 33.66
N GLU A 233 9.04 -6.43 32.37
CA GLU A 233 8.63 -5.49 31.31
C GLU A 233 9.19 -6.02 29.98
N ASN A 234 8.41 -5.95 28.91
CA ASN A 234 8.97 -6.19 27.57
C ASN A 234 9.89 -5.04 27.19
N GLU A 235 11.15 -5.37 26.87
CA GLU A 235 12.13 -4.40 26.35
C GLU A 235 12.12 -3.02 27.04
N PRO A 236 12.45 -2.98 28.35
CA PRO A 236 12.44 -1.74 29.15
C PRO A 236 13.33 -0.64 28.60
N SER A 237 14.39 -0.99 27.87
CA SER A 237 15.21 0.02 27.19
C SER A 237 14.43 0.83 26.14
N ALA A 238 13.42 0.23 25.52
CA ALA A 238 12.66 0.89 24.46
C ALA A 238 11.98 2.18 24.94
N GLY A 239 11.42 2.12 26.14
CA GLY A 239 10.77 3.26 26.76
C GLY A 239 11.70 4.39 27.22
N LEU A 240 13.01 4.18 27.12
CA LEU A 240 14.01 5.22 27.31
C LEU A 240 14.34 6.00 26.05
N LEU A 241 13.77 5.59 24.92
CA LEU A 241 14.07 6.20 23.62
C LEU A 241 13.00 7.18 23.17
N SER A 242 13.42 8.41 22.89
CA SER A 242 12.53 9.44 22.35
C SER A 242 11.93 9.00 21.01
N GLY A 243 10.62 9.13 20.91
CA GLY A 243 9.89 8.79 19.70
C GLY A 243 9.71 7.30 19.43
N TYR A 244 9.95 6.45 20.43
CA TYR A 244 9.73 5.01 20.25
C TYR A 244 8.30 4.79 19.79
N PRO A 245 8.12 4.16 18.62
CA PRO A 245 6.83 4.26 17.91
C PRO A 245 5.68 3.45 18.45
N PHE A 246 5.95 2.41 19.24
CA PHE A 246 4.86 1.57 19.78
C PHE A 246 4.94 1.33 21.29
N GLN A 247 3.98 0.55 21.81
CA GLN A 247 3.76 0.40 23.25
C GLN A 247 5.05 0.05 23.94
N CYS A 248 5.38 0.83 24.96
CA CYS A 248 6.58 0.63 25.74
C CYS A 248 6.43 1.27 27.13
N LEU A 249 7.38 0.93 27.98
CA LEU A 249 7.45 1.46 29.33
C LEU A 249 8.91 1.40 29.75
N GLY A 250 9.53 2.56 29.91
CA GLY A 250 10.95 2.67 30.15
C GLY A 250 11.38 2.39 31.58
N PHE A 251 12.43 1.57 31.71
CA PHE A 251 13.10 1.34 32.98
C PHE A 251 14.60 1.33 32.72
N THR A 252 15.34 2.07 33.53
CA THR A 252 16.77 1.86 33.69
C THR A 252 16.95 0.58 34.50
N PRO A 253 18.17 0.02 34.52
CA PRO A 253 18.37 -1.19 35.36
C PRO A 253 18.13 -0.93 36.87
N GLU A 254 18.48 0.26 37.32
CA GLU A 254 18.28 0.69 38.73
C GLU A 254 16.78 0.79 39.06
N HIS A 255 16.04 1.43 38.15
CA HIS A 255 14.59 1.53 38.26
C HIS A 255 13.95 0.15 38.30
N GLN A 256 14.39 -0.76 37.42
CA GLN A 256 13.86 -2.14 37.42
C GLN A 256 14.23 -2.87 38.73
N ARG A 257 15.48 -2.73 39.16
CA ARG A 257 15.93 -3.29 40.45
C ARG A 257 14.98 -2.89 41.58
N ASP A 258 14.78 -1.57 41.69
CA ASP A 258 14.00 -1.01 42.80
C ASP A 258 12.52 -1.30 42.69
N PHE A 259 12.03 -1.38 41.46
CA PHE A 259 10.62 -1.75 41.22
C PHE A 259 10.36 -3.20 41.62
N ILE A 260 11.30 -4.08 41.28
CA ILE A 260 11.21 -5.49 41.67
C ILE A 260 11.26 -5.62 43.21
N ALA A 261 12.26 -5.00 43.82
CA ALA A 261 12.52 -5.08 45.28
C ALA A 261 11.37 -4.51 46.12
N ARG A 262 10.94 -3.30 45.75
CA ARG A 262 9.92 -2.55 46.52
C ARG A 262 8.47 -2.90 46.20
N ASP A 263 8.18 -3.26 44.95
CA ASP A 263 6.78 -3.40 44.49
C ASP A 263 6.40 -4.76 43.90
N LEU A 264 7.03 -5.12 42.77
CA LEU A 264 6.59 -6.28 42.01
C LEU A 264 6.83 -7.61 42.72
N GLY A 265 8.04 -7.78 43.26
CA GLY A 265 8.40 -8.95 44.03
C GLY A 265 7.47 -9.23 45.22
N PRO A 266 7.37 -8.26 46.16
CA PRO A 266 6.51 -8.41 47.34
C PRO A 266 5.04 -8.65 47.01
N THR A 267 4.52 -7.90 46.03
CA THR A 267 3.10 -8.02 45.61
C THR A 267 2.79 -9.40 45.04
N LEU A 268 3.71 -9.94 44.23
CA LEU A 268 3.56 -11.30 43.69
C LEU A 268 3.66 -12.35 44.81
N ALA A 269 4.69 -12.20 45.65
CA ALA A 269 4.94 -13.14 46.77
C ALA A 269 3.79 -13.17 47.80
N ASN A 270 3.14 -12.03 48.01
CA ASN A 270 2.00 -11.93 48.92
C ASN A 270 0.65 -12.25 48.29
N SER A 271 0.64 -12.83 47.09
CA SER A 271 -0.59 -13.17 46.38
C SER A 271 -0.73 -14.67 46.25
N THR A 272 -1.90 -15.09 45.75
CA THR A 272 -2.15 -16.50 45.45
C THR A 272 -1.28 -17.03 44.30
N HIS A 273 -0.64 -16.14 43.54
CA HIS A 273 0.26 -16.49 42.42
C HIS A 273 1.75 -16.40 42.78
N HIS A 274 2.08 -16.70 44.03
CA HIS A 274 3.46 -16.61 44.52
C HIS A 274 4.43 -17.62 43.88
N ASN A 275 3.89 -18.72 43.36
CA ASN A 275 4.72 -19.71 42.63
C ASN A 275 5.15 -19.30 41.21
N VAL A 276 4.53 -18.25 40.67
CA VAL A 276 4.87 -17.74 39.35
C VAL A 276 6.28 -17.18 39.38
N ARG A 277 7.11 -17.58 38.41
CA ARG A 277 8.50 -17.09 38.33
C ARG A 277 8.54 -15.69 37.78
N LEU A 278 9.54 -14.93 38.18
CA LEU A 278 9.75 -13.59 37.69
C LEU A 278 11.05 -13.57 36.92
N LEU A 279 10.96 -13.19 35.64
CA LEU A 279 12.15 -13.00 34.81
C LEU A 279 12.43 -11.51 34.63
N MET A 280 13.71 -11.15 34.66
CA MET A 280 14.15 -9.79 34.46
C MET A 280 14.70 -9.57 33.06
N LEU A 281 14.96 -8.31 32.74
CA LEU A 281 15.53 -7.83 31.48
C LEU A 281 14.50 -7.91 30.34
N ASP A 282 14.29 -9.09 29.76
CA ASP A 282 13.40 -9.28 28.59
C ASP A 282 13.78 -8.29 27.46
N ASP A 283 15.07 -8.26 27.15
CA ASP A 283 15.66 -7.20 26.33
C ASP A 283 16.97 -7.73 25.72
N GLN A 284 17.69 -6.88 25.02
CA GLN A 284 18.83 -7.29 24.19
C GLN A 284 19.98 -7.74 25.08
N ARG A 285 20.69 -8.77 24.63
CA ARG A 285 21.76 -9.37 25.45
C ARG A 285 22.99 -8.47 25.53
N LEU A 286 23.06 -7.47 24.63
CA LEU A 286 24.01 -6.36 24.73
C LEU A 286 24.01 -5.65 26.09
N LEU A 287 22.85 -5.66 26.77
CA LEU A 287 22.70 -5.07 28.09
C LEU A 287 23.27 -5.91 29.23
N LEU A 288 23.74 -7.11 28.92
CA LEU A 288 24.40 -8.00 29.88
C LEU A 288 25.93 -7.93 29.72
N PRO A 289 26.69 -8.14 30.82
CA PRO A 289 26.22 -8.49 32.19
C PRO A 289 25.76 -7.31 33.06
N HIS A 290 25.93 -6.08 32.59
CA HIS A 290 25.66 -4.89 33.40
C HIS A 290 24.31 -4.92 34.09
N TRP A 291 23.26 -5.17 33.32
CA TRP A 291 21.89 -5.22 33.86
C TRP A 291 21.72 -6.27 34.95
N ALA A 292 22.32 -7.45 34.73
CA ALA A 292 22.31 -8.51 35.74
C ALA A 292 23.07 -8.12 37.02
N LYS A 293 24.21 -7.43 36.85
CA LYS A 293 25.00 -6.94 38.00
C LYS A 293 24.17 -5.97 38.84
N VAL A 294 23.60 -4.97 38.17
CA VAL A 294 22.80 -3.93 38.84
C VAL A 294 21.64 -4.54 39.66
N VAL A 295 20.89 -5.45 39.05
CA VAL A 295 19.73 -6.06 39.72
C VAL A 295 20.12 -7.09 40.79
N LEU A 296 20.96 -8.05 40.41
CA LEU A 296 21.19 -9.24 41.24
C LEU A 296 22.20 -9.05 42.39
N THR A 297 22.96 -7.96 42.40
CA THR A 297 23.80 -7.61 43.56
C THR A 297 23.01 -6.94 44.71
N ASP A 298 21.75 -6.57 44.46
CA ASP A 298 20.83 -6.14 45.49
C ASP A 298 20.06 -7.37 45.95
N PRO A 299 20.36 -7.91 47.16
CA PRO A 299 19.63 -9.10 47.61
C PRO A 299 18.12 -8.93 47.80
N GLU A 300 17.67 -7.69 48.04
CA GLU A 300 16.24 -7.38 48.14
C GLU A 300 15.50 -7.61 46.79
N ALA A 301 16.19 -7.33 45.68
CA ALA A 301 15.69 -7.65 44.33
C ALA A 301 15.97 -9.10 43.95
N ALA A 302 17.24 -9.50 44.08
CA ALA A 302 17.71 -10.84 43.67
C ALA A 302 16.87 -12.02 44.18
N LYS A 303 16.35 -11.89 45.40
CA LYS A 303 15.51 -12.94 46.00
C LYS A 303 14.17 -13.19 45.29
N TYR A 304 13.75 -12.25 44.45
CA TYR A 304 12.52 -12.40 43.66
C TYR A 304 12.74 -12.85 42.20
N VAL A 305 13.99 -12.83 41.73
CA VAL A 305 14.32 -13.01 40.31
C VAL A 305 14.78 -14.45 40.06
N HIS A 306 13.94 -15.20 39.36
CA HIS A 306 14.25 -16.57 38.96
C HIS A 306 15.22 -16.64 37.78
N GLY A 307 15.11 -15.70 36.85
CA GLY A 307 15.91 -15.75 35.62
C GLY A 307 16.01 -14.46 34.84
N ILE A 308 16.73 -14.54 33.73
CA ILE A 308 17.01 -13.41 32.85
C ILE A 308 16.56 -13.74 31.44
N ALA A 309 15.62 -12.95 30.93
CA ALA A 309 15.05 -13.13 29.59
C ALA A 309 15.77 -12.27 28.58
N VAL A 310 16.19 -12.86 27.45
CA VAL A 310 16.92 -12.11 26.39
C VAL A 310 16.23 -12.15 25.03
N HIS A 311 16.37 -11.05 24.30
CA HIS A 311 15.86 -10.92 22.94
C HIS A 311 17.05 -10.87 22.01
N TRP A 312 16.85 -11.26 20.76
CA TRP A 312 17.97 -11.48 19.83
C TRP A 312 18.35 -10.31 18.94
N TYR A 313 17.63 -9.19 19.03
CA TYR A 313 17.67 -8.17 17.96
C TYR A 313 19.01 -7.45 17.76
N LEU A 314 19.80 -7.33 18.83
CA LEU A 314 21.16 -6.77 18.73
C LEU A 314 22.29 -7.78 18.97
N ASP A 315 22.02 -9.06 18.68
CA ASP A 315 23.04 -10.12 18.83
C ASP A 315 24.34 -9.88 18.07
N PHE A 316 24.21 -9.26 16.89
CA PHE A 316 25.38 -8.86 16.06
C PHE A 316 26.39 -7.91 16.72
N LEU A 317 25.95 -7.16 17.74
CA LEU A 317 26.83 -6.28 18.53
C LEU A 317 27.34 -6.90 19.84
N ALA A 318 26.86 -8.10 20.15
CA ALA A 318 26.99 -8.66 21.51
C ALA A 318 27.42 -10.13 21.46
N PRO A 319 28.74 -10.38 21.41
CA PRO A 319 29.24 -11.76 21.39
C PRO A 319 28.72 -12.56 22.58
N ALA A 320 28.36 -13.81 22.33
CA ALA A 320 27.68 -14.62 23.35
C ALA A 320 28.54 -14.80 24.59
N LYS A 321 29.83 -15.09 24.37
CA LYS A 321 30.78 -15.33 25.47
C LYS A 321 30.82 -14.17 26.47
N ALA A 322 30.96 -12.96 25.94
CA ALA A 322 31.06 -11.75 26.77
C ALA A 322 29.75 -11.28 27.43
N THR A 323 28.61 -11.82 26.99
CA THR A 323 27.30 -11.42 27.51
C THR A 323 26.63 -12.56 28.25
N LEU A 324 26.25 -13.59 27.51
CA LEU A 324 25.60 -14.77 28.10
C LEU A 324 26.59 -15.54 28.99
N GLY A 325 27.80 -15.74 28.48
CA GLY A 325 28.83 -16.51 29.17
C GLY A 325 29.24 -15.85 30.48
N GLU A 326 29.56 -14.57 30.39
CA GLU A 326 29.96 -13.77 31.56
C GLU A 326 28.84 -13.64 32.60
N THR A 327 27.60 -13.47 32.16
CA THR A 327 26.46 -13.42 33.08
C THR A 327 26.29 -14.74 33.83
N HIS A 328 26.45 -15.85 33.11
CA HIS A 328 26.39 -17.17 33.74
C HIS A 328 27.53 -17.38 34.76
N ARG A 329 28.75 -16.99 34.38
CA ARG A 329 29.89 -17.11 35.29
C ARG A 329 29.67 -16.35 36.60
N LEU A 330 29.19 -15.12 36.50
CA LEU A 330 28.86 -14.29 37.68
C LEU A 330 27.66 -14.79 38.47
N PHE A 331 26.61 -15.22 37.76
CA PHE A 331 25.35 -15.63 38.40
C PHE A 331 24.86 -17.00 37.91
N PRO A 332 25.59 -18.08 38.24
CA PRO A 332 25.33 -19.41 37.66
C PRO A 332 24.00 -20.04 38.04
N ASN A 333 23.39 -19.58 39.14
CA ASN A 333 22.10 -20.10 39.58
C ASN A 333 20.88 -19.31 39.06
N THR A 334 21.13 -18.29 38.24
CA THR A 334 20.08 -17.51 37.61
C THR A 334 20.03 -17.89 36.12
N MET A 335 18.95 -18.58 35.75
CA MET A 335 18.80 -19.09 34.39
C MET A 335 18.72 -17.98 33.33
N LEU A 336 19.30 -18.27 32.17
CA LEU A 336 19.24 -17.44 30.97
C LEU A 336 18.23 -18.08 30.00
N PHE A 337 17.32 -17.26 29.47
CA PHE A 337 16.18 -17.72 28.66
C PHE A 337 15.94 -16.77 27.50
N ALA A 338 15.85 -17.30 26.28
CA ALA A 338 15.59 -16.46 25.10
C ALA A 338 14.07 -16.36 24.92
N SER A 339 13.54 -15.15 25.12
CA SER A 339 12.07 -14.93 25.18
C SER A 339 11.45 -14.32 23.92
N GLU A 340 12.26 -13.83 22.99
CA GLU A 340 11.70 -13.28 21.73
C GLU A 340 12.71 -13.18 20.59
N ALA A 341 12.25 -13.55 19.42
CA ALA A 341 13.03 -13.43 18.19
C ALA A 341 12.09 -13.38 16.99
N CYS A 342 12.41 -12.53 16.04
CA CYS A 342 11.80 -12.57 14.70
C CYS A 342 12.75 -11.95 13.70
N VAL A 343 12.60 -12.37 12.45
CA VAL A 343 13.29 -11.78 11.32
C VAL A 343 12.31 -10.90 10.57
N GLY A 344 12.86 -9.97 9.79
CA GLY A 344 12.08 -9.11 8.91
C GLY A 344 11.89 -7.68 9.40
N SER A 345 12.40 -7.35 10.59
CA SER A 345 12.19 -6.02 11.20
C SER A 345 13.25 -4.96 10.84
N LYS A 346 14.33 -5.37 10.19
CA LYS A 346 15.35 -4.39 9.78
C LYS A 346 14.71 -3.48 8.73
N PHE A 347 14.90 -2.16 8.89
N PHE A 347 14.90 -2.17 8.89
CA PHE A 347 14.16 -1.15 8.10
CA PHE A 347 14.16 -1.16 8.11
C PHE A 347 14.32 -1.28 6.59
C PHE A 347 14.32 -1.28 6.59
N TRP A 348 15.45 -1.83 6.15
CA TRP A 348 15.75 -1.97 4.72
C TRP A 348 15.34 -3.28 4.10
N GLU A 349 14.88 -4.24 4.90
CA GLU A 349 14.67 -5.60 4.41
C GLU A 349 13.17 -5.89 4.26
N GLN A 350 12.85 -6.88 3.44
CA GLN A 350 11.46 -7.30 3.25
C GLN A 350 10.94 -8.01 4.49
N SER A 351 9.72 -7.69 4.88
CA SER A 351 9.10 -8.26 6.07
C SER A 351 8.91 -9.78 5.99
N VAL A 352 8.28 -10.24 4.92
CA VAL A 352 7.95 -11.65 4.70
C VAL A 352 8.64 -12.13 3.42
N ARG A 353 9.42 -13.20 3.53
CA ARG A 353 10.07 -13.85 2.38
C ARG A 353 9.67 -15.31 2.37
N LEU A 354 8.55 -15.61 1.71
CA LEU A 354 7.95 -16.94 1.77
C LEU A 354 8.88 -17.99 1.22
N GLY A 355 9.30 -18.94 2.08
CA GLY A 355 10.16 -20.04 1.69
C GLY A 355 11.64 -19.75 1.89
N SER A 356 11.96 -18.70 2.65
CA SER A 356 13.37 -18.31 2.88
C SER A 356 14.12 -19.34 3.73
N TRP A 357 15.08 -20.01 3.11
CA TRP A 357 15.96 -20.92 3.83
C TRP A 357 16.91 -20.14 4.73
N ASP A 358 17.34 -18.97 4.28
CA ASP A 358 18.22 -18.13 5.09
C ASP A 358 17.62 -17.83 6.45
N ARG A 359 16.33 -17.50 6.46
CA ARG A 359 15.64 -17.16 7.73
C ARG A 359 15.50 -18.35 8.65
N GLY A 360 15.33 -19.54 8.06
CA GLY A 360 15.38 -20.79 8.80
C GLY A 360 16.73 -20.97 9.48
N MET A 361 17.79 -20.79 8.72
CA MET A 361 19.15 -20.91 9.24
C MET A 361 19.47 -19.90 10.35
N GLN A 362 18.91 -18.71 10.25
CA GLN A 362 19.07 -17.72 11.31
C GLN A 362 18.49 -18.20 12.64
N TYR A 363 17.33 -18.85 12.56
CA TYR A 363 16.70 -19.41 13.75
C TYR A 363 17.54 -20.53 14.37
N SER A 364 17.93 -21.50 13.55
CA SER A 364 18.68 -22.66 14.06
C SER A 364 20.08 -22.29 14.51
N HIS A 365 20.74 -21.39 13.78
CA HIS A 365 22.06 -20.86 14.22
C HIS A 365 21.97 -20.13 15.60
N SER A 366 20.94 -19.29 15.75
CA SER A 366 20.71 -18.60 17.03
C SER A 366 20.43 -19.58 18.18
N ILE A 367 19.59 -20.58 17.95
CA ILE A 367 19.23 -21.55 18.99
C ILE A 367 20.46 -22.32 19.45
N ILE A 368 21.27 -22.76 18.50
CA ILE A 368 22.52 -23.48 18.79
C ILE A 368 23.46 -22.63 19.64
N THR A 369 23.75 -21.41 19.18
CA THR A 369 24.62 -20.48 19.91
C THR A 369 24.11 -20.26 21.34
N ASN A 370 22.81 -20.02 21.48
CA ASN A 370 22.19 -19.82 22.79
C ASN A 370 22.40 -21.05 23.68
N LEU A 371 22.16 -22.24 23.12
CA LEU A 371 22.29 -23.50 23.86
C LEU A 371 23.75 -23.77 24.26
N LEU A 372 24.68 -23.36 23.40
CA LEU A 372 26.11 -23.44 23.71
C LEU A 372 26.62 -22.42 24.76
N TYR A 373 25.77 -21.46 25.15
CA TYR A 373 26.11 -20.47 26.18
C TYR A 373 25.04 -20.38 27.25
N HIS A 374 24.65 -21.54 27.75
CA HIS A 374 23.88 -21.72 29.00
C HIS A 374 22.39 -21.42 28.95
N VAL A 375 21.87 -21.08 27.77
CA VAL A 375 20.46 -20.69 27.64
C VAL A 375 19.54 -21.91 27.70
N VAL A 376 18.46 -21.78 28.46
CA VAL A 376 17.58 -22.91 28.81
C VAL A 376 16.33 -23.04 27.92
N GLY A 377 16.09 -22.03 27.09
CA GLY A 377 14.93 -22.06 26.19
C GLY A 377 14.98 -20.97 25.14
N TRP A 378 14.12 -21.10 24.15
CA TRP A 378 14.12 -20.18 23.01
C TRP A 378 12.71 -20.04 22.53
N THR A 379 12.27 -18.79 22.42
CA THR A 379 10.86 -18.47 22.15
C THR A 379 10.77 -17.57 20.93
N ASP A 380 10.04 -18.05 19.93
CA ASP A 380 9.69 -17.27 18.76
C ASP A 380 8.71 -16.15 19.13
N TRP A 381 8.57 -15.17 18.24
CA TRP A 381 7.59 -14.12 18.37
C TRP A 381 6.25 -14.64 17.79
N ASN A 382 5.55 -13.86 16.98
CA ASN A 382 4.19 -14.22 16.53
C ASN A 382 4.11 -15.64 16.01
N LEU A 383 3.15 -16.40 16.51
CA LEU A 383 2.92 -17.78 16.05
C LEU A 383 2.47 -17.85 14.59
N ALA A 384 1.76 -16.83 14.13
CA ALA A 384 1.29 -16.74 12.75
C ALA A 384 1.09 -15.28 12.35
N LEU A 385 1.31 -14.99 11.08
CA LEU A 385 1.06 -13.68 10.50
C LEU A 385 0.43 -13.82 9.12
N ASN A 386 -0.07 -12.70 8.59
CA ASN A 386 -0.62 -12.67 7.23
C ASN A 386 0.52 -12.46 6.23
N PRO A 387 0.23 -12.51 4.91
CA PRO A 387 1.34 -12.39 3.95
C PRO A 387 2.08 -11.06 3.95
N GLU A 388 1.46 -10.01 4.47
CA GLU A 388 2.11 -8.71 4.66
C GLU A 388 3.00 -8.69 5.91
N GLY A 389 2.85 -9.67 6.79
CA GLY A 389 3.60 -9.71 8.06
C GLY A 389 2.89 -8.99 9.19
N GLY A 390 1.56 -8.98 9.14
CA GLY A 390 0.71 -8.30 10.10
C GLY A 390 -0.48 -9.14 10.54
N PRO A 391 -1.52 -8.51 11.11
CA PRO A 391 -1.70 -7.05 11.27
C PRO A 391 -0.78 -6.44 12.34
N ASN A 392 -0.54 -5.14 12.19
CA ASN A 392 0.34 -4.38 13.07
C ASN A 392 -0.01 -2.90 12.94
N TRP A 393 -0.46 -2.28 14.03
CA TRP A 393 -1.03 -0.92 13.96
C TRP A 393 -0.01 0.20 13.67
N VAL A 394 1.29 -0.07 13.83
CA VAL A 394 2.36 0.87 13.43
C VAL A 394 3.12 0.44 12.18
N ARG A 395 2.65 -0.61 11.50
CA ARG A 395 3.28 -1.14 10.29
C ARG A 395 4.68 -1.72 10.51
N ASN A 396 4.96 -2.21 11.73
CA ASN A 396 6.20 -2.93 12.02
C ASN A 396 6.03 -4.39 11.60
N PHE A 397 5.86 -4.60 10.30
CA PHE A 397 5.57 -5.91 9.76
C PHE A 397 6.84 -6.76 9.77
N VAL A 398 6.68 -8.02 10.15
CA VAL A 398 7.80 -8.95 10.26
C VAL A 398 7.38 -10.32 9.72
N ASP A 399 8.32 -11.26 9.71
CA ASP A 399 8.04 -12.63 9.27
C ASP A 399 7.62 -13.51 10.47
N SER A 400 7.08 -14.67 10.13
CA SER A 400 6.64 -15.67 11.12
C SER A 400 6.80 -17.05 10.51
N PRO A 401 7.05 -18.09 11.33
CA PRO A 401 7.10 -19.46 10.79
C PRO A 401 5.86 -19.97 10.07
N ILE A 402 4.71 -19.42 10.41
CA ILE A 402 3.46 -19.76 9.70
C ILE A 402 2.81 -18.49 9.16
N ILE A 403 2.51 -18.51 7.85
CA ILE A 403 1.85 -17.41 7.17
C ILE A 403 0.46 -17.89 6.76
N VAL A 404 -0.57 -17.17 7.17
CA VAL A 404 -1.97 -17.54 6.92
C VAL A 404 -2.50 -16.68 5.76
N ASP A 405 -3.11 -17.34 4.77
CA ASP A 405 -3.83 -16.63 3.69
C ASP A 405 -5.33 -16.81 3.89
N ILE A 406 -5.94 -15.81 4.53
CA ILE A 406 -7.39 -15.80 4.83
C ILE A 406 -8.30 -16.09 3.61
N THR A 407 -7.97 -15.51 2.46
CA THR A 407 -8.83 -15.62 1.26
C THR A 407 -8.87 -17.03 0.65
N LYS A 408 -7.88 -17.88 0.98
CA LYS A 408 -7.79 -19.25 0.46
C LYS A 408 -7.91 -20.36 1.52
N ASP A 409 -8.25 -19.98 2.76
CA ASP A 409 -8.34 -20.92 3.90
C ASP A 409 -7.13 -21.84 3.97
N THR A 410 -5.96 -21.21 3.82
CA THR A 410 -4.69 -21.89 3.60
C THR A 410 -3.64 -21.26 4.51
N PHE A 411 -2.73 -22.09 5.01
CA PHE A 411 -1.53 -21.59 5.66
C PHE A 411 -0.26 -22.27 5.16
N TYR A 412 0.85 -21.54 5.29
CA TYR A 412 2.14 -21.90 4.75
C TYR A 412 3.13 -22.05 5.90
N LYS A 413 3.76 -23.21 5.99
CA LYS A 413 4.78 -23.46 7.01
C LYS A 413 6.15 -23.22 6.39
N GLN A 414 6.85 -22.24 6.93
CA GLN A 414 8.12 -21.77 6.38
C GLN A 414 9.29 -22.60 6.89
N PRO A 415 10.47 -22.47 6.26
CA PRO A 415 11.65 -23.13 6.79
C PRO A 415 11.92 -22.84 8.27
N MET A 416 11.64 -21.61 8.71
CA MET A 416 11.73 -21.29 10.14
C MET A 416 10.98 -22.28 11.03
N PHE A 417 9.80 -22.69 10.60
CA PHE A 417 8.99 -23.66 11.37
C PHE A 417 9.78 -24.93 11.61
N TYR A 418 10.38 -25.43 10.55
CA TYR A 418 11.10 -26.71 10.59
C TYR A 418 12.45 -26.58 11.30
N HIS A 419 13.15 -25.48 11.08
CA HIS A 419 14.40 -25.25 11.78
C HIS A 419 14.20 -25.15 13.29
N LEU A 420 13.11 -24.53 13.70
CA LEU A 420 12.75 -24.47 15.12
C LEU A 420 12.33 -25.87 15.61
N GLY A 421 11.55 -26.57 14.78
CA GLY A 421 11.06 -27.91 15.04
C GLY A 421 12.15 -28.95 15.28
N HIS A 422 13.28 -28.79 14.61
CA HIS A 422 14.44 -29.67 14.81
C HIS A 422 14.96 -29.68 16.26
N PHE A 423 14.63 -28.64 17.03
CA PHE A 423 14.95 -28.53 18.47
C PHE A 423 13.73 -28.82 19.31
N SER A 424 12.65 -28.08 19.08
CA SER A 424 11.45 -28.18 19.92
C SER A 424 10.86 -29.58 20.00
N LYS A 425 10.85 -30.28 18.88
CA LYS A 425 10.25 -31.61 18.83
C LYS A 425 11.07 -32.64 19.62
N PHE A 426 12.38 -32.42 19.71
CA PHE A 426 13.32 -33.46 20.12
C PHE A 426 14.13 -33.13 21.38
N ILE A 427 13.81 -32.02 22.02
CA ILE A 427 14.52 -31.58 23.20
C ILE A 427 13.46 -31.27 24.26
N PRO A 428 12.96 -32.31 24.95
CA PRO A 428 11.89 -32.05 25.93
C PRO A 428 12.42 -31.35 27.16
N GLU A 429 11.49 -30.81 27.94
CA GLU A 429 11.82 -30.14 29.19
C GLU A 429 12.61 -31.08 30.10
N GLY A 430 13.65 -30.55 30.74
CA GLY A 430 14.53 -31.33 31.60
C GLY A 430 15.70 -31.96 30.87
N SER A 431 15.76 -31.84 29.55
CA SER A 431 16.95 -32.29 28.80
C SER A 431 18.13 -31.49 29.26
N GLN A 432 19.33 -32.04 29.14
CA GLN A 432 20.53 -31.37 29.61
C GLN A 432 21.56 -31.29 28.50
N ARG A 433 22.10 -30.11 28.27
CA ARG A 433 23.18 -30.00 27.29
C ARG A 433 24.42 -30.70 27.82
N VAL A 434 25.08 -31.43 26.92
CA VAL A 434 26.32 -32.14 27.23
C VAL A 434 27.39 -31.77 26.22
N GLY A 435 28.62 -32.15 26.53
CA GLY A 435 29.76 -31.82 25.67
C GLY A 435 29.71 -32.50 24.31
N LEU A 436 30.26 -31.83 23.32
CA LEU A 436 30.43 -32.38 21.96
C LEU A 436 31.62 -31.69 21.33
N VAL A 437 32.64 -32.47 20.97
CA VAL A 437 33.92 -31.95 20.48
C VAL A 437 34.20 -32.42 19.06
N ALA A 438 34.80 -31.55 18.27
CA ALA A 438 35.16 -31.84 16.89
C ALA A 438 36.64 -32.26 16.80
N SER A 439 36.90 -33.29 15.99
CA SER A 439 38.29 -33.75 15.74
C SER A 439 39.12 -32.77 14.92
N GLN A 440 38.45 -31.93 14.13
CA GLN A 440 39.13 -30.90 13.33
C GLN A 440 38.22 -29.71 13.10
N LYS A 441 38.81 -28.63 12.59
CA LYS A 441 38.09 -27.42 12.25
C LYS A 441 37.07 -27.72 11.15
N ASN A 442 35.89 -27.12 11.27
CA ASN A 442 34.78 -27.37 10.35
C ASN A 442 33.82 -26.20 10.31
N ASP A 443 32.93 -26.23 9.32
CA ASP A 443 31.93 -25.18 9.11
C ASP A 443 30.54 -25.50 9.68
N LEU A 444 30.40 -26.60 10.41
CA LEU A 444 29.11 -27.01 10.97
C LEU A 444 28.82 -26.33 12.30
N ASP A 445 27.55 -26.18 12.61
CA ASP A 445 27.10 -25.78 13.96
C ASP A 445 26.42 -26.99 14.55
N ALA A 446 26.77 -27.32 15.78
CA ALA A 446 26.24 -28.52 16.40
C ALA A 446 26.10 -28.37 17.91
N VAL A 447 25.12 -29.08 18.45
CA VAL A 447 24.90 -29.15 19.89
C VAL A 447 24.42 -30.54 20.25
N ALA A 448 24.81 -31.00 21.44
CA ALA A 448 24.39 -32.31 21.95
C ALA A 448 23.70 -32.15 23.29
N LEU A 449 22.61 -32.89 23.49
CA LEU A 449 21.93 -32.92 24.78
C LEU A 449 21.54 -34.34 25.12
N MET A 450 21.20 -34.53 26.40
CA MET A 450 20.69 -35.79 26.89
C MET A 450 19.28 -35.55 27.44
N HIS A 451 18.33 -36.38 27.00
CA HIS A 451 16.98 -36.38 27.55
C HIS A 451 17.02 -36.82 29.03
N PRO A 452 15.92 -36.55 29.78
CA PRO A 452 15.83 -37.06 31.18
C PRO A 452 16.02 -38.59 31.30
N ASP A 453 15.51 -39.36 30.34
CA ASP A 453 15.69 -40.82 30.32
C ASP A 453 17.09 -41.32 29.91
N GLY A 454 18.04 -40.41 29.65
CA GLY A 454 19.40 -40.77 29.26
C GLY A 454 19.69 -40.88 27.77
N SER A 455 18.66 -40.87 26.93
CA SER A 455 18.86 -40.92 25.48
C SER A 455 19.50 -39.65 24.95
N ALA A 456 20.18 -39.77 23.81
CA ALA A 456 20.97 -38.70 23.24
C ALA A 456 20.22 -37.98 22.12
N VAL A 457 20.48 -36.69 21.97
CA VAL A 457 19.98 -35.89 20.85
C VAL A 457 21.10 -34.98 20.39
N VAL A 458 21.35 -34.97 19.08
CA VAL A 458 22.32 -34.09 18.47
C VAL A 458 21.71 -33.38 17.27
N VAL A 459 21.86 -32.07 17.22
CA VAL A 459 21.41 -31.27 16.08
C VAL A 459 22.62 -30.78 15.33
N VAL A 460 22.61 -30.97 14.02
CA VAL A 460 23.72 -30.55 13.14
C VAL A 460 23.19 -29.66 12.04
N LEU A 461 23.69 -28.43 12.02
CA LEU A 461 23.32 -27.43 11.02
C LEU A 461 24.49 -27.19 10.08
N ASN A 462 24.25 -27.34 8.78
CA ASN A 462 25.24 -27.00 7.73
C ASN A 462 24.75 -25.77 6.92
N ARG A 463 25.36 -24.63 7.22
CA ARG A 463 25.08 -23.36 6.54
C ARG A 463 25.95 -23.15 5.29
N SER A 464 26.93 -24.03 5.08
CA SER A 464 27.73 -24.02 3.85
C SER A 464 27.02 -24.75 2.71
N SER A 465 27.55 -24.58 1.50
CA SER A 465 27.07 -25.30 0.30
C SER A 465 27.71 -26.68 0.10
N LYS A 466 28.74 -27.00 0.89
CA LYS A 466 29.49 -28.26 0.74
C LYS A 466 28.93 -29.37 1.64
N ASP A 467 28.68 -30.54 1.05
CA ASP A 467 28.38 -31.75 1.81
C ASP A 467 29.57 -32.14 2.68
N VAL A 468 29.32 -32.41 3.95
CA VAL A 468 30.36 -32.75 4.92
C VAL A 468 30.11 -34.18 5.43
N PRO A 469 30.94 -35.15 5.00
CA PRO A 469 30.85 -36.50 5.61
C PRO A 469 31.25 -36.40 7.07
N LEU A 470 30.53 -37.08 7.94
CA LEU A 470 30.88 -37.02 9.35
C LEU A 470 30.47 -38.26 10.12
N THR A 471 31.13 -38.41 11.27
CA THR A 471 30.86 -39.50 12.18
C THR A 471 30.60 -38.91 13.56
N ILE A 472 29.58 -39.44 14.22
CA ILE A 472 29.31 -39.09 15.61
C ILE A 472 29.72 -40.28 16.48
N LYS A 473 30.64 -40.04 17.39
CA LYS A 473 31.09 -41.06 18.33
C LYS A 473 30.39 -40.88 19.65
N ASP A 474 29.67 -41.91 20.06
CA ASP A 474 29.23 -42.06 21.43
C ASP A 474 30.13 -43.15 22.05
N PRO A 475 30.95 -42.81 23.08
CA PRO A 475 31.78 -43.83 23.77
C PRO A 475 31.07 -45.07 24.29
N ALA A 476 29.83 -44.90 24.74
CA ALA A 476 29.03 -46.01 25.26
C ALA A 476 28.58 -46.97 24.16
N VAL A 477 28.05 -46.43 23.05
CA VAL A 477 27.29 -47.24 22.06
C VAL A 477 28.04 -47.51 20.77
N GLY A 478 28.90 -46.59 20.36
CA GLY A 478 29.63 -46.70 19.09
C GLY A 478 29.48 -45.49 18.17
N PHE A 479 29.52 -45.76 16.87
CA PHE A 479 29.74 -44.76 15.83
C PHE A 479 28.55 -44.65 14.89
N LEU A 480 28.05 -43.41 14.70
CA LEU A 480 27.00 -43.09 13.72
C LEU A 480 27.65 -42.48 12.47
N GLU A 481 27.59 -43.22 11.36
CA GLU A 481 28.19 -42.78 10.10
C GLU A 481 27.15 -42.07 9.28
N THR A 482 27.45 -40.84 8.86
CA THR A 482 26.45 -40.02 8.18
C THR A 482 27.09 -38.95 7.30
N ILE A 483 26.25 -38.22 6.58
CA ILE A 483 26.67 -37.04 5.78
C ILE A 483 25.79 -35.87 6.19
N SER A 484 26.39 -34.69 6.30
CA SER A 484 25.63 -33.43 6.48
C SER A 484 25.63 -32.69 5.15
N PRO A 485 24.55 -32.81 4.37
CA PRO A 485 24.53 -32.08 3.09
C PRO A 485 24.61 -30.56 3.23
N GLY A 486 25.02 -29.91 2.15
CA GLY A 486 25.02 -28.45 2.09
C GLY A 486 23.61 -27.95 2.32
N TYR A 487 23.48 -26.86 3.08
CA TYR A 487 22.17 -26.24 3.34
C TYR A 487 21.19 -27.28 3.84
N SER A 488 21.57 -27.89 4.98
CA SER A 488 20.75 -28.88 5.65
C SER A 488 20.75 -28.66 7.15
N ILE A 489 19.77 -29.26 7.80
CA ILE A 489 19.77 -29.39 9.24
C ILE A 489 19.28 -30.80 9.56
N HIS A 490 19.97 -31.46 10.49
CA HIS A 490 19.67 -32.82 10.90
C HIS A 490 19.47 -32.83 12.41
N THR A 491 18.51 -33.62 12.89
CA THR A 491 18.46 -34.01 14.30
C THR A 491 18.69 -35.53 14.39
N TYR A 492 19.65 -35.92 15.23
CA TYR A 492 19.96 -37.34 15.50
C TYR A 492 19.49 -37.70 16.89
N LEU A 493 18.82 -38.85 17.01
CA LEU A 493 18.39 -39.39 18.30
C LEU A 493 18.78 -40.85 18.46
N TRP A 494 19.18 -41.23 19.66
CA TRP A 494 19.45 -42.64 19.97
C TRP A 494 19.44 -42.96 21.45
N ARG A 495 19.01 -44.18 21.78
CA ARG A 495 19.12 -44.71 23.16
C ARG A 495 20.59 -45.00 23.49
N ARG A 496 20.97 -44.75 24.74
CA ARG A 496 22.29 -45.07 25.28
C ARG A 496 22.27 -46.27 26.26
N GLN A 497 21.08 -46.64 26.73
CA GLN A 497 20.84 -47.85 27.54
C GLN A 497 19.51 -48.49 27.12
N ALA B 1 8.47 41.41 -0.64
CA ALA B 1 7.74 41.78 -1.91
C ALA B 1 6.38 41.10 -2.02
N ARG B 2 6.34 39.77 -1.87
CA ARG B 2 5.10 38.99 -2.02
C ARG B 2 4.92 37.98 -0.86
N PRO B 3 3.78 38.05 -0.15
CA PRO B 3 3.58 37.14 0.99
C PRO B 3 3.22 35.70 0.59
N CYS B 4 3.36 34.81 1.57
CA CYS B 4 2.91 33.42 1.51
C CYS B 4 1.41 33.36 1.20
N ILE B 5 1.03 32.53 0.22
CA ILE B 5 -0.39 32.13 0.04
C ILE B 5 -0.55 30.83 0.84
N PRO B 6 -1.16 30.91 2.04
CA PRO B 6 -1.23 29.71 2.88
C PRO B 6 -2.26 28.69 2.39
N LYS B 7 -1.97 27.43 2.63
CA LYS B 7 -2.90 26.34 2.35
C LYS B 7 -2.68 25.22 3.33
N SER B 8 -3.78 24.71 3.89
CA SER B 8 -3.72 23.66 4.89
C SER B 8 -4.09 22.33 4.24
N PHE B 9 -3.36 21.27 4.62
CA PHE B 9 -3.66 19.90 4.19
C PHE B 9 -3.94 18.98 5.40
N GLY B 10 -4.27 19.58 6.53
CA GLY B 10 -4.70 18.84 7.70
C GLY B 10 -3.63 18.51 8.70
N TYR B 11 -2.42 19.00 8.48
CA TYR B 11 -1.35 18.83 9.45
C TYR B 11 -1.23 20.07 10.32
N SER B 12 -0.18 20.17 11.13
CA SER B 12 -0.09 21.21 12.17
C SER B 12 0.03 22.65 11.67
N SER B 13 0.49 22.84 10.44
CA SER B 13 0.66 24.19 9.89
C SER B 13 0.39 24.19 8.39
N VAL B 14 0.65 25.33 7.77
CA VAL B 14 0.34 25.54 6.36
C VAL B 14 1.55 25.38 5.44
N VAL B 15 1.27 25.10 4.17
CA VAL B 15 2.24 25.28 3.10
C VAL B 15 1.98 26.62 2.42
N CYS B 16 2.96 27.10 1.67
CA CYS B 16 2.83 28.30 0.86
C CYS B 16 2.72 27.86 -0.59
N VAL B 17 1.67 28.32 -1.26
CA VAL B 17 1.34 27.87 -2.61
C VAL B 17 1.97 28.78 -3.65
N CYS B 18 2.64 28.16 -4.62
CA CYS B 18 3.26 28.87 -5.72
C CYS B 18 2.84 28.25 -7.03
N ASN B 19 2.89 29.06 -8.08
CA ASN B 19 2.50 28.62 -9.42
C ASN B 19 3.23 29.44 -10.48
N ALA B 20 2.74 29.44 -11.72
CA ALA B 20 3.44 30.10 -12.85
C ALA B 20 3.58 31.62 -12.73
N THR B 21 2.63 32.26 -12.04
CA THR B 21 2.58 33.72 -11.95
C THR B 21 2.76 34.29 -10.54
N TYR B 22 2.86 33.43 -9.53
CA TYR B 22 2.99 33.87 -8.15
C TYR B 22 3.84 32.90 -7.33
N CYS B 23 4.80 33.46 -6.61
CA CYS B 23 5.43 32.78 -5.50
C CYS B 23 5.86 33.79 -4.46
N ASP B 24 5.86 33.38 -3.20
CA ASP B 24 6.25 34.30 -2.12
C ASP B 24 7.75 34.57 -2.22
N SER B 25 8.14 35.80 -1.86
CA SER B 25 9.52 36.28 -2.06
C SER B 25 9.87 37.43 -1.14
N PHE B 26 11.17 37.68 -1.00
CA PHE B 26 11.70 38.80 -0.20
C PHE B 26 12.09 40.00 -1.07
N ASP B 27 12.09 41.18 -0.45
CA ASP B 27 12.72 42.36 -1.03
C ASP B 27 14.24 42.21 -0.95
N PRO B 28 14.99 43.03 -1.73
CA PRO B 28 16.45 42.99 -1.60
C PRO B 28 16.93 43.25 -0.15
N PRO B 29 18.02 42.56 0.26
CA PRO B 29 18.50 42.73 1.64
C PRO B 29 18.86 44.18 1.98
N THR B 30 18.23 44.73 3.02
CA THR B 30 18.58 46.03 3.59
C THR B 30 19.45 45.83 4.83
N PHE B 31 20.42 46.74 5.01
CA PHE B 31 21.28 46.75 6.19
C PHE B 31 20.81 47.87 7.13
N PRO B 32 20.07 47.52 8.21
CA PRO B 32 19.52 48.57 9.07
C PRO B 32 20.58 49.19 9.98
N ALA B 33 20.28 50.39 10.46
CA ALA B 33 21.25 51.25 11.15
C ALA B 33 21.73 50.66 12.47
N LEU B 34 22.95 51.02 12.84
CA LEU B 34 23.52 50.66 14.13
C LEU B 34 22.61 51.15 15.25
N GLY B 35 22.38 50.30 16.24
CA GLY B 35 21.40 50.56 17.30
C GLY B 35 20.03 49.92 17.11
N THR B 36 19.80 49.33 15.94
CA THR B 36 18.56 48.63 15.60
C THR B 36 18.86 47.19 15.22
N PHE B 37 17.90 46.30 15.47
CA PHE B 37 17.99 44.91 15.03
C PHE B 37 16.83 44.55 14.09
N SER B 38 17.10 43.60 13.21
CA SER B 38 16.09 42.95 12.39
C SER B 38 15.73 41.59 13.00
N ARG B 39 14.44 41.26 12.97
CA ARG B 39 13.92 39.94 13.35
C ARG B 39 13.10 39.37 12.19
N TYR B 40 13.46 38.15 11.76
CA TYR B 40 12.62 37.37 10.84
C TYR B 40 11.97 36.28 11.65
N GLU B 41 10.65 36.14 11.51
CA GLU B 41 9.83 35.24 12.34
C GLU B 41 9.00 34.29 11.47
N SER B 42 9.08 33.01 11.81
CA SER B 42 8.16 31.99 11.29
C SER B 42 7.51 31.28 12.47
N THR B 43 6.22 31.01 12.31
CA THR B 43 5.43 30.38 13.38
C THR B 43 4.55 29.28 12.82
N ARG B 44 4.22 28.33 13.70
CA ARG B 44 3.27 27.28 13.37
C ARG B 44 1.92 27.85 12.97
N SER B 45 1.53 28.94 13.62
CA SER B 45 0.27 29.64 13.34
C SER B 45 0.17 30.26 11.96
N GLY B 46 1.27 30.38 11.24
CA GLY B 46 1.22 30.79 9.81
C GLY B 46 2.23 31.83 9.33
N ARG B 47 2.95 32.49 10.23
CA ARG B 47 3.91 33.51 9.81
C ARG B 47 5.08 32.84 9.10
N ARG B 48 5.51 33.43 8.00
CA ARG B 48 6.58 32.89 7.18
C ARG B 48 7.67 33.95 6.93
N MET B 49 8.76 33.83 7.69
CA MET B 49 9.93 34.72 7.62
C MET B 49 9.55 36.19 7.52
N GLU B 50 8.64 36.61 8.42
CA GLU B 50 8.14 38.00 8.45
C GLU B 50 9.12 38.94 9.12
N LEU B 51 9.38 40.06 8.46
CA LEU B 51 10.36 41.05 8.91
C LEU B 51 9.75 42.06 9.87
N SER B 52 10.34 42.18 11.06
CA SER B 52 10.09 43.29 11.99
C SER B 52 11.42 43.86 12.47
N MET B 53 11.34 45.02 13.11
CA MET B 53 12.52 45.72 13.64
C MET B 53 12.28 46.26 15.03
N GLY B 54 13.36 46.48 15.76
CA GLY B 54 13.30 46.98 17.15
C GLY B 54 14.62 47.61 17.61
N PRO B 55 14.59 48.31 18.76
CA PRO B 55 15.78 49.02 19.21
C PRO B 55 16.66 48.11 20.04
N ILE B 56 17.97 48.34 19.96
CA ILE B 56 18.92 47.76 20.88
C ILE B 56 19.06 48.77 22.01
N GLN B 57 18.68 48.36 23.21
CA GLN B 57 18.62 49.25 24.39
C GLN B 57 19.93 49.29 25.16
N ALA B 58 20.21 50.44 25.77
CA ALA B 58 21.44 50.66 26.53
C ALA B 58 21.48 49.86 27.82
N ASN B 59 20.34 49.81 28.52
CA ASN B 59 20.24 49.17 29.82
C ASN B 59 19.20 48.04 29.84
N HIS B 60 19.34 47.16 30.82
CA HIS B 60 18.42 46.06 31.03
C HIS B 60 18.36 45.67 32.52
N THR B 61 17.13 45.58 33.04
CA THR B 61 16.87 45.07 34.38
C THR B 61 15.87 43.92 34.31
N GLY B 62 15.93 43.02 35.27
CA GLY B 62 15.01 41.87 35.37
C GLY B 62 15.72 40.57 35.68
N THR B 63 14.93 39.55 36.06
CA THR B 63 15.43 38.19 36.31
C THR B 63 15.14 37.21 35.14
N GLY B 64 14.70 37.74 33.99
CA GLY B 64 14.35 36.90 32.83
C GLY B 64 15.54 36.24 32.15
N LEU B 65 15.24 35.40 31.15
CA LEU B 65 16.29 34.68 30.43
C LEU B 65 17.17 35.65 29.63
N LEU B 66 18.49 35.55 29.85
CA LEU B 66 19.48 36.36 29.16
C LEU B 66 20.39 35.45 28.35
N LEU B 67 20.52 35.75 27.05
CA LEU B 67 21.49 35.09 26.20
C LEU B 67 22.58 36.12 25.90
N THR B 68 23.81 35.79 26.25
CA THR B 68 24.92 36.74 26.17
C THR B 68 25.87 36.32 25.08
N LEU B 69 26.03 37.19 24.08
CA LEU B 69 26.97 36.97 22.99
C LEU B 69 28.39 37.05 23.52
N GLN B 70 29.24 36.15 23.05
CA GLN B 70 30.65 36.09 23.40
C GLN B 70 31.47 36.17 22.12
N PRO B 71 31.64 37.37 21.55
CA PRO B 71 32.23 37.51 20.22
C PRO B 71 33.69 37.08 20.11
N GLU B 72 34.41 37.04 21.24
CA GLU B 72 35.82 36.61 21.26
C GLU B 72 36.01 35.09 21.35
N GLN B 73 34.96 34.37 21.75
CA GLN B 73 34.93 32.91 21.65
C GLN B 73 34.59 32.51 20.21
N LYS B 74 35.60 32.12 19.44
CA LYS B 74 35.48 31.89 18.00
C LYS B 74 35.57 30.40 17.74
N PHE B 75 34.71 29.89 16.86
CA PHE B 75 34.68 28.47 16.55
C PHE B 75 34.79 28.29 15.03
N GLN B 76 34.01 27.38 14.44
CA GLN B 76 34.18 27.03 13.04
C GLN B 76 33.67 28.11 12.11
N LYS B 77 34.19 28.10 10.88
CA LYS B 77 33.68 28.96 9.80
C LYS B 77 32.73 28.17 8.90
N VAL B 78 31.69 28.83 8.41
CA VAL B 78 30.61 28.18 7.67
C VAL B 78 30.95 28.09 6.18
N LYS B 79 30.79 26.89 5.62
CA LYS B 79 30.92 26.65 4.19
C LYS B 79 29.61 27.03 3.49
N GLY B 80 28.50 26.48 3.98
CA GLY B 80 27.18 26.83 3.45
C GLY B 80 26.04 25.86 3.69
N PHE B 81 24.97 26.10 2.92
CA PHE B 81 23.72 25.36 3.04
C PHE B 81 23.13 25.09 1.67
N GLY B 82 22.46 23.96 1.54
CA GLY B 82 21.78 23.65 0.28
C GLY B 82 21.03 22.34 0.25
N GLY B 83 20.88 21.79 -0.95
CA GLY B 83 20.17 20.55 -1.17
C GLY B 83 20.63 19.80 -2.40
N ALA B 84 19.95 18.71 -2.71
CA ALA B 84 20.42 17.76 -3.71
C ALA B 84 19.63 17.78 -5.02
N MET B 85 20.37 17.88 -6.12
CA MET B 85 19.81 17.78 -7.47
C MET B 85 19.84 16.32 -7.93
N THR B 86 18.90 15.54 -7.40
CA THR B 86 18.69 14.18 -7.83
C THR B 86 17.95 14.14 -9.17
N ASP B 87 17.90 12.96 -9.78
CA ASP B 87 17.03 12.72 -10.95
C ASP B 87 15.57 13.04 -10.61
N ALA B 88 15.12 12.60 -9.43
CA ALA B 88 13.75 12.84 -8.98
C ALA B 88 13.46 14.33 -8.83
N ALA B 89 14.40 15.05 -8.22
CA ALA B 89 14.25 16.50 -8.02
C ALA B 89 14.16 17.21 -9.35
N ALA B 90 15.07 16.87 -10.25
CA ALA B 90 15.13 17.50 -11.57
C ALA B 90 13.85 17.24 -12.38
N LEU B 91 13.36 16.01 -12.33
CA LEU B 91 12.13 15.63 -13.03
C LEU B 91 10.92 16.41 -12.52
N ASN B 92 10.83 16.54 -11.20
CA ASN B 92 9.75 17.29 -10.57
C ASN B 92 9.76 18.78 -10.90
N ILE B 93 10.95 19.39 -10.88
CA ILE B 93 11.11 20.78 -11.28
C ILE B 93 10.68 20.98 -12.74
N LEU B 94 11.18 20.13 -13.63
CA LEU B 94 10.89 20.22 -15.07
C LEU B 94 9.46 19.81 -15.45
N ALA B 95 8.74 19.20 -14.53
CA ALA B 95 7.29 18.97 -14.65
C ALA B 95 6.45 20.26 -14.59
N LEU B 96 7.01 21.32 -14.02
CA LEU B 96 6.39 22.65 -14.03
C LEU B 96 6.62 23.37 -15.37
N SER B 97 5.77 24.35 -15.66
CA SER B 97 5.98 25.26 -16.80
C SER B 97 7.19 26.15 -16.51
N PRO B 98 7.90 26.62 -17.56
CA PRO B 98 9.14 27.39 -17.33
C PRO B 98 9.07 28.57 -16.35
N PRO B 99 7.99 29.37 -16.37
CA PRO B 99 7.93 30.43 -15.38
C PRO B 99 7.83 29.93 -13.92
N ALA B 100 7.07 28.84 -13.71
CA ALA B 100 6.97 28.22 -12.39
C ALA B 100 8.33 27.63 -11.96
N GLN B 101 9.03 27.00 -12.90
CA GLN B 101 10.38 26.49 -12.68
C GLN B 101 11.29 27.56 -12.14
N ASN B 102 11.27 28.72 -12.79
CA ASN B 102 12.12 29.85 -12.40
C ASN B 102 11.77 30.40 -11.02
N LEU B 103 10.48 30.41 -10.68
CA LEU B 103 10.07 30.80 -9.32
C LEU B 103 10.54 29.81 -8.25
N LEU B 104 10.58 28.53 -8.59
CA LEU B 104 11.09 27.50 -7.67
C LEU B 104 12.58 27.66 -7.48
N LEU B 105 13.31 27.77 -8.59
CA LEU B 105 14.76 27.98 -8.54
C LEU B 105 15.13 29.29 -7.83
N LYS B 106 14.39 30.35 -8.09
CA LYS B 106 14.56 31.61 -7.36
C LYS B 106 14.32 31.49 -5.85
N SER B 107 13.31 30.71 -5.48
CA SER B 107 12.99 30.46 -4.06
C SER B 107 14.19 29.91 -3.30
N TYR B 108 14.91 28.99 -3.94
CA TYR B 108 16.06 28.35 -3.33
C TYR B 108 17.35 29.17 -3.44
N PHE B 109 17.61 29.69 -4.63
CA PHE B 109 18.95 30.17 -4.99
C PHE B 109 19.19 31.68 -5.04
N SER B 110 18.14 32.48 -5.21
CA SER B 110 18.32 33.92 -5.32
C SER B 110 18.26 34.60 -3.96
N GLU B 111 18.62 35.89 -3.93
CA GLU B 111 18.58 36.71 -2.71
C GLU B 111 17.12 37.14 -2.41
N GLU B 112 16.25 36.99 -3.40
CA GLU B 112 14.78 37.10 -3.21
C GLU B 112 14.17 35.81 -2.64
N GLY B 113 14.96 34.74 -2.61
CA GLY B 113 14.65 33.52 -1.90
C GLY B 113 15.55 33.34 -0.70
N ILE B 114 16.01 32.09 -0.48
CA ILE B 114 16.75 31.74 0.77
C ILE B 114 18.25 31.50 0.59
N GLY B 115 18.78 31.82 -0.60
CA GLY B 115 20.23 31.96 -0.79
C GLY B 115 21.09 30.72 -0.60
N TYR B 116 20.59 29.57 -1.06
CA TYR B 116 21.37 28.32 -1.09
C TYR B 116 22.69 28.52 -1.82
N ASN B 117 23.77 27.97 -1.27
CA ASN B 117 25.10 28.00 -1.94
C ASN B 117 25.78 26.64 -2.06
N ILE B 118 25.01 25.58 -1.86
CA ILE B 118 25.50 24.21 -2.04
C ILE B 118 24.47 23.41 -2.83
N ILE B 119 24.95 22.62 -3.79
CA ILE B 119 24.12 21.66 -4.49
C ILE B 119 24.87 20.33 -4.46
N ARG B 120 24.21 19.30 -3.93
CA ARG B 120 24.77 17.95 -3.94
C ARG B 120 24.27 17.23 -5.19
N VAL B 121 25.19 16.58 -5.90
CA VAL B 121 24.94 15.96 -7.19
C VAL B 121 25.30 14.49 -7.12
N PRO B 122 24.32 13.57 -7.26
CA PRO B 122 24.69 12.17 -7.26
C PRO B 122 25.50 11.81 -8.50
N MET B 123 26.49 10.93 -8.33
CA MET B 123 27.27 10.42 -9.46
C MET B 123 26.53 9.21 -9.96
N ALA B 124 25.73 9.43 -10.99
CA ALA B 124 24.85 8.43 -11.59
C ALA B 124 23.66 8.10 -10.67
N SER B 125 23.08 6.92 -10.77
CA SER B 125 21.75 6.67 -10.21
C SER B 125 21.76 6.40 -8.71
N CYS B 126 20.67 6.78 -8.04
CA CYS B 126 20.38 6.36 -6.67
C CYS B 126 18.93 5.87 -6.61
N ASP B 127 18.37 5.70 -5.41
CA ASP B 127 16.97 5.32 -5.28
C ASP B 127 16.03 6.37 -5.84
N PHE B 128 16.42 7.64 -5.78
CA PHE B 128 15.63 8.75 -6.36
C PHE B 128 15.95 8.95 -7.85
N SER B 129 15.78 7.84 -8.57
CA SER B 129 16.00 7.72 -10.00
C SER B 129 14.92 6.76 -10.51
N ILE B 130 14.65 6.81 -11.81
CA ILE B 130 13.65 5.92 -12.43
C ILE B 130 14.27 4.63 -13.00
N ARG B 131 15.60 4.54 -12.97
CA ARG B 131 16.32 3.34 -13.43
C ARG B 131 17.71 3.27 -12.81
N THR B 132 18.37 2.12 -12.94
CA THR B 132 19.62 1.80 -12.22
C THR B 132 21.00 1.88 -12.91
N TYR B 133 21.25 3.01 -13.55
CA TYR B 133 22.37 3.16 -14.47
C TYR B 133 23.61 3.62 -13.72
N THR B 134 24.78 3.33 -14.29
CA THR B 134 26.04 3.97 -13.92
C THR B 134 26.52 4.66 -15.18
N TYR B 135 27.65 5.34 -15.07
CA TYR B 135 28.27 5.98 -16.23
C TYR B 135 29.08 5.03 -17.12
N ALA B 136 29.30 3.80 -16.68
CA ALA B 136 30.12 2.82 -17.42
C ALA B 136 29.56 1.41 -17.26
N ASP B 137 28.39 1.20 -17.86
CA ASP B 137 27.68 -0.09 -17.77
C ASP B 137 28.16 -1.14 -18.78
N THR B 138 28.88 -0.73 -19.82
CA THR B 138 29.49 -1.69 -20.78
C THR B 138 30.49 -2.59 -20.02
N PRO B 139 30.23 -3.92 -20.00
CA PRO B 139 30.99 -4.80 -19.10
C PRO B 139 32.49 -4.80 -19.31
N ASP B 140 33.22 -4.99 -18.22
CA ASP B 140 34.68 -5.12 -18.20
C ASP B 140 35.45 -4.04 -18.97
N ASP B 141 34.93 -2.80 -18.92
CA ASP B 141 35.56 -1.65 -19.56
C ASP B 141 36.51 -0.97 -18.56
N PHE B 142 37.59 -1.67 -18.18
CA PHE B 142 38.52 -1.17 -17.15
C PHE B 142 39.23 0.14 -17.54
N GLN B 143 39.37 0.36 -18.84
CA GLN B 143 39.85 1.63 -19.39
C GLN B 143 38.83 2.78 -19.39
N LEU B 144 37.55 2.45 -19.22
CA LEU B 144 36.45 3.43 -19.23
C LEU B 144 36.39 4.20 -20.55
N HIS B 145 36.61 3.47 -21.65
CA HIS B 145 36.42 4.02 -23.00
C HIS B 145 34.96 4.38 -23.29
N ASN B 146 34.03 3.61 -22.72
CA ASN B 146 32.58 3.83 -22.89
C ASN B 146 31.91 4.57 -21.71
N PHE B 147 32.71 5.28 -20.91
CA PHE B 147 32.16 6.17 -19.89
C PHE B 147 31.37 7.27 -20.58
N SER B 148 30.11 7.46 -20.20
CA SER B 148 29.35 8.62 -20.64
C SER B 148 28.19 9.01 -19.75
N LEU B 149 27.86 10.30 -19.82
CA LEU B 149 26.74 10.90 -19.11
C LEU B 149 25.44 10.67 -19.89
N PRO B 150 24.45 10.01 -19.27
CA PRO B 150 23.16 9.80 -19.93
C PRO B 150 22.27 11.05 -19.85
N GLU B 151 21.07 10.92 -20.40
CA GLU B 151 20.05 11.99 -20.44
C GLU B 151 19.76 12.63 -19.06
N GLU B 152 19.79 11.84 -17.99
CA GLU B 152 19.53 12.36 -16.64
C GLU B 152 20.48 13.50 -16.28
N ASP B 153 21.76 13.37 -16.66
CA ASP B 153 22.72 14.44 -16.44
C ASP B 153 22.60 15.55 -17.49
N THR B 154 22.64 15.18 -18.77
CA THR B 154 22.81 16.16 -19.85
C THR B 154 21.57 16.99 -20.15
N LYS B 155 20.39 16.37 -20.02
CA LYS B 155 19.10 17.05 -20.27
C LYS B 155 18.35 17.53 -19.01
N LEU B 156 18.55 16.87 -17.87
CA LEU B 156 17.83 17.25 -16.62
C LEU B 156 18.71 17.99 -15.60
N LYS B 157 19.71 17.30 -15.05
CA LYS B 157 20.48 17.85 -13.92
C LYS B 157 21.35 19.04 -14.30
N ILE B 158 22.16 18.88 -15.35
CA ILE B 158 23.17 19.91 -15.73
C ILE B 158 22.53 21.24 -16.15
N PRO B 159 21.50 21.22 -17.01
CA PRO B 159 20.83 22.48 -17.33
C PRO B 159 20.20 23.19 -16.13
N LEU B 160 19.61 22.42 -15.21
CA LEU B 160 19.03 23.01 -13.98
C LEU B 160 20.09 23.61 -13.06
N ILE B 161 21.24 22.94 -12.96
CA ILE B 161 22.36 23.44 -12.17
C ILE B 161 22.88 24.77 -12.74
N HIS B 162 23.02 24.83 -14.07
CA HIS B 162 23.37 26.10 -14.77
C HIS B 162 22.40 27.22 -14.39
N ARG B 163 21.11 26.93 -14.54
CA ARG B 163 20.06 27.93 -14.26
C ARG B 163 20.09 28.40 -12.79
N ALA B 164 20.35 27.47 -11.87
CA ALA B 164 20.50 27.80 -10.45
C ALA B 164 21.68 28.74 -10.20
N LEU B 165 22.82 28.45 -10.82
CA LEU B 165 24.03 29.28 -10.67
C LEU B 165 23.86 30.69 -11.27
N GLN B 166 23.12 30.78 -12.38
CA GLN B 166 22.74 32.08 -12.97
C GLN B 166 21.91 32.93 -12.03
N LEU B 167 20.99 32.30 -11.29
CA LEU B 167 20.12 33.02 -10.35
C LEU B 167 20.77 33.39 -9.03
N ALA B 168 21.86 32.71 -8.68
CA ALA B 168 22.50 32.91 -7.38
C ALA B 168 23.42 34.12 -7.37
N GLN B 169 23.33 34.91 -6.29
CA GLN B 169 24.24 36.06 -6.08
C GLN B 169 25.52 35.64 -5.33
N ARG B 170 25.41 34.64 -4.46
CA ARG B 170 26.58 34.02 -3.81
C ARG B 170 27.19 32.93 -4.71
N PRO B 171 28.52 32.74 -4.67
CA PRO B 171 29.12 31.58 -5.33
C PRO B 171 28.56 30.26 -4.80
N VAL B 172 28.22 29.35 -5.70
CA VAL B 172 27.60 28.06 -5.35
C VAL B 172 28.65 26.98 -5.45
N SER B 173 28.73 26.14 -4.42
CA SER B 173 29.65 25.01 -4.39
C SER B 173 28.92 23.71 -4.71
N LEU B 174 29.45 22.94 -5.65
CA LEU B 174 28.90 21.62 -6.00
C LEU B 174 29.63 20.50 -5.26
N LEU B 175 28.85 19.53 -4.79
CA LEU B 175 29.35 18.38 -4.04
C LEU B 175 28.85 17.11 -4.70
N ALA B 176 29.77 16.22 -5.08
CA ALA B 176 29.40 14.97 -5.77
C ALA B 176 29.56 13.76 -4.85
N SER B 177 28.67 12.77 -5.00
CA SER B 177 28.73 11.52 -4.22
C SER B 177 28.24 10.36 -5.06
N PRO B 178 28.98 9.24 -5.10
CA PRO B 178 28.47 8.05 -5.79
C PRO B 178 27.74 7.10 -4.86
N TRP B 179 26.76 6.37 -5.42
CA TRP B 179 25.99 5.37 -4.68
C TRP B 179 26.55 4.00 -5.01
N THR B 180 26.59 3.68 -6.30
CA THR B 180 27.19 2.42 -6.74
C THR B 180 28.22 2.63 -7.85
N SER B 181 29.13 1.68 -7.92
CA SER B 181 30.01 1.53 -9.08
C SER B 181 29.30 0.70 -10.14
N PRO B 182 29.88 0.63 -11.36
CA PRO B 182 29.48 -0.41 -12.30
C PRO B 182 29.51 -1.79 -11.66
N THR B 183 28.53 -2.61 -12.01
CA THR B 183 28.30 -3.89 -11.33
C THR B 183 29.45 -4.87 -11.55
N TRP B 184 30.07 -4.77 -12.73
CA TRP B 184 31.27 -5.56 -13.07
C TRP B 184 32.54 -5.21 -12.25
N LEU B 185 32.50 -4.14 -11.47
CA LEU B 185 33.53 -3.86 -10.45
C LEU B 185 33.22 -4.41 -9.06
N LYS B 186 32.05 -5.04 -8.90
CA LYS B 186 31.55 -5.40 -7.57
C LYS B 186 31.52 -6.89 -7.34
N THR B 187 31.73 -7.27 -6.07
CA THR B 187 31.79 -8.68 -5.66
C THR B 187 30.47 -9.41 -5.90
N ASN B 188 29.35 -8.70 -5.74
CA ASN B 188 28.01 -9.30 -5.90
C ASN B 188 27.42 -9.15 -7.31
N GLY B 189 28.06 -8.38 -8.18
CA GLY B 189 27.59 -8.18 -9.56
C GLY B 189 26.21 -7.55 -9.70
N ALA B 190 25.86 -6.68 -8.74
CA ALA B 190 24.56 -6.00 -8.73
C ALA B 190 24.68 -4.60 -8.14
N VAL B 191 23.77 -3.73 -8.53
CA VAL B 191 23.78 -2.32 -8.06
C VAL B 191 23.45 -2.19 -6.57
N ASN B 192 22.64 -3.12 -6.06
CA ASN B 192 22.19 -3.11 -4.67
C ASN B 192 22.69 -4.36 -3.94
N GLY B 193 22.26 -4.54 -2.70
CA GLY B 193 22.65 -5.70 -1.88
C GLY B 193 24.01 -5.52 -1.24
N LYS B 194 24.41 -6.51 -0.46
CA LYS B 194 25.73 -6.55 0.18
C LYS B 194 26.79 -6.80 -0.90
N GLY B 195 27.74 -5.89 -1.01
CA GLY B 195 28.77 -6.00 -2.02
C GLY B 195 29.74 -4.83 -1.98
N SER B 196 31.01 -5.13 -2.19
CA SER B 196 32.06 -4.13 -2.26
C SER B 196 32.76 -4.23 -3.60
N LEU B 197 33.74 -3.35 -3.79
CA LEU B 197 34.68 -3.49 -4.90
C LEU B 197 35.38 -4.84 -4.83
N LYS B 198 35.52 -5.48 -5.99
CA LYS B 198 36.31 -6.71 -6.11
C LYS B 198 37.76 -6.45 -5.74
N GLY B 199 38.41 -7.47 -5.21
CA GLY B 199 39.87 -7.46 -5.00
C GLY B 199 40.30 -6.63 -3.82
N GLN B 200 41.34 -5.83 -4.01
CA GLN B 200 41.94 -5.05 -2.94
C GLN B 200 42.48 -3.71 -3.42
N PRO B 201 42.60 -2.72 -2.51
CA PRO B 201 43.20 -1.43 -2.85
C PRO B 201 44.57 -1.55 -3.52
N GLY B 202 44.78 -0.77 -4.57
CA GLY B 202 45.98 -0.87 -5.40
C GLY B 202 45.70 -1.50 -6.75
N ASP B 203 44.82 -2.52 -6.76
CA ASP B 203 44.55 -3.32 -7.97
C ASP B 203 43.75 -2.57 -9.06
N ILE B 204 43.51 -3.27 -10.17
CA ILE B 204 42.80 -2.71 -11.33
C ILE B 204 41.35 -2.26 -11.05
N TYR B 205 40.63 -3.04 -10.24
CA TYR B 205 39.23 -2.72 -9.88
C TYR B 205 39.14 -1.39 -9.18
N HIS B 206 40.04 -1.20 -8.22
CA HIS B 206 40.11 0.03 -7.44
C HIS B 206 40.67 1.20 -8.20
N GLN B 207 41.62 0.93 -9.10
CA GLN B 207 42.18 1.98 -9.96
C GLN B 207 41.15 2.47 -10.98
N THR B 208 40.38 1.53 -11.53
CA THR B 208 39.27 1.88 -12.43
C THR B 208 38.21 2.73 -11.72
N TRP B 209 37.85 2.33 -10.50
CA TRP B 209 36.86 3.07 -9.72
C TRP B 209 37.35 4.46 -9.40
N ALA B 210 38.61 4.58 -8.98
CA ALA B 210 39.23 5.90 -8.79
C ALA B 210 39.20 6.75 -10.06
N ARG B 211 39.52 6.14 -11.19
CA ARG B 211 39.51 6.84 -12.48
C ARG B 211 38.10 7.29 -12.92
N TYR B 212 37.08 6.52 -12.54
CA TYR B 212 35.67 6.89 -12.76
C TYR B 212 35.33 8.26 -12.14
N PHE B 213 35.88 8.54 -10.95
CA PHE B 213 35.73 9.87 -10.34
C PHE B 213 36.27 10.97 -11.25
N VAL B 214 37.47 10.74 -11.78
CA VAL B 214 38.12 11.73 -12.67
C VAL B 214 37.31 11.89 -13.96
N LYS B 215 36.91 10.75 -14.54
CA LYS B 215 36.04 10.75 -15.73
C LYS B 215 34.74 11.56 -15.50
N PHE B 216 34.14 11.38 -14.32
CA PHE B 216 32.95 12.18 -13.92
C PHE B 216 33.26 13.68 -13.93
N LEU B 217 34.34 14.05 -13.26
CA LEU B 217 34.73 15.46 -13.13
C LEU B 217 35.08 16.08 -14.50
N ASP B 218 35.77 15.31 -15.34
CA ASP B 218 36.05 15.69 -16.73
C ASP B 218 34.77 16.00 -17.51
N ALA B 219 33.83 15.04 -17.47
CA ALA B 219 32.56 15.17 -18.21
C ALA B 219 31.76 16.39 -17.76
N TYR B 220 31.65 16.59 -16.45
CA TYR B 220 30.99 17.79 -15.92
C TYR B 220 31.75 19.08 -16.27
N ALA B 221 33.09 19.02 -16.28
CA ALA B 221 33.93 20.16 -16.72
C ALA B 221 33.72 20.53 -18.19
N GLU B 222 33.56 19.53 -19.06
CA GLU B 222 33.16 19.78 -20.46
C GLU B 222 31.82 20.51 -20.61
N HIS B 223 30.93 20.33 -19.61
CA HIS B 223 29.67 21.08 -19.50
C HIS B 223 29.77 22.37 -18.65
N LYS B 224 30.99 22.85 -18.43
CA LYS B 224 31.28 24.09 -17.71
C LYS B 224 30.81 24.09 -16.25
N LEU B 225 31.02 22.96 -15.59
CA LEU B 225 30.73 22.83 -14.17
C LEU B 225 31.93 22.25 -13.44
N GLN B 226 32.31 22.94 -12.36
CA GLN B 226 33.43 22.55 -11.51
C GLN B 226 32.89 22.18 -10.15
N PHE B 227 33.51 21.20 -9.51
CA PHE B 227 33.14 20.77 -8.17
C PHE B 227 34.05 21.33 -7.09
N TRP B 228 33.41 21.75 -6.00
CA TRP B 228 34.12 22.10 -4.76
C TRP B 228 34.64 20.84 -4.09
N ALA B 229 33.81 19.79 -4.05
CA ALA B 229 34.16 18.57 -3.32
C ALA B 229 33.49 17.32 -3.88
N VAL B 230 34.06 16.19 -3.49
CA VAL B 230 33.47 14.87 -3.69
C VAL B 230 33.53 14.09 -2.39
N THR B 231 32.63 13.12 -2.23
CA THR B 231 32.69 12.18 -1.11
C THR B 231 33.21 10.85 -1.64
N ALA B 232 33.87 10.10 -0.76
CA ALA B 232 34.49 8.82 -1.13
C ALA B 232 33.48 7.73 -1.47
N GLU B 233 32.25 7.88 -0.96
CA GLU B 233 31.11 6.97 -1.23
C GLU B 233 29.90 7.47 -0.43
N ASN B 234 28.71 7.44 -1.03
CA ASN B 234 27.49 7.67 -0.25
C ASN B 234 27.23 6.47 0.66
N GLU B 235 27.10 6.75 1.94
CA GLU B 235 26.75 5.73 2.95
C GLU B 235 27.42 4.36 2.72
N PRO B 236 28.76 4.30 2.82
CA PRO B 236 29.51 3.03 2.65
C PRO B 236 29.06 1.89 3.56
N SER B 237 28.51 2.20 4.73
CA SER B 237 27.98 1.14 5.61
C SER B 237 26.80 0.39 4.99
N ALA B 238 26.05 1.06 4.12
CA ALA B 238 24.86 0.45 3.48
C ALA B 238 25.20 -0.79 2.68
N GLY B 239 26.31 -0.72 1.94
CA GLY B 239 26.80 -1.85 1.14
C GLY B 239 27.35 -3.02 1.94
N LEU B 240 27.45 -2.87 3.26
CA LEU B 240 27.79 -3.97 4.18
C LEU B 240 26.56 -4.74 4.67
N LEU B 241 25.37 -4.28 4.30
CA LEU B 241 24.10 -4.84 4.80
C LEU B 241 23.46 -5.76 3.78
N SER B 242 23.20 -7.00 4.20
CA SER B 242 22.52 -8.00 3.37
C SER B 242 21.13 -7.52 3.01
N GLY B 243 20.83 -7.60 1.72
CA GLY B 243 19.53 -7.21 1.20
C GLY B 243 19.29 -5.71 1.10
N TYR B 244 20.33 -4.89 1.21
CA TYR B 244 20.17 -3.46 1.09
C TYR B 244 19.48 -3.17 -0.25
N PRO B 245 18.32 -2.51 -0.21
CA PRO B 245 17.40 -2.53 -1.35
C PRO B 245 17.79 -1.68 -2.54
N PHE B 246 18.63 -0.66 -2.35
CA PHE B 246 19.00 0.20 -3.48
C PHE B 246 20.51 0.43 -3.64
N GLN B 247 20.88 1.25 -4.63
CA GLN B 247 22.26 1.41 -5.05
C GLN B 247 23.16 1.68 -3.86
N CYS B 248 24.21 0.88 -3.74
CA CYS B 248 25.19 1.01 -2.67
C CYS B 248 26.52 0.37 -3.07
N LEU B 249 27.53 0.65 -2.26
CA LEU B 249 28.85 0.10 -2.43
C LEU B 249 29.52 0.08 -1.07
N GLY B 250 29.75 -1.13 -0.55
CA GLY B 250 30.18 -1.33 0.82
C GLY B 250 31.67 -1.09 1.04
N PHE B 251 31.99 -0.32 2.09
CA PHE B 251 33.36 -0.11 2.55
C PHE B 251 33.34 -0.17 4.06
N THR B 252 34.24 -0.96 4.63
CA THR B 252 34.64 -0.83 6.03
C THR B 252 35.50 0.44 6.13
N PRO B 253 35.71 0.97 7.35
CA PRO B 253 36.64 2.12 7.47
C PRO B 253 38.06 1.85 6.96
N GLU B 254 38.55 0.62 7.19
CA GLU B 254 39.87 0.20 6.73
C GLU B 254 39.94 0.19 5.19
N HIS B 255 38.91 -0.40 4.59
CA HIS B 255 38.79 -0.45 3.14
C HIS B 255 38.76 0.96 2.56
N GLN B 256 38.00 1.86 3.19
CA GLN B 256 37.95 3.25 2.73
C GLN B 256 39.31 3.94 2.92
N ARG B 257 39.92 3.75 4.08
CA ARG B 257 41.29 4.27 4.34
C ARG B 257 42.25 3.88 3.21
N ASP B 258 42.30 2.59 2.93
CA ASP B 258 43.25 2.05 1.94
C ASP B 258 42.89 2.43 0.52
N PHE B 259 41.59 2.55 0.23
CA PHE B 259 41.14 3.00 -1.09
C PHE B 259 41.53 4.45 -1.34
N ILE B 260 41.37 5.28 -0.31
CA ILE B 260 41.78 6.68 -0.39
C ILE B 260 43.31 6.80 -0.59
N ALA B 261 44.06 6.11 0.26
CA ALA B 261 45.53 6.16 0.27
C ALA B 261 46.16 5.64 -1.02
N ARG B 262 45.71 4.46 -1.46
CA ARG B 262 46.29 3.76 -2.62
C ARG B 262 45.74 4.20 -3.97
N ASP B 263 44.47 4.59 -4.03
CA ASP B 263 43.79 4.82 -5.33
C ASP B 263 43.17 6.19 -5.53
N LEU B 264 42.18 6.53 -4.71
CA LEU B 264 41.37 7.72 -4.97
C LEU B 264 42.15 9.02 -4.79
N GLY B 265 42.87 9.12 -3.67
CA GLY B 265 43.72 10.28 -3.39
C GLY B 265 44.73 10.58 -4.47
N PRO B 266 45.64 9.62 -4.77
CA PRO B 266 46.66 9.79 -5.81
C PRO B 266 46.09 10.12 -7.18
N THR B 267 45.02 9.42 -7.57
CA THR B 267 44.38 9.63 -8.89
C THR B 267 43.79 11.03 -9.03
N LEU B 268 43.15 11.52 -7.97
CA LEU B 268 42.63 12.90 -7.95
C LEU B 268 43.76 13.92 -7.97
N ALA B 269 44.76 13.71 -7.11
CA ALA B 269 45.93 14.62 -7.00
C ALA B 269 46.75 14.70 -8.30
N ASN B 270 46.83 13.60 -9.04
CA ASN B 270 47.55 13.54 -10.33
C ASN B 270 46.71 13.95 -11.55
N SER B 271 45.55 14.56 -11.31
CA SER B 271 44.64 14.96 -12.39
C SER B 271 44.53 16.47 -12.43
N THR B 272 43.86 16.97 -13.46
CA THR B 272 43.53 18.40 -13.58
C THR B 272 42.56 18.90 -12.50
N HIS B 273 41.89 17.97 -11.80
CA HIS B 273 40.94 18.32 -10.71
C HIS B 273 41.53 18.14 -9.30
N HIS B 274 42.83 18.39 -9.16
CA HIS B 274 43.54 18.19 -7.88
C HIS B 274 43.07 19.16 -6.77
N ASN B 275 42.50 20.30 -7.14
CA ASN B 275 41.94 21.24 -6.15
C ASN B 275 40.59 20.83 -5.55
N VAL B 276 39.93 19.84 -6.15
CA VAL B 276 38.65 19.33 -5.63
C VAL B 276 38.91 18.68 -4.26
N ARG B 277 38.10 19.05 -3.27
CA ARG B 277 38.24 18.50 -1.92
C ARG B 277 37.67 17.09 -1.87
N LEU B 278 38.24 16.27 -1.00
CA LEU B 278 37.75 14.91 -0.77
C LEU B 278 37.21 14.83 0.64
N LEU B 279 35.93 14.46 0.75
CA LEU B 279 35.29 14.22 2.04
C LEU B 279 35.12 12.73 2.27
N MET B 280 35.37 12.30 3.50
CA MET B 280 35.23 10.90 3.89
C MET B 280 33.91 10.69 4.66
N LEU B 281 33.62 9.41 4.89
CA LEU B 281 32.46 8.92 5.66
C LEU B 281 31.16 9.05 4.85
N ASP B 282 30.57 10.25 4.82
CA ASP B 282 29.28 10.50 4.12
C ASP B 282 28.21 9.51 4.63
N ASP B 283 28.14 9.40 5.95
CA ASP B 283 27.42 8.32 6.60
C ASP B 283 27.05 8.78 8.01
N GLN B 284 26.45 7.88 8.79
CA GLN B 284 25.84 8.25 10.05
C GLN B 284 26.90 8.64 11.06
N ARG B 285 26.61 9.63 11.88
CA ARG B 285 27.60 10.15 12.84
C ARG B 285 27.86 9.19 14.01
N LEU B 286 26.99 8.21 14.18
CA LEU B 286 27.21 7.03 15.05
C LEU B 286 28.54 6.32 14.78
N LEU B 287 29.00 6.38 13.54
CA LEU B 287 30.27 5.79 13.14
C LEU B 287 31.51 6.60 13.57
N LEU B 288 31.30 7.78 14.14
CA LEU B 288 32.38 8.62 14.66
C LEU B 288 32.47 8.51 16.18
N PRO B 289 33.68 8.73 16.76
CA PRO B 289 34.96 9.05 16.09
C PRO B 289 35.73 7.89 15.44
N HIS B 290 35.28 6.65 15.63
CA HIS B 290 36.02 5.47 15.18
C HIS B 290 36.47 5.56 13.73
N TRP B 291 35.53 5.86 12.84
N TRP B 291 35.53 5.87 12.84
CA TRP B 291 35.83 5.96 11.41
CA TRP B 291 35.84 5.96 11.39
C TRP B 291 36.91 7.02 11.12
C TRP B 291 36.91 7.02 11.12
N ALA B 292 36.82 8.15 11.79
CA ALA B 292 37.84 9.21 11.67
C ALA B 292 39.21 8.77 12.19
N LYS B 293 39.22 8.03 13.30
CA LYS B 293 40.46 7.48 13.87
C LYS B 293 41.13 6.54 12.88
N VAL B 294 40.38 5.57 12.39
CA VAL B 294 40.88 4.57 11.43
C VAL B 294 41.51 5.24 10.20
N VAL B 295 40.81 6.20 9.61
CA VAL B 295 41.29 6.82 8.36
C VAL B 295 42.43 7.82 8.61
N LEU B 296 42.21 8.75 9.54
CA LEU B 296 43.10 9.91 9.70
C LEU B 296 44.38 9.67 10.50
N THR B 297 44.50 8.52 11.18
CA THR B 297 45.77 8.12 11.80
C THR B 297 46.74 7.46 10.81
N ASP B 298 46.26 7.16 9.59
CA ASP B 298 47.14 6.76 8.47
C ASP B 298 47.49 8.04 7.69
N PRO B 299 48.74 8.53 7.81
CA PRO B 299 49.09 9.76 7.08
C PRO B 299 49.02 9.66 5.56
N GLU B 300 49.15 8.45 5.02
CA GLU B 300 49.01 8.22 3.57
C GLU B 300 47.57 8.49 3.08
N ALA B 301 46.58 8.20 3.92
CA ALA B 301 45.18 8.57 3.68
C ALA B 301 44.89 10.01 4.10
N ALA B 302 45.24 10.34 5.34
CA ALA B 302 44.94 11.66 5.95
C ALA B 302 45.32 12.86 5.08
N LYS B 303 46.43 12.75 4.36
CA LYS B 303 46.91 13.85 3.50
C LYS B 303 46.00 14.17 2.30
N TYR B 304 45.09 13.26 1.97
CA TYR B 304 44.09 13.48 0.90
C TYR B 304 42.69 13.91 1.38
N VAL B 305 42.43 13.83 2.69
CA VAL B 305 41.10 14.05 3.26
C VAL B 305 40.96 15.47 3.81
N HIS B 306 40.14 16.28 3.15
CA HIS B 306 39.83 17.63 3.60
C HIS B 306 38.83 17.65 4.77
N GLY B 307 37.86 16.74 4.75
CA GLY B 307 36.77 16.76 5.73
C GLY B 307 35.97 15.49 5.87
N ILE B 308 35.01 15.54 6.77
CA ILE B 308 34.18 14.39 7.15
C ILE B 308 32.71 14.78 6.94
N ALA B 309 32.04 14.05 6.06
CA ALA B 309 30.63 14.26 5.75
C ALA B 309 29.75 13.36 6.61
N VAL B 310 28.71 13.92 7.23
CA VAL B 310 27.78 13.14 8.06
C VAL B 310 26.32 13.22 7.60
N HIS B 311 25.60 12.13 7.81
CA HIS B 311 24.16 12.03 7.53
C HIS B 311 23.44 11.89 8.84
N TRP B 312 22.17 12.29 8.87
CA TRP B 312 21.46 12.46 10.15
C TRP B 312 20.60 11.27 10.62
N TYR B 313 20.56 10.19 9.84
CA TYR B 313 19.49 9.19 9.98
C TYR B 313 19.50 8.42 11.30
N LEU B 314 20.69 8.24 11.90
CA LEU B 314 20.80 7.58 13.22
C LEU B 314 21.23 8.52 14.34
N ASP B 315 20.92 9.81 14.19
CA ASP B 315 21.26 10.81 15.21
C ASP B 315 20.71 10.49 16.59
N PHE B 316 19.53 9.88 16.64
CA PHE B 316 18.90 9.45 17.89
C PHE B 316 19.69 8.42 18.74
N LEU B 317 20.61 7.70 18.12
CA LEU B 317 21.55 6.79 18.83
C LEU B 317 22.90 7.40 19.17
N ALA B 318 23.16 8.62 18.70
CA ALA B 318 24.52 9.16 18.62
C ALA B 318 24.53 10.61 19.11
N PRO B 319 24.69 10.81 20.42
CA PRO B 319 24.79 12.17 20.94
C PRO B 319 25.88 12.97 20.22
N ALA B 320 25.60 14.23 19.95
CA ALA B 320 26.54 15.08 19.19
C ALA B 320 27.90 15.23 19.87
N LYS B 321 27.89 15.48 21.18
CA LYS B 321 29.12 15.68 21.97
C LYS B 321 30.10 14.52 21.76
N ALA B 322 29.58 13.30 21.90
CA ALA B 322 30.41 12.07 21.85
C ALA B 322 30.86 11.67 20.45
N THR B 323 30.26 12.26 19.42
CA THR B 323 30.55 11.92 18.03
C THR B 323 31.20 13.09 17.29
N LEU B 324 30.42 14.15 17.10
CA LEU B 324 30.92 15.35 16.43
C LEU B 324 31.96 16.08 17.27
N GLY B 325 31.64 16.23 18.56
CA GLY B 325 32.51 16.93 19.51
C GLY B 325 33.85 16.26 19.65
N GLU B 326 33.79 14.95 19.92
CA GLU B 326 34.99 14.15 20.11
C GLU B 326 35.85 14.07 18.84
N THR B 327 35.21 13.95 17.67
CA THR B 327 35.95 13.96 16.40
C THR B 327 36.68 15.28 16.19
N HIS B 328 36.03 16.38 16.53
CA HIS B 328 36.67 17.68 16.42
C HIS B 328 37.86 17.85 17.38
N ARG B 329 37.67 17.42 18.63
CA ARG B 329 38.74 17.44 19.65
C ARG B 329 40.00 16.71 19.18
N LEU B 330 39.80 15.50 18.66
CA LEU B 330 40.88 14.70 18.11
C LEU B 330 41.49 15.29 16.83
N PHE B 331 40.63 15.76 15.93
CA PHE B 331 41.04 16.18 14.58
C PHE B 331 40.52 17.56 14.22
N PRO B 332 40.99 18.59 14.92
CA PRO B 332 40.40 19.94 14.80
C PRO B 332 40.57 20.62 13.45
N ASN B 333 41.54 20.17 12.65
CA ASN B 333 41.80 20.74 11.33
C ASN B 333 41.09 20.00 10.19
N THR B 334 40.28 19.00 10.54
CA THR B 334 39.46 18.28 9.57
C THR B 334 38.00 18.66 9.76
N MET B 335 37.47 19.40 8.80
CA MET B 335 36.12 19.94 8.91
C MET B 335 35.04 18.85 8.95
N LEU B 336 33.99 19.14 9.72
CA LEU B 336 32.78 18.32 9.80
C LEU B 336 31.69 19.02 9.00
N PHE B 337 30.99 18.26 8.17
CA PHE B 337 30.00 18.78 7.22
C PHE B 337 28.79 17.84 7.13
N ALA B 338 27.58 18.38 7.26
CA ALA B 338 26.35 17.59 7.16
C ALA B 338 25.90 17.56 5.70
N SER B 339 26.01 16.39 5.09
CA SER B 339 25.82 16.25 3.64
C SER B 339 24.46 15.69 3.20
N GLU B 340 23.65 15.18 4.11
CA GLU B 340 22.33 14.64 3.74
C GLU B 340 21.38 14.48 4.93
N ALA B 341 20.15 14.90 4.71
CA ALA B 341 19.08 14.74 5.66
C ALA B 341 17.72 14.76 4.92
N CYS B 342 16.82 13.90 5.34
CA CYS B 342 15.42 13.98 4.99
C CYS B 342 14.58 13.28 6.03
N VAL B 343 13.33 13.71 6.10
CA VAL B 343 12.33 13.07 6.96
C VAL B 343 11.43 12.24 6.07
N GLY B 344 10.72 11.31 6.68
CA GLY B 344 9.68 10.54 6.02
C GLY B 344 10.02 9.11 5.67
N SER B 345 11.24 8.69 5.96
CA SER B 345 11.65 7.33 5.58
C SER B 345 11.27 6.30 6.65
N LYS B 346 10.83 6.74 7.84
CA LYS B 346 10.45 5.81 8.90
C LYS B 346 9.12 5.13 8.56
N PHE B 347 9.10 3.80 8.67
CA PHE B 347 7.98 2.96 8.18
C PHE B 347 6.60 3.28 8.77
N TRP B 348 6.60 3.82 9.98
CA TRP B 348 5.37 4.17 10.70
C TRP B 348 4.87 5.60 10.46
N GLU B 349 5.55 6.39 9.64
CA GLU B 349 5.11 7.75 9.30
C GLU B 349 4.75 7.86 7.83
N GLN B 350 3.91 8.83 7.51
CA GLN B 350 3.68 9.18 6.12
C GLN B 350 4.98 9.72 5.53
N SER B 351 5.25 9.36 4.27
CA SER B 351 6.36 9.89 3.53
C SER B 351 6.31 11.41 3.40
N VAL B 352 5.15 11.91 2.98
CA VAL B 352 4.91 13.35 2.82
C VAL B 352 3.81 13.79 3.76
N ARG B 353 4.08 14.79 4.59
CA ARG B 353 3.07 15.40 5.47
C ARG B 353 3.03 16.90 5.15
N LEU B 354 2.18 17.27 4.19
CA LEU B 354 2.11 18.65 3.68
C LEU B 354 1.72 19.66 4.76
N GLY B 355 2.66 20.55 5.09
CA GLY B 355 2.46 21.56 6.13
C GLY B 355 2.89 21.18 7.53
N SER B 356 3.67 20.10 7.65
CA SER B 356 4.15 19.65 8.96
C SER B 356 5.14 20.63 9.60
N TRP B 357 4.72 21.24 10.71
CA TRP B 357 5.60 22.08 11.49
C TRP B 357 6.65 21.24 12.20
N ASP B 358 6.26 20.04 12.64
CA ASP B 358 7.20 19.12 13.32
C ASP B 358 8.43 18.87 12.46
N ARG B 359 8.22 18.64 11.17
CA ARG B 359 9.31 18.33 10.27
C ARG B 359 10.23 19.53 10.05
N GLY B 360 9.64 20.72 10.03
CA GLY B 360 10.39 21.97 10.02
C GLY B 360 11.31 22.06 11.24
N MET B 361 10.74 21.84 12.42
CA MET B 361 11.48 21.85 13.68
C MET B 361 12.61 20.80 13.73
N GLN B 362 12.39 19.64 13.13
CA GLN B 362 13.46 18.64 13.03
C GLN B 362 14.66 19.18 12.24
N TYR B 363 14.39 19.90 11.16
CA TYR B 363 15.47 20.51 10.35
C TYR B 363 16.24 21.57 11.14
N SER B 364 15.52 22.51 11.73
CA SER B 364 16.18 23.61 12.46
C SER B 364 16.87 23.13 13.74
N HIS B 365 16.25 22.18 14.45
CA HIS B 365 16.92 21.56 15.62
C HIS B 365 18.21 20.85 15.24
N SER B 366 18.17 20.10 14.14
CA SER B 366 19.37 19.44 13.63
C SER B 366 20.46 20.44 13.23
N ILE B 367 20.10 21.50 12.51
CA ILE B 367 21.08 22.50 12.04
C ILE B 367 21.78 23.20 13.22
N ILE B 368 20.99 23.58 14.21
CA ILE B 368 21.52 24.21 15.42
C ILE B 368 22.50 23.30 16.17
N THR B 369 22.05 22.09 16.46
CA THR B 369 22.90 21.10 17.15
C THR B 369 24.20 20.88 16.37
N ASN B 370 24.10 20.75 15.05
CA ASN B 370 25.28 20.58 14.21
C ASN B 370 26.21 21.79 14.34
N LEU B 371 25.64 22.99 14.26
CA LEU B 371 26.44 24.21 14.34
C LEU B 371 27.10 24.39 15.70
N LEU B 372 26.42 23.95 16.76
CA LEU B 372 26.98 23.95 18.11
C LEU B 372 28.07 22.91 18.34
N TYR B 373 28.24 21.99 17.41
CA TYR B 373 29.27 20.96 17.51
C TYR B 373 30.13 20.94 16.27
N HIS B 374 30.57 22.13 15.86
CA HIS B 374 31.69 22.36 14.91
C HIS B 374 31.39 22.14 13.43
N VAL B 375 30.14 21.83 13.09
CA VAL B 375 29.77 21.50 11.72
C VAL B 375 29.70 22.77 10.87
N VAL B 376 30.29 22.70 9.68
CA VAL B 376 30.48 23.89 8.81
C VAL B 376 29.41 24.07 7.72
N GLY B 377 28.53 23.10 7.57
CA GLY B 377 27.43 23.21 6.63
C GLY B 377 26.38 22.14 6.79
N TRP B 378 25.26 22.33 6.12
CA TRP B 378 24.13 21.41 6.27
C TRP B 378 23.39 21.35 4.95
N THR B 379 23.19 20.13 4.47
CA THR B 379 22.69 19.88 3.14
C THR B 379 21.46 19.00 3.21
N ASP B 380 20.37 19.53 2.67
CA ASP B 380 19.13 18.78 2.49
C ASP B 380 19.30 17.71 1.39
N TRP B 381 18.40 16.75 1.36
CA TRP B 381 18.35 15.75 0.30
C TRP B 381 17.56 16.37 -0.89
N ASN B 382 16.59 15.64 -1.48
CA ASN B 382 15.93 16.06 -2.72
C ASN B 382 15.42 17.46 -2.63
N LEU B 383 15.77 18.29 -3.63
CA LEU B 383 15.31 19.69 -3.68
C LEU B 383 13.79 19.80 -3.87
N ALA B 384 13.22 18.81 -4.55
CA ALA B 384 11.78 18.75 -4.76
C ALA B 384 11.33 17.32 -4.98
N LEU B 385 10.11 17.03 -4.54
CA LEU B 385 9.49 15.72 -4.76
C LEU B 385 8.01 15.89 -5.13
N ASN B 386 7.39 14.82 -5.62
CA ASN B 386 5.96 14.81 -5.93
C ASN B 386 5.16 14.54 -4.65
N PRO B 387 3.82 14.64 -4.70
CA PRO B 387 3.07 14.47 -3.44
C PRO B 387 3.19 13.08 -2.77
N GLU B 388 3.56 12.06 -3.53
CA GLU B 388 3.85 10.72 -3.01
C GLU B 388 5.24 10.65 -2.35
N GLY B 389 6.08 11.64 -2.61
CA GLY B 389 7.46 11.63 -2.11
C GLY B 389 8.43 10.94 -3.04
N GLY B 390 8.15 11.01 -4.34
CA GLY B 390 8.95 10.36 -5.37
C GLY B 390 9.15 11.27 -6.58
N PRO B 391 9.52 10.70 -7.73
CA PRO B 391 9.66 9.26 -8.01
C PRO B 391 10.86 8.60 -7.33
N ASN B 392 10.73 7.28 -7.14
CA ASN B 392 11.75 6.47 -6.47
C ASN B 392 11.55 5.02 -6.88
N TRP B 393 12.54 4.44 -7.55
CA TRP B 393 12.35 3.10 -8.17
C TRP B 393 12.19 1.93 -7.18
N VAL B 394 12.58 2.13 -5.92
N VAL B 394 12.58 2.13 -5.92
CA VAL B 394 12.39 1.11 -4.88
CA VAL B 394 12.39 1.13 -4.87
C VAL B 394 11.34 1.50 -3.85
C VAL B 394 11.33 1.50 -3.85
N ARG B 395 10.60 2.57 -4.11
CA ARG B 395 9.52 3.04 -3.22
C ARG B 395 9.99 3.52 -1.83
N ASN B 396 11.22 4.00 -1.75
CA ASN B 396 11.71 4.67 -0.55
C ASN B 396 11.29 6.14 -0.60
N PHE B 397 9.99 6.38 -0.51
CA PHE B 397 9.42 7.72 -0.65
C PHE B 397 9.63 8.49 0.62
N VAL B 398 9.98 9.76 0.46
CA VAL B 398 10.29 10.63 1.61
C VAL B 398 9.73 12.02 1.35
N ASP B 399 9.89 12.91 2.33
CA ASP B 399 9.45 14.29 2.22
C ASP B 399 10.56 15.17 1.65
N SER B 400 10.17 16.38 1.27
CA SER B 400 11.08 17.40 0.72
C SER B 400 10.52 18.79 1.04
N PRO B 401 11.39 19.80 1.20
CA PRO B 401 10.88 21.16 1.47
C PRO B 401 9.97 21.76 0.41
N ILE B 402 10.09 21.28 -0.83
CA ILE B 402 9.19 21.67 -1.92
C ILE B 402 8.54 20.44 -2.53
N ILE B 403 7.21 20.47 -2.60
CA ILE B 403 6.40 19.40 -3.21
C ILE B 403 5.73 19.97 -4.47
N VAL B 404 5.94 19.30 -5.59
CA VAL B 404 5.46 19.75 -6.89
C VAL B 404 4.23 18.94 -7.27
N ASP B 405 3.15 19.62 -7.65
CA ASP B 405 1.95 18.96 -8.21
C ASP B 405 1.88 19.20 -9.71
N ILE B 406 2.40 18.24 -10.48
CA ILE B 406 2.47 18.30 -11.95
C ILE B 406 1.14 18.63 -12.65
N THR B 407 0.05 18.06 -12.16
CA THR B 407 -1.27 18.24 -12.80
C THR B 407 -1.83 19.65 -12.67
N LYS B 408 -1.35 20.43 -11.70
CA LYS B 408 -1.84 21.80 -11.43
C LYS B 408 -0.83 22.92 -11.65
N ASP B 409 0.33 22.57 -12.22
CA ASP B 409 1.44 23.52 -12.43
C ASP B 409 1.69 24.38 -11.19
N THR B 410 1.73 23.68 -10.05
CA THR B 410 1.75 24.27 -8.72
C THR B 410 2.84 23.58 -7.88
N PHE B 411 3.50 24.36 -7.03
CA PHE B 411 4.35 23.78 -5.98
C PHE B 411 4.06 24.38 -4.61
N TYR B 412 4.39 23.58 -3.59
CA TYR B 412 4.10 23.88 -2.19
C TYR B 412 5.41 23.97 -1.42
N LYS B 413 5.61 25.10 -0.73
CA LYS B 413 6.80 25.29 0.10
C LYS B 413 6.44 24.97 1.55
N GLN B 414 7.09 23.94 2.08
CA GLN B 414 6.76 23.40 3.39
C GLN B 414 7.48 24.15 4.50
N PRO B 415 7.06 23.92 5.76
CA PRO B 415 7.79 24.54 6.86
C PRO B 415 9.28 24.24 6.85
N MET B 416 9.65 23.03 6.43
CA MET B 416 11.07 22.68 6.24
C MET B 416 11.84 23.72 5.40
N PHE B 417 11.20 24.21 4.33
CA PHE B 417 11.83 25.23 3.46
C PHE B 417 12.22 26.46 4.28
N TYR B 418 11.28 26.93 5.09
CA TYR B 418 11.47 28.16 5.89
C TYR B 418 12.41 27.94 7.08
N HIS B 419 12.31 26.80 7.74
CA HIS B 419 13.22 26.47 8.84
C HIS B 419 14.66 26.41 8.36
N LEU B 420 14.88 25.85 7.18
CA LEU B 420 16.18 25.81 6.57
C LEU B 420 16.61 27.23 6.13
N GLY B 421 15.67 27.97 5.55
CA GLY B 421 15.87 29.36 5.16
C GLY B 421 16.31 30.32 6.26
N HIS B 422 15.84 30.08 7.47
CA HIS B 422 16.25 30.88 8.64
C HIS B 422 17.76 30.87 8.88
N PHE B 423 18.44 29.86 8.34
CA PHE B 423 19.90 29.74 8.40
C PHE B 423 20.51 30.13 7.07
N SER B 424 20.09 29.45 6.00
CA SER B 424 20.71 29.61 4.68
C SER B 424 20.70 31.04 4.17
N LYS B 425 19.61 31.75 4.43
CA LYS B 425 19.48 33.11 3.95
C LYS B 425 20.38 34.11 4.69
N PHE B 426 20.69 33.82 5.95
CA PHE B 426 21.28 34.79 6.87
C PHE B 426 22.67 34.40 7.42
N ILE B 427 23.24 33.31 6.90
CA ILE B 427 24.52 32.81 7.35
C ILE B 427 25.35 32.58 6.10
N PRO B 428 25.93 33.65 5.54
CA PRO B 428 26.73 33.47 4.32
C PRO B 428 28.04 32.70 4.57
N GLU B 429 28.63 32.21 3.49
CA GLU B 429 29.91 31.50 3.53
C GLU B 429 30.96 32.39 4.18
N GLY B 430 31.75 31.81 5.06
CA GLY B 430 32.76 32.54 5.81
C GLY B 430 32.27 33.09 7.14
N SER B 431 30.96 32.94 7.44
CA SER B 431 30.46 33.34 8.76
C SER B 431 31.10 32.43 9.80
N GLN B 432 31.21 32.91 11.03
CA GLN B 432 31.91 32.16 12.07
C GLN B 432 31.03 32.03 13.29
N ARG B 433 30.89 30.81 13.79
CA ARG B 433 30.12 30.62 15.00
C ARG B 433 30.90 31.24 16.16
N VAL B 434 30.17 31.93 17.01
CA VAL B 434 30.73 32.52 18.21
C VAL B 434 29.95 32.07 19.43
N GLY B 435 30.50 32.36 20.61
CA GLY B 435 29.89 31.94 21.86
C GLY B 435 28.56 32.63 22.13
N LEU B 436 27.68 31.90 22.81
CA LEU B 436 26.40 32.40 23.25
C LEU B 436 26.01 31.60 24.47
N VAL B 437 25.92 32.27 25.62
CA VAL B 437 25.66 31.61 26.91
C VAL B 437 24.34 32.06 27.51
N ALA B 438 23.67 31.11 28.15
CA ALA B 438 22.38 31.34 28.78
C ALA B 438 22.57 31.58 30.26
N SER B 439 21.84 32.56 30.79
CA SER B 439 21.88 32.88 32.22
C SER B 439 21.23 31.81 33.10
N GLN B 440 20.31 31.04 32.52
CA GLN B 440 19.63 29.94 33.22
C GLN B 440 19.22 28.83 32.26
N LYS B 441 18.82 27.70 32.84
CA LYS B 441 18.32 26.56 32.06
C LYS B 441 17.05 26.95 31.31
N ASN B 442 16.94 26.48 30.07
CA ASN B 442 15.81 26.83 29.20
C ASN B 442 15.57 25.77 28.14
N ASP B 443 14.40 25.88 27.50
CA ASP B 443 13.94 24.93 26.48
C ASP B 443 14.22 25.38 25.04
N LEU B 444 14.93 26.50 24.86
CA LEU B 444 15.21 27.03 23.54
C LEU B 444 16.45 26.38 22.95
N ASP B 445 16.50 26.35 21.62
CA ASP B 445 17.72 26.01 20.91
C ASP B 445 18.18 27.29 20.22
N ALA B 446 19.45 27.62 20.38
CA ALA B 446 19.99 28.87 19.86
C ALA B 446 21.43 28.75 19.45
N VAL B 447 21.79 29.54 18.45
CA VAL B 447 23.17 29.64 17.97
C VAL B 447 23.45 31.07 17.53
N ALA B 448 24.69 31.51 17.73
CA ALA B 448 25.15 32.83 17.33
C ALA B 448 26.33 32.70 16.38
N LEU B 449 26.32 33.52 15.33
CA LEU B 449 27.46 33.62 14.43
C LEU B 449 27.73 35.08 14.10
N MET B 450 28.92 35.30 13.55
CA MET B 450 29.32 36.59 13.04
C MET B 450 29.59 36.45 11.55
N HIS B 451 29.00 37.35 10.76
CA HIS B 451 29.27 37.44 9.33
C HIS B 451 30.72 37.88 9.12
N PRO B 452 31.27 37.68 7.90
CA PRO B 452 32.61 38.21 7.58
C PRO B 452 32.79 39.73 7.85
N ASP B 453 31.75 40.52 7.60
CA ASP B 453 31.78 41.97 7.89
C ASP B 453 31.65 42.37 9.39
N GLY B 454 31.55 41.40 10.29
CA GLY B 454 31.44 41.66 11.72
C GLY B 454 30.03 41.75 12.30
N SER B 455 29.01 41.82 11.45
CA SER B 455 27.64 41.88 11.93
C SER B 455 27.24 40.55 12.58
N ALA B 456 26.27 40.61 13.47
CA ALA B 456 25.82 39.46 14.23
C ALA B 456 24.57 38.80 13.63
N VAL B 457 24.48 37.49 13.80
CA VAL B 457 23.27 36.72 13.47
C VAL B 457 23.02 35.73 14.59
N VAL B 458 21.78 35.70 15.09
CA VAL B 458 21.36 34.72 16.08
C VAL B 458 20.05 34.06 15.62
N VAL B 459 20.02 32.72 15.67
CA VAL B 459 18.81 31.96 15.39
C VAL B 459 18.30 31.38 16.69
N VAL B 460 17.00 31.58 16.95
CA VAL B 460 16.35 31.07 18.16
C VAL B 460 15.16 30.21 17.75
N LEU B 461 15.22 28.94 18.15
CA LEU B 461 14.14 27.96 17.91
C LEU B 461 13.45 27.62 19.23
N ASN B 462 12.12 27.78 19.25
CA ASN B 462 11.28 27.35 20.36
C ASN B 462 10.37 26.19 19.95
N ARG B 463 10.74 25.00 20.40
CA ARG B 463 9.99 23.76 20.16
C ARG B 463 8.94 23.47 21.22
N SER B 464 8.93 24.24 22.31
CA SER B 464 7.89 24.16 23.33
C SER B 464 6.65 24.97 22.90
N SER B 465 5.56 24.78 23.64
CA SER B 465 4.32 25.53 23.44
C SER B 465 4.26 26.84 24.23
N LYS B 466 5.23 27.05 25.13
CA LYS B 466 5.25 28.23 26.00
C LYS B 466 6.07 29.38 25.38
N ASP B 467 5.47 30.56 25.35
CA ASP B 467 6.17 31.79 25.00
C ASP B 467 7.27 32.06 26.03
N VAL B 468 8.48 32.35 25.56
CA VAL B 468 9.64 32.59 26.45
C VAL B 468 10.13 34.03 26.24
N PRO B 469 9.89 34.92 27.23
CA PRO B 469 10.48 36.25 27.15
C PRO B 469 12.00 36.11 27.26
N LEU B 470 12.73 36.86 26.45
CA LEU B 470 14.17 36.79 26.53
C LEU B 470 14.88 38.06 26.10
N THR B 471 16.13 38.15 26.51
CA THR B 471 16.99 39.27 26.21
C THR B 471 18.28 38.74 25.64
N ILE B 472 18.75 39.36 24.56
CA ILE B 472 20.05 39.05 23.98
C ILE B 472 20.98 40.22 24.32
N LYS B 473 22.06 39.92 25.02
CA LYS B 473 23.08 40.91 25.36
C LYS B 473 24.27 40.83 24.41
N ASP B 474 24.53 41.93 23.72
CA ASP B 474 25.76 42.11 22.96
C ASP B 474 26.57 43.18 23.72
N PRO B 475 27.77 42.82 24.24
CA PRO B 475 28.57 43.77 25.05
C PRO B 475 28.91 45.08 24.31
N ALA B 476 29.07 44.99 22.99
CA ALA B 476 29.38 46.15 22.15
C ALA B 476 28.22 47.13 21.94
N VAL B 477 27.02 46.61 21.67
CA VAL B 477 25.86 47.45 21.29
C VAL B 477 24.78 47.62 22.35
N GLY B 478 24.60 46.63 23.23
CA GLY B 478 23.53 46.66 24.23
C GLY B 478 22.61 45.44 24.23
N PHE B 479 21.34 45.68 24.55
CA PHE B 479 20.37 44.64 24.87
C PHE B 479 19.22 44.61 23.87
N LEU B 480 18.95 43.43 23.30
CA LEU B 480 17.77 43.17 22.46
C LEU B 480 16.66 42.51 23.30
N GLU B 481 15.58 43.25 23.54
CA GLU B 481 14.44 42.75 24.30
C GLU B 481 13.43 42.12 23.34
N THR B 482 13.06 40.87 23.58
CA THR B 482 12.19 40.15 22.65
C THR B 482 11.45 39.01 23.36
N ILE B 483 10.55 38.37 22.61
CA ILE B 483 9.83 37.17 23.07
C ILE B 483 10.03 36.09 22.00
N SER B 484 10.25 34.87 22.45
CA SER B 484 10.26 33.70 21.57
C SER B 484 8.94 32.95 21.73
N PRO B 485 7.97 33.15 20.81
CA PRO B 485 6.70 32.46 20.99
C PRO B 485 6.83 30.94 20.92
N GLY B 486 5.85 30.26 21.49
CA GLY B 486 5.75 28.82 21.36
C GLY B 486 5.68 28.45 19.88
N TYR B 487 6.37 27.38 19.51
CA TYR B 487 6.35 26.88 18.13
C TYR B 487 6.69 28.00 17.14
N SER B 488 7.89 28.54 17.35
CA SER B 488 8.41 29.60 16.50
C SER B 488 9.87 29.39 16.21
N ILE B 489 10.34 30.06 15.16
CA ILE B 489 11.75 30.20 14.90
C ILE B 489 11.98 31.66 14.47
N HIS B 490 13.03 32.26 15.04
CA HIS B 490 13.40 33.64 14.79
C HIS B 490 14.85 33.66 14.31
N THR B 491 15.15 34.51 13.34
CA THR B 491 16.54 34.90 13.05
C THR B 491 16.69 36.39 13.36
N TYR B 492 17.67 36.71 14.21
CA TYR B 492 18.00 38.09 14.60
C TYR B 492 19.28 38.51 13.91
N LEU B 493 19.27 39.72 13.33
CA LEU B 493 20.47 40.30 12.72
C LEU B 493 20.69 41.73 13.22
N TRP B 494 21.96 42.09 13.44
CA TRP B 494 22.30 43.48 13.78
C TRP B 494 23.76 43.82 13.50
N ARG B 495 24.00 45.09 13.15
CA ARG B 495 25.35 45.64 13.05
C ARG B 495 25.96 45.79 14.43
N ARG B 496 27.26 45.52 14.52
CA ARG B 496 28.03 45.72 15.75
C ARG B 496 28.91 46.97 15.72
N GLN B 497 29.12 47.52 14.53
CA GLN B 497 29.83 48.78 14.34
C GLN B 497 29.23 49.54 13.14
N ALA C 1 15.04 -24.66 -30.60
CA ALA C 1 16.50 -24.48 -30.33
C ALA C 1 16.83 -24.50 -28.84
N ARG C 2 16.13 -23.69 -28.05
CA ARG C 2 16.39 -23.60 -26.59
C ARG C 2 15.09 -23.68 -25.77
N PRO C 3 15.00 -24.63 -24.82
CA PRO C 3 13.77 -24.76 -24.04
C PRO C 3 13.58 -23.68 -22.95
N CYS C 4 12.35 -23.60 -22.45
CA CYS C 4 11.96 -22.78 -21.30
C CYS C 4 12.79 -23.17 -20.07
N ILE C 5 13.33 -22.18 -19.36
CA ILE C 5 13.86 -22.38 -18.00
C ILE C 5 12.74 -22.04 -17.05
N PRO C 6 12.08 -23.05 -16.47
CA PRO C 6 10.88 -22.76 -15.69
C PRO C 6 11.22 -22.19 -14.32
N LYS C 7 10.33 -21.35 -13.80
CA LYS C 7 10.46 -20.83 -12.45
C LYS C 7 9.08 -20.56 -11.90
N SER C 8 8.84 -21.00 -10.67
CA SER C 8 7.54 -20.82 -10.03
C SER C 8 7.62 -19.68 -9.02
N PHE C 9 6.57 -18.86 -8.99
CA PHE C 9 6.41 -17.79 -7.99
C PHE C 9 5.16 -18.00 -7.14
N GLY C 10 4.66 -19.22 -7.09
CA GLY C 10 3.54 -19.58 -6.23
C GLY C 10 2.17 -19.48 -6.84
N TYR C 11 2.08 -19.17 -8.12
CA TYR C 11 0.80 -19.19 -8.82
C TYR C 11 0.64 -20.52 -9.56
N SER C 12 -0.40 -20.65 -10.39
CA SER C 12 -0.81 -21.95 -10.93
C SER C 12 0.18 -22.60 -11.90
N SER C 13 1.05 -21.81 -12.50
CA SER C 13 2.03 -22.36 -13.44
C SER C 13 3.34 -21.59 -13.35
N VAL C 14 4.25 -21.90 -14.27
CA VAL C 14 5.59 -21.32 -14.28
C VAL C 14 5.75 -20.14 -15.25
N VAL C 15 6.75 -19.31 -14.98
CA VAL C 15 7.29 -18.40 -15.98
C VAL C 15 8.53 -19.03 -16.58
N CYS C 16 8.94 -18.50 -17.74
CA CYS C 16 10.18 -18.89 -18.39
C CYS C 16 11.20 -17.78 -18.17
N VAL C 17 12.36 -18.13 -17.64
CA VAL C 17 13.38 -17.16 -17.24
C VAL C 17 14.35 -16.90 -18.39
N CYS C 18 14.57 -15.62 -18.68
CA CYS C 18 15.50 -15.20 -19.69
C CYS C 18 16.46 -14.17 -19.12
N ASN C 19 17.64 -14.07 -19.72
CA ASN C 19 18.67 -13.14 -19.26
C ASN C 19 19.60 -12.77 -20.43
N ALA C 20 20.79 -12.24 -20.16
CA ALA C 20 21.72 -11.74 -21.20
C ALA C 20 22.26 -12.83 -22.16
N THR C 21 22.34 -14.06 -21.67
CA THR C 21 22.94 -15.15 -22.40
C THR C 21 22.01 -16.32 -22.70
N TYR C 22 20.76 -16.25 -22.22
CA TYR C 22 19.79 -17.33 -22.45
C TYR C 22 18.37 -16.79 -22.57
N CYS C 23 17.67 -17.21 -23.62
CA CYS C 23 16.22 -17.12 -23.66
C CYS C 23 15.70 -18.28 -24.48
N ASP C 24 14.50 -18.75 -24.13
CA ASP C 24 13.89 -19.85 -24.87
C ASP C 24 13.50 -19.36 -26.27
N SER C 25 13.61 -20.24 -27.25
CA SER C 25 13.42 -19.87 -28.66
C SER C 25 13.08 -21.06 -29.53
N PHE C 26 12.57 -20.78 -30.72
CA PHE C 26 12.21 -21.80 -31.70
C PHE C 26 13.27 -21.95 -32.76
N ASP C 27 13.30 -23.13 -33.39
CA ASP C 27 14.03 -23.31 -34.65
C ASP C 27 13.30 -22.62 -35.79
N PRO C 28 13.99 -22.38 -36.92
CA PRO C 28 13.29 -21.80 -38.08
C PRO C 28 12.07 -22.61 -38.49
N PRO C 29 10.99 -21.94 -38.97
CA PRO C 29 9.80 -22.68 -39.38
C PRO C 29 10.06 -23.68 -40.49
N THR C 30 9.74 -24.95 -40.23
CA THR C 30 9.71 -25.99 -41.26
C THR C 30 8.26 -26.24 -41.71
N PHE C 31 8.10 -26.52 -43.00
CA PHE C 31 6.81 -26.89 -43.58
C PHE C 31 6.77 -28.41 -43.74
N PRO C 32 6.07 -29.13 -42.84
CA PRO C 32 6.14 -30.60 -42.89
C PRO C 32 5.28 -31.17 -44.01
N ALA C 33 5.62 -32.41 -44.39
CA ALA C 33 5.09 -33.02 -45.61
C ALA C 33 3.59 -33.24 -45.56
N LEU C 34 2.96 -33.21 -46.74
CA LEU C 34 1.54 -33.49 -46.87
C LEU C 34 1.28 -34.89 -46.31
N GLY C 35 0.20 -35.02 -45.54
CA GLY C 35 -0.12 -36.26 -44.82
C GLY C 35 0.32 -36.28 -43.36
N THR C 36 1.09 -35.27 -42.92
CA THR C 36 1.48 -35.09 -41.51
C THR C 36 0.99 -33.73 -40.99
N PHE C 37 0.77 -33.68 -39.67
CA PHE C 37 0.43 -32.43 -38.99
C PHE C 37 1.47 -32.09 -37.93
N SER C 38 1.62 -30.79 -37.68
CA SER C 38 2.39 -30.27 -36.56
C SER C 38 1.44 -29.87 -35.42
N ARG C 39 1.84 -30.17 -34.19
CA ARG C 39 1.13 -29.73 -32.97
C ARG C 39 2.11 -28.96 -32.09
N TYR C 40 1.73 -27.75 -31.71
CA TYR C 40 2.43 -27.00 -30.66
C TYR C 40 1.56 -27.03 -29.42
N GLU C 41 2.16 -27.40 -28.28
CA GLU C 41 1.42 -27.61 -27.02
C GLU C 41 2.00 -26.77 -25.88
N SER C 42 1.12 -26.08 -25.18
CA SER C 42 1.44 -25.45 -23.89
C SER C 42 0.46 -25.96 -22.85
N THR C 43 0.98 -26.23 -21.65
CA THR C 43 0.17 -26.75 -20.55
C THR C 43 0.45 -26.01 -19.25
N ARG C 44 -0.54 -26.00 -18.38
CA ARG C 44 -0.39 -25.47 -17.03
C ARG C 44 0.74 -26.18 -16.27
N SER C 45 0.86 -27.48 -16.51
CA SER C 45 1.91 -28.34 -15.92
C SER C 45 3.36 -27.98 -16.32
N GLY C 46 3.54 -27.17 -17.36
CA GLY C 46 4.87 -26.61 -17.67
C GLY C 46 5.33 -26.62 -19.12
N ARG C 47 4.61 -27.31 -20.01
CA ARG C 47 5.01 -27.35 -21.42
C ARG C 47 4.80 -25.99 -22.07
N ARG C 48 5.76 -25.56 -22.87
CA ARG C 48 5.73 -24.24 -23.50
C ARG C 48 5.96 -24.35 -25.01
N MET C 49 4.86 -24.29 -25.76
CA MET C 49 4.85 -24.36 -27.23
C MET C 49 5.78 -25.46 -27.77
N GLU C 50 5.64 -26.66 -27.21
CA GLU C 50 6.45 -27.82 -27.58
C GLU C 50 5.95 -28.44 -28.88
N LEU C 51 6.88 -28.70 -29.79
CA LEU C 51 6.60 -29.24 -31.10
C LEU C 51 6.56 -30.76 -31.09
N SER C 52 5.44 -31.31 -31.54
CA SER C 52 5.33 -32.73 -31.89
C SER C 52 4.67 -32.86 -33.27
N MET C 53 4.72 -34.08 -33.81
CA MET C 53 4.13 -34.37 -35.12
C MET C 53 3.38 -35.70 -35.10
N GLY C 54 2.46 -35.85 -36.05
CA GLY C 54 1.67 -37.07 -36.19
C GLY C 54 1.12 -37.25 -37.60
N PRO C 55 0.58 -38.44 -37.90
CA PRO C 55 0.00 -38.70 -39.21
C PRO C 55 -1.44 -38.21 -39.31
N ILE C 56 -1.82 -37.77 -40.51
CA ILE C 56 -3.22 -37.55 -40.86
C ILE C 56 -3.70 -38.87 -41.44
N GLN C 57 -4.67 -39.48 -40.78
CA GLN C 57 -5.17 -40.81 -41.13
C GLN C 57 -6.30 -40.77 -42.15
N ALA C 58 -6.36 -41.80 -42.98
CA ALA C 58 -7.36 -41.91 -44.05
C ALA C 58 -8.77 -42.15 -43.50
N ASN C 59 -8.86 -43.01 -42.50
CA ASN C 59 -10.15 -43.42 -41.91
C ASN C 59 -10.24 -43.10 -40.41
N HIS C 60 -11.48 -43.04 -39.93
CA HIS C 60 -11.77 -42.79 -38.52
C HIS C 60 -13.08 -43.46 -38.11
N THR C 61 -13.02 -44.20 -37.01
CA THR C 61 -14.19 -44.81 -36.37
C THR C 61 -14.24 -44.38 -34.91
N GLY C 62 -15.45 -44.34 -34.35
CA GLY C 62 -15.65 -44.01 -32.93
C GLY C 62 -16.78 -43.02 -32.71
N THR C 63 -17.19 -42.89 -31.44
CA THR C 63 -18.22 -41.92 -31.03
C THR C 63 -17.63 -40.65 -30.36
N GLY C 64 -16.30 -40.48 -30.46
CA GLY C 64 -15.63 -39.34 -29.82
C GLY C 64 -15.93 -37.99 -30.46
N LEU C 65 -15.45 -36.93 -29.83
CA LEU C 65 -15.65 -35.56 -30.31
C LEU C 65 -14.95 -35.37 -31.66
N LEU C 66 -15.71 -34.91 -32.66
CA LEU C 66 -15.20 -34.63 -33.99
C LEU C 66 -15.36 -33.15 -34.28
N LEU C 67 -14.27 -32.50 -34.66
CA LEU C 67 -14.29 -31.12 -35.16
C LEU C 67 -14.04 -31.18 -36.64
N THR C 68 -14.98 -30.67 -37.43
CA THR C 68 -14.94 -30.82 -38.89
C THR C 68 -14.68 -29.47 -39.52
N LEU C 69 -13.57 -29.38 -40.23
CA LEU C 69 -13.20 -28.19 -40.97
C LEU C 69 -14.17 -27.97 -42.11
N GLN C 70 -14.55 -26.71 -42.31
CA GLN C 70 -15.45 -26.32 -43.39
C GLN C 70 -14.75 -25.24 -44.21
N PRO C 71 -13.83 -25.66 -45.10
CA PRO C 71 -12.97 -24.70 -45.80
C PRO C 71 -13.68 -23.75 -46.76
N GLU C 72 -14.89 -24.11 -47.20
CA GLU C 72 -15.70 -23.25 -48.09
C GLU C 72 -16.56 -22.20 -47.35
N GLN C 73 -16.77 -22.38 -46.04
CA GLN C 73 -17.35 -21.33 -45.18
C GLN C 73 -16.25 -20.33 -44.81
N LYS C 74 -16.23 -19.19 -45.49
CA LYS C 74 -15.16 -18.19 -45.37
C LYS C 74 -15.66 -16.99 -44.60
N PHE C 75 -14.85 -16.45 -43.69
CA PHE C 75 -15.22 -15.29 -42.89
C PHE C 75 -14.16 -14.19 -43.02
N GLN C 76 -13.80 -13.52 -41.92
CA GLN C 76 -12.91 -12.35 -41.97
C GLN C 76 -11.46 -12.75 -42.29
N LYS C 77 -10.70 -11.79 -42.81
CA LYS C 77 -9.25 -11.93 -43.00
C LYS C 77 -8.52 -11.23 -41.87
N VAL C 78 -7.40 -11.82 -41.45
CA VAL C 78 -6.66 -11.39 -40.27
C VAL C 78 -5.66 -10.29 -40.64
N LYS C 79 -5.69 -9.21 -39.86
CA LYS C 79 -4.70 -8.13 -39.97
C LYS C 79 -3.44 -8.53 -39.20
N GLY C 80 -3.61 -8.90 -37.94
CA GLY C 80 -2.49 -9.36 -37.12
C GLY C 80 -2.62 -9.29 -35.61
N PHE C 81 -1.47 -9.42 -34.95
CA PHE C 81 -1.36 -9.51 -33.50
C PHE C 81 -0.15 -8.75 -33.02
N GLY C 82 -0.26 -8.18 -31.83
CA GLY C 82 0.88 -7.51 -31.23
C GLY C 82 0.64 -6.91 -29.87
N GLY C 83 1.42 -5.87 -29.57
CA GLY C 83 1.33 -5.17 -28.29
C GLY C 83 1.80 -3.73 -28.36
N ALA C 84 1.84 -3.07 -27.20
CA ALA C 84 2.02 -1.62 -27.14
C ALA C 84 3.39 -1.18 -26.64
N MET C 85 4.03 -0.29 -27.41
CA MET C 85 5.31 0.33 -27.04
C MET C 85 5.03 1.63 -26.28
N THR C 86 4.63 1.46 -25.01
CA THR C 86 4.46 2.57 -24.11
C THR C 86 5.84 3.07 -23.60
N ASP C 87 5.83 4.22 -22.94
CA ASP C 87 7.01 4.72 -22.24
C ASP C 87 7.47 3.68 -21.22
N ALA C 88 6.52 3.11 -20.47
CA ALA C 88 6.82 2.11 -19.44
C ALA C 88 7.46 0.86 -20.04
N ALA C 89 6.90 0.40 -21.15
CA ALA C 89 7.44 -0.78 -21.84
C ALA C 89 8.85 -0.54 -22.33
N ALA C 90 9.04 0.62 -22.98
CA ALA C 90 10.36 1.00 -23.51
C ALA C 90 11.42 1.11 -22.40
N LEU C 91 11.03 1.73 -21.30
CA LEU C 91 11.95 1.91 -20.16
C LEU C 91 12.37 0.57 -19.58
N ASN C 92 11.41 -0.34 -19.45
CA ASN C 92 11.67 -1.67 -18.91
C ASN C 92 12.57 -2.51 -19.81
N ILE C 93 12.34 -2.43 -21.12
CA ILE C 93 13.21 -3.10 -22.09
C ILE C 93 14.64 -2.54 -22.01
N LEU C 94 14.77 -1.23 -22.02
CA LEU C 94 16.08 -0.55 -21.98
C LEU C 94 16.81 -0.64 -20.62
N ALA C 95 16.09 -1.07 -19.58
CA ALA C 95 16.68 -1.42 -18.28
C ALA C 95 17.54 -2.69 -18.32
N LEU C 96 17.31 -3.53 -19.31
CA LEU C 96 18.15 -4.69 -19.55
C LEU C 96 19.43 -4.31 -20.28
N SER C 97 20.45 -5.16 -20.15
CA SER C 97 21.68 -5.01 -20.95
C SER C 97 21.34 -5.30 -22.42
N PRO C 98 22.10 -4.72 -23.37
CA PRO C 98 21.78 -4.89 -24.81
C PRO C 98 21.55 -6.33 -25.31
N PRO C 99 22.35 -7.32 -24.86
CA PRO C 99 22.06 -8.68 -25.33
C PRO C 99 20.73 -9.24 -24.81
N ALA C 100 20.38 -8.91 -23.56
CA ALA C 100 19.07 -9.28 -23.01
C ALA C 100 17.94 -8.56 -23.74
N GLN C 101 18.12 -7.28 -24.05
CA GLN C 101 17.16 -6.50 -24.85
C GLN C 101 16.82 -7.20 -26.17
N ASN C 102 17.87 -7.62 -26.86
CA ASN C 102 17.72 -8.28 -28.15
C ASN C 102 17.00 -9.62 -28.06
N LEU C 103 17.25 -10.37 -26.98
CA LEU C 103 16.51 -11.61 -26.73
C LEU C 103 15.03 -11.37 -26.44
N LEU C 104 14.71 -10.27 -25.77
CA LEU C 104 13.33 -9.89 -25.51
C LEU C 104 12.63 -9.50 -26.82
N LEU C 105 13.28 -8.62 -27.59
CA LEU C 105 12.74 -8.17 -28.89
C LEU C 105 12.59 -9.35 -29.85
N LYS C 106 13.58 -10.24 -29.88
CA LYS C 106 13.49 -11.47 -30.68
C LYS C 106 12.31 -12.36 -30.26
N SER C 107 12.08 -12.46 -28.96
CA SER C 107 10.97 -13.26 -28.42
C SER C 107 9.63 -12.84 -29.02
N TYR C 108 9.43 -11.53 -29.15
CA TYR C 108 8.18 -10.98 -29.64
C TYR C 108 8.12 -10.94 -31.17
N PHE C 109 9.20 -10.48 -31.80
CA PHE C 109 9.14 -10.03 -33.19
C PHE C 109 9.76 -10.95 -34.25
N SER C 110 10.68 -11.83 -33.87
CA SER C 110 11.34 -12.70 -34.86
C SER C 110 10.57 -14.01 -35.08
N GLU C 111 10.98 -14.78 -36.08
CA GLU C 111 10.42 -16.11 -36.36
C GLU C 111 10.96 -17.14 -35.37
N GLU C 112 12.04 -16.80 -34.69
CA GLU C 112 12.54 -17.58 -33.55
C GLU C 112 11.75 -17.29 -32.26
N GLY C 113 10.92 -16.25 -32.31
CA GLY C 113 9.93 -15.95 -31.27
C GLY C 113 8.52 -16.16 -31.79
N ILE C 114 7.61 -15.25 -31.44
CA ILE C 114 6.16 -15.45 -31.72
C ILE C 114 5.58 -14.54 -32.82
N GLY C 115 6.43 -13.82 -33.55
CA GLY C 115 6.06 -13.23 -34.83
C GLY C 115 5.01 -12.12 -34.81
N TYR C 116 5.07 -11.27 -33.79
CA TYR C 116 4.21 -10.08 -33.71
C TYR C 116 4.33 -9.22 -34.98
N ASN C 117 3.20 -8.74 -35.49
CA ASN C 117 3.20 -7.83 -36.65
C ASN C 117 2.42 -6.54 -36.44
N ILE C 118 2.10 -6.25 -35.18
CA ILE C 118 1.44 -5.00 -34.81
C ILE C 118 2.16 -4.40 -33.61
N ILE C 119 2.40 -3.08 -33.64
CA ILE C 119 2.87 -2.33 -32.49
C ILE C 119 1.96 -1.12 -32.32
N ARG C 120 1.36 -1.00 -31.14
CA ARG C 120 0.53 0.18 -30.83
C ARG C 120 1.41 1.20 -30.13
N VAL C 121 1.32 2.45 -30.57
CA VAL C 121 2.20 3.54 -30.13
C VAL C 121 1.34 4.66 -29.58
N PRO C 122 1.45 4.97 -28.27
CA PRO C 122 0.69 6.12 -27.78
C PRO C 122 1.21 7.41 -28.37
N MET C 123 0.30 8.32 -28.66
CA MET C 123 0.65 9.67 -29.09
C MET C 123 0.84 10.50 -27.82
N ALA C 124 2.10 10.63 -27.43
CA ALA C 124 2.51 11.33 -26.20
C ALA C 124 2.12 10.51 -24.94
N SER C 125 1.91 11.16 -23.79
CA SER C 125 1.89 10.46 -22.52
C SER C 125 0.56 9.78 -22.21
N CYS C 126 0.64 8.67 -21.49
CA CYS C 126 -0.54 8.03 -20.87
C CYS C 126 -0.20 7.73 -19.39
N ASP C 127 -1.01 6.92 -18.73
CA ASP C 127 -0.71 6.52 -17.35
C ASP C 127 0.59 5.72 -17.25
N PHE C 128 0.92 4.96 -18.29
CA PHE C 128 2.19 4.21 -18.34
C PHE C 128 3.34 5.07 -18.87
N SER C 129 3.53 6.18 -18.18
CA SER C 129 4.53 7.20 -18.43
C SER C 129 4.96 7.72 -17.06
N ILE C 130 6.14 8.35 -17.01
CA ILE C 130 6.66 8.92 -15.76
C ILE C 130 6.31 10.40 -15.58
N ARG C 131 5.71 11.00 -16.61
CA ARG C 131 5.27 12.40 -16.54
C ARG C 131 4.17 12.67 -17.57
N THR C 132 3.51 13.83 -17.47
CA THR C 132 2.28 14.15 -18.21
C THR C 132 2.31 15.08 -19.44
N TYR C 133 3.19 14.76 -20.34
CA TYR C 133 3.52 15.66 -21.45
C TYR C 133 2.59 15.41 -22.66
N THR C 134 2.46 16.43 -23.50
CA THR C 134 1.92 16.29 -24.86
C THR C 134 3.03 16.77 -25.77
N TYR C 135 2.79 16.69 -27.07
CA TYR C 135 3.74 17.19 -28.07
C TYR C 135 3.71 18.70 -28.28
N ALA C 136 2.72 19.38 -27.71
CA ALA C 136 2.56 20.84 -27.89
C ALA C 136 2.07 21.50 -26.61
N ASP C 137 2.94 21.53 -25.61
CA ASP C 137 2.60 22.07 -24.28
C ASP C 137 2.76 23.59 -24.18
N THR C 138 3.48 24.22 -25.12
CA THR C 138 3.57 25.70 -25.17
C THR C 138 2.16 26.28 -25.39
N PRO C 139 1.66 27.10 -24.43
CA PRO C 139 0.24 27.48 -24.46
C PRO C 139 -0.20 28.22 -25.72
N ASP C 140 -1.46 28.02 -26.08
CA ASP C 140 -2.13 28.71 -27.18
C ASP C 140 -1.37 28.71 -28.52
N ASP C 141 -0.67 27.61 -28.80
CA ASP C 141 0.09 27.46 -30.04
C ASP C 141 -0.80 26.78 -31.08
N PHE C 142 -1.84 27.49 -31.52
CA PHE C 142 -2.85 26.90 -32.43
C PHE C 142 -2.27 26.50 -33.78
N GLN C 143 -1.19 27.18 -34.16
CA GLN C 143 -0.41 26.79 -35.35
C GLN C 143 0.49 25.57 -35.19
N LEU C 144 0.75 25.19 -33.93
CA LEU C 144 1.64 24.08 -33.59
C LEU C 144 3.06 24.28 -34.11
N HIS C 145 3.54 25.52 -34.02
CA HIS C 145 4.93 25.85 -34.33
C HIS C 145 5.93 25.17 -33.40
N ASN C 146 5.53 25.00 -32.13
CA ASN C 146 6.36 24.36 -31.08
C ASN C 146 6.02 22.89 -30.83
N PHE C 147 5.35 22.25 -31.79
CA PHE C 147 5.14 20.80 -31.75
C PHE C 147 6.49 20.11 -31.82
N SER C 148 6.78 19.22 -30.86
CA SER C 148 7.96 18.39 -30.94
C SER C 148 7.89 17.10 -30.13
N LEU C 149 8.66 16.12 -30.59
CA LEU C 149 8.80 14.83 -29.95
C LEU C 149 9.87 14.91 -28.85
N PRO C 150 9.48 14.62 -27.59
CA PRO C 150 10.45 14.60 -26.50
C PRO C 150 11.30 13.32 -26.49
N GLU C 151 12.18 13.22 -25.48
CA GLU C 151 13.10 12.08 -25.28
C GLU C 151 12.40 10.71 -25.26
N GLU C 152 11.19 10.65 -24.71
CA GLU C 152 10.43 9.39 -24.66
C GLU C 152 10.26 8.77 -26.06
N ASP C 153 9.98 9.61 -27.06
CA ASP C 153 9.86 9.13 -28.43
C ASP C 153 11.23 8.93 -29.09
N THR C 154 12.06 9.98 -29.07
CA THR C 154 13.30 9.99 -29.88
C THR C 154 14.41 9.07 -29.35
N LYS C 155 14.52 8.92 -28.04
CA LYS C 155 15.54 8.06 -27.40
C LYS C 155 15.06 6.69 -26.93
N LEU C 156 13.77 6.55 -26.59
CA LEU C 156 13.23 5.26 -26.08
C LEU C 156 12.38 4.52 -27.11
N LYS C 157 11.23 5.08 -27.47
CA LYS C 157 10.24 4.35 -28.30
C LYS C 157 10.71 4.11 -29.74
N ILE C 158 11.16 5.17 -30.41
CA ILE C 158 11.49 5.10 -31.86
C ILE C 158 12.67 4.16 -32.15
N PRO C 159 13.78 4.27 -31.39
CA PRO C 159 14.86 3.31 -31.60
C PRO C 159 14.48 1.86 -31.35
N LEU C 160 13.63 1.60 -30.34
CA LEU C 160 13.14 0.23 -30.08
C LEU C 160 12.24 -0.28 -31.20
N ILE C 161 11.39 0.60 -31.74
CA ILE C 161 10.49 0.23 -32.87
C ILE C 161 11.34 -0.14 -34.10
N HIS C 162 12.39 0.65 -34.38
CA HIS C 162 13.35 0.34 -35.46
C HIS C 162 13.96 -1.05 -35.28
N ARG C 163 14.48 -1.29 -34.08
CA ARG C 163 15.10 -2.58 -33.76
C ARG C 163 14.11 -3.74 -33.93
N ALA C 164 12.86 -3.55 -33.49
CA ALA C 164 11.81 -4.56 -33.66
C ALA C 164 11.52 -4.87 -35.13
N LEU C 165 11.43 -3.84 -35.96
CA LEU C 165 11.19 -3.99 -37.41
C LEU C 165 12.34 -4.69 -38.13
N GLN C 166 13.57 -4.40 -37.70
CA GLN C 166 14.78 -5.10 -38.19
C GLN C 166 14.76 -6.59 -37.91
N LEU C 167 14.27 -6.96 -36.72
CA LEU C 167 14.20 -8.38 -36.32
C LEU C 167 13.04 -9.15 -36.93
N ALA C 168 12.01 -8.43 -37.39
CA ALA C 168 10.79 -9.07 -37.90
C ALA C 168 10.96 -9.53 -39.34
N GLN C 169 10.48 -10.74 -39.62
CA GLN C 169 10.44 -11.28 -41.00
C GLN C 169 9.14 -10.89 -41.72
N ARG C 170 8.05 -10.76 -40.97
CA ARG C 170 6.78 -10.24 -41.50
C ARG C 170 6.76 -8.71 -41.46
N PRO C 171 6.05 -8.07 -42.42
CA PRO C 171 5.81 -6.62 -42.31
C PRO C 171 5.05 -6.27 -41.02
N VAL C 172 5.50 -5.24 -40.33
CA VAL C 172 4.92 -4.83 -39.07
C VAL C 172 4.09 -3.57 -39.31
N SER C 173 2.87 -3.57 -38.80
CA SER C 173 1.97 -2.43 -38.88
C SER C 173 1.96 -1.65 -37.57
N LEU C 174 2.15 -0.34 -37.65
CA LEU C 174 2.09 0.55 -36.50
C LEU C 174 0.71 1.20 -36.36
N LEU C 175 0.22 1.27 -35.12
CA LEU C 175 -1.10 1.82 -34.79
C LEU C 175 -0.92 2.89 -33.72
N ALA C 176 -1.39 4.12 -33.98
CA ALA C 176 -1.23 5.23 -33.05
C ALA C 176 -2.55 5.61 -32.39
N SER C 177 -2.47 6.02 -31.12
CA SER C 177 -3.67 6.43 -30.37
C SER C 177 -3.30 7.52 -29.38
N PRO C 178 -4.06 8.64 -29.34
CA PRO C 178 -3.81 9.65 -28.31
C PRO C 178 -4.67 9.44 -27.06
N TRP C 179 -4.13 9.89 -25.92
CA TRP C 179 -4.85 9.84 -24.66
C TRP C 179 -5.40 11.23 -24.37
N THR C 180 -4.52 12.23 -24.34
CA THR C 180 -4.96 13.61 -24.16
C THR C 180 -4.39 14.55 -25.22
N SER C 181 -5.14 15.63 -25.44
CA SER C 181 -4.64 16.78 -26.20
C SER C 181 -3.88 17.69 -25.25
N PRO C 182 -3.16 18.69 -25.81
CA PRO C 182 -2.69 19.79 -24.98
C PRO C 182 -3.81 20.38 -24.14
N THR C 183 -3.49 20.76 -22.91
CA THR C 183 -4.49 21.17 -21.92
C THR C 183 -5.20 22.47 -22.32
N TRP C 184 -4.48 23.34 -23.01
CA TRP C 184 -5.04 24.60 -23.57
C TRP C 184 -6.07 24.40 -24.70
N LEU C 185 -6.22 23.18 -25.22
CA LEU C 185 -7.34 22.81 -26.09
C LEU C 185 -8.57 22.25 -25.37
N LYS C 186 -8.48 22.10 -24.04
CA LYS C 186 -9.49 21.35 -23.29
C LYS C 186 -10.31 22.25 -22.39
N THR C 187 -11.58 21.87 -22.21
CA THR C 187 -12.53 22.62 -21.39
C THR C 187 -12.10 22.72 -19.93
N ASN C 188 -11.48 21.67 -19.42
CA ASN C 188 -11.05 21.61 -18.00
C ASN C 188 -9.60 22.09 -17.76
N GLY C 189 -8.84 22.32 -18.83
CA GLY C 189 -7.45 22.81 -18.70
C GLY C 189 -6.51 21.88 -17.96
N ALA C 190 -6.76 20.58 -18.07
CA ALA C 190 -5.93 19.56 -17.40
C ALA C 190 -5.85 18.29 -18.25
N VAL C 191 -4.78 17.53 -18.05
CA VAL C 191 -4.56 16.29 -18.80
C VAL C 191 -5.56 15.17 -18.46
N ASN C 192 -6.06 15.19 -17.24
CA ASN C 192 -6.99 14.19 -16.71
C ASN C 192 -8.30 14.83 -16.32
N GLY C 193 -9.20 14.05 -15.72
CA GLY C 193 -10.51 14.54 -15.31
C GLY C 193 -11.51 14.60 -16.45
N LYS C 194 -12.73 14.99 -16.12
CA LYS C 194 -13.81 15.18 -17.09
C LYS C 194 -13.50 16.42 -17.92
N GLY C 195 -13.40 16.24 -19.23
CA GLY C 195 -13.04 17.34 -20.11
C GLY C 195 -12.96 16.91 -21.54
N SER C 196 -13.45 17.77 -22.43
CA SER C 196 -13.40 17.54 -23.85
C SER C 196 -12.65 18.68 -24.50
N LEU C 197 -12.53 18.61 -25.84
CA LEU C 197 -12.09 19.73 -26.64
C LEU C 197 -13.02 20.93 -26.43
N LYS C 198 -12.43 22.11 -26.29
CA LYS C 198 -13.20 23.37 -26.24
C LYS C 198 -13.97 23.59 -27.52
N GLY C 199 -15.11 24.26 -27.40
CA GLY C 199 -15.88 24.73 -28.56
C GLY C 199 -16.69 23.64 -29.26
N GLN C 200 -16.64 23.62 -30.59
CA GLN C 200 -17.42 22.64 -31.39
C GLN C 200 -16.65 22.23 -32.67
N PRO C 201 -16.97 21.04 -33.22
CA PRO C 201 -16.37 20.58 -34.49
C PRO C 201 -16.47 21.62 -35.59
N GLY C 202 -15.38 21.78 -36.33
CA GLY C 202 -15.24 22.84 -37.34
C GLY C 202 -14.31 23.95 -36.88
N ASP C 203 -14.37 24.31 -35.59
CA ASP C 203 -13.64 25.48 -35.06
C ASP C 203 -12.11 25.28 -34.96
N ILE C 204 -11.43 26.31 -34.47
CA ILE C 204 -9.96 26.31 -34.37
C ILE C 204 -9.39 25.24 -33.42
N TYR C 205 -10.08 25.01 -32.30
CA TYR C 205 -9.65 24.02 -31.31
C TYR C 205 -9.60 22.63 -31.92
N HIS C 206 -10.67 22.30 -32.64
CA HIS C 206 -10.80 21.01 -33.30
C HIS C 206 -9.91 20.87 -34.53
N GLN C 207 -9.70 21.97 -35.24
CA GLN C 207 -8.78 21.97 -36.40
C GLN C 207 -7.33 21.83 -35.97
N THR C 208 -6.97 22.49 -34.87
CA THR C 208 -5.64 22.31 -34.27
C THR C 208 -5.40 20.87 -33.82
N TRP C 209 -6.40 20.29 -33.14
CA TRP C 209 -6.29 18.91 -32.67
C TRP C 209 -6.14 17.96 -33.84
N ALA C 210 -6.95 18.15 -34.89
CA ALA C 210 -6.79 17.37 -36.14
C ALA C 210 -5.40 17.51 -36.73
N ARG C 211 -4.90 18.74 -36.78
CA ARG C 211 -3.54 19.02 -37.29
C ARG C 211 -2.42 18.37 -36.46
N TYR C 212 -2.64 18.26 -35.16
CA TYR C 212 -1.71 17.54 -34.25
C TYR C 212 -1.48 16.10 -34.70
N PHE C 213 -2.53 15.43 -35.18
CA PHE C 213 -2.38 14.08 -35.72
C PHE C 213 -1.40 14.07 -36.89
N VAL C 214 -1.56 15.04 -37.79
CA VAL C 214 -0.69 15.14 -38.98
C VAL C 214 0.75 15.47 -38.56
N LYS C 215 0.89 16.43 -37.65
CA LYS C 215 2.20 16.76 -37.06
C LYS C 215 2.90 15.55 -36.44
N PHE C 216 2.13 14.72 -35.72
CA PHE C 216 2.65 13.45 -35.17
C PHE C 216 3.17 12.54 -36.28
N LEU C 217 2.35 12.34 -37.30
CA LEU C 217 2.70 11.45 -38.42
C LEU C 217 3.91 11.96 -39.19
N ASP C 218 3.97 13.27 -39.37
CA ASP C 218 5.14 13.94 -39.99
C ASP C 218 6.41 13.64 -39.22
N ALA C 219 6.37 13.90 -37.91
CA ALA C 219 7.54 13.73 -37.03
C ALA C 219 8.06 12.30 -37.03
N TYR C 220 7.12 11.34 -36.92
CA TYR C 220 7.49 9.91 -37.02
C TYR C 220 8.02 9.54 -38.42
N ALA C 221 7.44 10.14 -39.47
CA ALA C 221 7.95 9.96 -40.85
C ALA C 221 9.38 10.48 -41.05
N GLU C 222 9.71 11.62 -40.43
CA GLU C 222 11.11 12.13 -40.41
C GLU C 222 12.08 11.15 -39.75
N HIS C 223 11.59 10.33 -38.83
CA HIS C 223 12.34 9.21 -38.23
C HIS C 223 12.18 7.85 -38.95
N LYS C 224 11.72 7.89 -40.19
CA LYS C 224 11.57 6.73 -41.06
C LYS C 224 10.59 5.67 -40.53
N LEU C 225 9.47 6.15 -39.98
CA LEU C 225 8.39 5.29 -39.51
C LEU C 225 7.06 5.76 -40.08
N GLN C 226 6.33 4.81 -40.66
CA GLN C 226 5.02 5.05 -41.26
C GLN C 226 3.99 4.27 -40.46
N PHE C 227 2.79 4.83 -40.34
CA PHE C 227 1.69 4.18 -39.66
C PHE C 227 0.69 3.52 -40.60
N TRP C 228 0.26 2.32 -40.23
CA TRP C 228 -0.86 1.63 -40.87
C TRP C 228 -2.17 2.34 -40.51
N ALA C 229 -2.31 2.69 -39.23
CA ALA C 229 -3.57 3.26 -38.72
C ALA C 229 -3.39 4.18 -37.53
N VAL C 230 -4.44 4.96 -37.29
CA VAL C 230 -4.59 5.74 -36.07
C VAL C 230 -6.01 5.54 -35.54
N THR C 231 -6.18 5.77 -34.25
CA THR C 231 -7.51 5.77 -33.63
C THR C 231 -7.88 7.21 -33.34
N ALA C 232 -9.18 7.48 -33.34
CA ALA C 232 -9.70 8.85 -33.14
C ALA C 232 -9.48 9.40 -31.73
N GLU C 233 -9.32 8.49 -30.77
CA GLU C 233 -9.03 8.80 -29.35
C GLU C 233 -8.96 7.49 -28.56
N ASN C 234 -8.00 7.37 -27.64
CA ASN C 234 -8.02 6.23 -26.71
C ASN C 234 -9.15 6.40 -25.72
N GLU C 235 -10.03 5.41 -25.65
CA GLU C 235 -11.13 5.38 -24.67
C GLU C 235 -11.81 6.73 -24.45
N PRO C 236 -12.48 7.28 -25.49
CA PRO C 236 -13.19 8.57 -25.39
C PRO C 236 -14.25 8.65 -24.29
N SER C 237 -14.83 7.52 -23.90
CA SER C 237 -15.76 7.50 -22.76
C SER C 237 -15.10 7.90 -21.43
N ALA C 238 -13.80 7.64 -21.29
CA ALA C 238 -13.06 7.97 -20.04
C ALA C 238 -13.09 9.46 -19.69
N GLY C 239 -12.90 10.30 -20.71
CA GLY C 239 -12.97 11.75 -20.55
C GLY C 239 -14.35 12.34 -20.27
N LEU C 240 -15.39 11.50 -20.30
CA LEU C 240 -16.74 11.86 -19.82
C LEU C 240 -16.96 11.60 -18.32
N LEU C 241 -15.97 11.01 -17.65
CA LEU C 241 -16.09 10.59 -16.26
C LEU C 241 -15.42 11.58 -15.30
N SER C 242 -16.19 12.09 -14.34
CA SER C 242 -15.68 13.00 -13.32
C SER C 242 -14.59 12.32 -12.49
N GLY C 243 -13.47 13.01 -12.33
CA GLY C 243 -12.34 12.53 -11.56
C GLY C 243 -11.50 11.45 -12.23
N TYR C 244 -11.68 11.24 -13.54
CA TYR C 244 -10.91 10.22 -14.23
C TYR C 244 -9.43 10.52 -13.97
N PRO C 245 -8.70 9.55 -13.42
CA PRO C 245 -7.42 9.85 -12.80
C PRO C 245 -6.25 10.12 -13.74
N PHE C 246 -6.31 9.65 -14.98
CA PHE C 246 -5.18 9.85 -15.89
C PHE C 246 -5.58 10.41 -17.27
N GLN C 247 -4.59 10.56 -18.15
CA GLN C 247 -4.74 11.28 -19.41
C GLN C 247 -5.92 10.76 -20.19
N CYS C 248 -6.80 11.69 -20.56
CA CYS C 248 -8.02 11.36 -21.29
C CYS C 248 -8.53 12.58 -22.04
N LEU C 249 -9.49 12.33 -22.91
CA LEU C 249 -10.13 13.38 -23.72
C LEU C 249 -11.50 12.86 -24.10
N GLY C 250 -12.53 13.48 -23.54
CA GLY C 250 -13.88 12.98 -23.63
C GLY C 250 -14.55 13.29 -24.96
N PHE C 251 -15.18 12.26 -25.53
CA PHE C 251 -16.06 12.40 -26.71
C PHE C 251 -17.30 11.55 -26.51
N THR C 252 -18.47 12.13 -26.70
CA THR C 252 -19.69 11.37 -26.95
C THR C 252 -19.57 10.79 -28.36
N PRO C 253 -20.42 9.80 -28.71
CA PRO C 253 -20.37 9.30 -30.08
C PRO C 253 -20.68 10.37 -31.15
N GLU C 254 -21.59 11.28 -30.81
CA GLU C 254 -21.96 12.40 -31.69
C GLU C 254 -20.78 13.35 -31.90
N HIS C 255 -20.13 13.71 -30.80
CA HIS C 255 -18.92 14.55 -30.83
C HIS C 255 -17.83 13.88 -31.68
N GLN C 256 -17.63 12.58 -31.50
CA GLN C 256 -16.64 11.84 -32.32
C GLN C 256 -17.05 11.81 -33.80
N ARG C 257 -18.32 11.52 -34.07
CA ARG C 257 -18.87 11.57 -35.44
C ARG C 257 -18.52 12.90 -36.11
N ASP C 258 -18.88 13.99 -35.43
CA ASP C 258 -18.73 15.33 -36.00
C ASP C 258 -17.28 15.77 -36.08
N PHE C 259 -16.46 15.32 -35.14
CA PHE C 259 -15.02 15.60 -35.16
C PHE C 259 -14.35 14.90 -36.34
N ILE C 260 -14.73 13.66 -36.58
CA ILE C 260 -14.23 12.89 -37.74
C ILE C 260 -14.65 13.55 -39.06
N ALA C 261 -15.95 13.84 -39.18
CA ALA C 261 -16.54 14.42 -40.41
C ALA C 261 -15.99 15.80 -40.75
N ARG C 262 -15.98 16.70 -39.74
CA ARG C 262 -15.60 18.10 -39.94
C ARG C 262 -14.09 18.38 -39.89
N ASP C 263 -13.35 17.62 -39.08
CA ASP C 263 -11.93 17.96 -38.81
C ASP C 263 -10.91 16.86 -39.12
N LEU C 264 -11.01 15.73 -38.43
CA LEU C 264 -9.95 14.73 -38.48
C LEU C 264 -9.87 14.04 -39.85
N GLY C 265 -11.01 13.61 -40.36
CA GLY C 265 -11.10 12.98 -41.69
C GLY C 265 -10.51 13.83 -42.81
N PRO C 266 -11.07 15.05 -43.01
CA PRO C 266 -10.58 15.96 -44.05
C PRO C 266 -9.09 16.32 -43.92
N THR C 267 -8.65 16.61 -42.70
CA THR C 267 -7.24 16.96 -42.44
C THR C 267 -6.27 15.82 -42.77
N LEU C 268 -6.64 14.60 -42.43
CA LEU C 268 -5.84 13.41 -42.80
C LEU C 268 -5.85 13.18 -44.31
N ALA C 269 -7.04 13.23 -44.91
CA ALA C 269 -7.22 13.02 -46.36
C ALA C 269 -6.49 14.07 -47.21
N ASN C 270 -6.41 15.32 -46.71
CA ASN C 270 -5.69 16.41 -47.40
C ASN C 270 -4.19 16.51 -47.06
N SER C 271 -3.63 15.47 -46.45
CA SER C 271 -2.21 15.43 -46.08
C SER C 271 -1.48 14.36 -46.87
N THR C 272 -0.16 14.35 -46.72
CA THR C 272 0.69 13.29 -47.29
C THR C 272 0.44 11.91 -46.67
N HIS C 273 -0.26 11.86 -45.52
CA HIS C 273 -0.58 10.60 -44.82
C HIS C 273 -2.03 10.12 -45.04
N HIS C 274 -2.57 10.40 -46.23
CA HIS C 274 -3.97 10.08 -46.56
C HIS C 274 -4.25 8.58 -46.63
N ASN C 275 -3.22 7.77 -46.87
CA ASN C 275 -3.37 6.29 -46.85
C ASN C 275 -3.48 5.66 -45.45
N VAL C 276 -3.15 6.42 -44.41
CA VAL C 276 -3.26 5.94 -43.04
C VAL C 276 -4.73 5.68 -42.74
N ARG C 277 -5.03 4.50 -42.18
CA ARG C 277 -6.41 4.15 -41.83
C ARG C 277 -6.85 4.86 -40.55
N LEU C 278 -8.13 5.17 -40.45
CA LEU C 278 -8.70 5.76 -39.25
C LEU C 278 -9.65 4.76 -38.61
N LEU C 279 -9.36 4.42 -37.36
CA LEU C 279 -10.23 3.55 -36.57
C LEU C 279 -10.98 4.38 -35.54
N MET C 280 -12.25 4.03 -35.36
CA MET C 280 -13.12 4.72 -34.41
C MET C 280 -13.28 3.87 -33.15
N LEU C 281 -13.92 4.50 -32.15
CA LEU C 281 -14.25 3.91 -30.85
C LEU C 281 -13.01 3.77 -29.95
N ASP C 282 -12.20 2.73 -30.18
CA ASP C 282 -11.02 2.43 -29.35
C ASP C 282 -11.44 2.41 -27.86
N ASP C 283 -12.49 1.65 -27.59
CA ASP C 283 -13.18 1.69 -26.31
C ASP C 283 -13.94 0.38 -26.12
N GLN C 284 -14.69 0.29 -25.03
CA GLN C 284 -15.30 -0.97 -24.62
C GLN C 284 -16.39 -1.40 -25.60
N ARG C 285 -16.48 -2.71 -25.85
CA ARG C 285 -17.43 -3.23 -26.85
C ARG C 285 -18.89 -3.16 -26.38
N LEU C 286 -19.09 -2.94 -25.09
CA LEU C 286 -20.38 -2.54 -24.51
C LEU C 286 -21.04 -1.34 -25.20
N LEU C 287 -20.21 -0.45 -25.72
CA LEU C 287 -20.67 0.73 -26.46
C LEU C 287 -21.17 0.43 -27.87
N LEU C 288 -21.02 -0.81 -28.33
CA LEU C 288 -21.53 -1.25 -29.63
C LEU C 288 -22.85 -2.03 -29.47
N PRO C 289 -23.72 -2.01 -30.51
CA PRO C 289 -23.57 -1.31 -31.80
C PRO C 289 -23.89 0.19 -31.83
N HIS C 290 -24.38 0.75 -30.73
CA HIS C 290 -24.81 2.15 -30.69
C HIS C 290 -23.79 3.12 -31.27
N TRP C 291 -22.56 3.04 -30.78
CA TRP C 291 -21.50 3.95 -31.25
C TRP C 291 -21.28 3.84 -32.75
N ALA C 292 -21.29 2.61 -33.26
CA ALA C 292 -21.14 2.38 -34.70
C ALA C 292 -22.33 2.95 -35.51
N LYS C 293 -23.53 2.81 -34.96
CA LYS C 293 -24.74 3.37 -35.60
C LYS C 293 -24.61 4.88 -35.70
N VAL C 294 -24.31 5.53 -34.57
CA VAL C 294 -24.21 6.99 -34.51
C VAL C 294 -23.19 7.54 -35.53
N VAL C 295 -22.02 6.93 -35.58
CA VAL C 295 -20.96 7.42 -36.47
C VAL C 295 -21.19 7.04 -37.95
N LEU C 296 -21.45 5.77 -38.21
CA LEU C 296 -21.44 5.24 -39.58
C LEU C 296 -22.72 5.49 -40.39
N THR C 297 -23.80 5.91 -39.75
CA THR C 297 -25.00 6.34 -40.49
C THR C 297 -24.88 7.79 -41.01
N ASP C 298 -23.86 8.53 -40.57
CA ASP C 298 -23.50 9.82 -41.17
C ASP C 298 -22.46 9.55 -42.27
N PRO C 299 -22.87 9.67 -43.57
CA PRO C 299 -21.90 9.39 -44.64
C PRO C 299 -20.69 10.33 -44.70
N GLU C 300 -20.83 11.53 -44.15
CA GLU C 300 -19.72 12.50 -44.06
C GLU C 300 -18.60 11.99 -43.10
N ALA C 301 -19.01 11.29 -42.04
CA ALA C 301 -18.08 10.60 -41.13
C ALA C 301 -17.66 9.23 -41.70
N ALA C 302 -18.66 8.42 -42.04
CA ALA C 302 -18.45 7.01 -42.48
C ALA C 302 -17.40 6.84 -43.57
N LYS C 303 -17.33 7.79 -44.49
CA LYS C 303 -16.37 7.75 -45.60
C LYS C 303 -14.89 7.85 -45.16
N TYR C 304 -14.63 8.30 -43.94
CA TYR C 304 -13.28 8.37 -43.37
C TYR C 304 -12.89 7.20 -42.45
N VAL C 305 -13.86 6.38 -42.07
CA VAL C 305 -13.67 5.34 -41.05
C VAL C 305 -13.44 3.97 -41.68
N HIS C 306 -12.22 3.47 -41.54
CA HIS C 306 -11.86 2.13 -42.03
C HIS C 306 -12.36 1.01 -41.13
N GLY C 307 -12.37 1.25 -39.82
CA GLY C 307 -12.70 0.20 -38.85
C GLY C 307 -13.06 0.68 -37.47
N ILE C 308 -13.35 -0.29 -36.62
CA ILE C 308 -13.79 -0.07 -35.24
C ILE C 308 -12.86 -0.82 -34.29
N ALA C 309 -12.18 -0.06 -33.42
CA ALA C 309 -11.24 -0.61 -32.43
C ALA C 309 -11.96 -0.85 -31.11
N VAL C 310 -11.79 -2.04 -30.54
CA VAL C 310 -12.41 -2.38 -29.25
C VAL C 310 -11.40 -2.76 -28.16
N HIS C 311 -11.74 -2.42 -26.92
CA HIS C 311 -10.98 -2.79 -25.73
C HIS C 311 -11.80 -3.78 -24.92
N TRP C 312 -11.13 -4.62 -24.13
CA TRP C 312 -11.79 -5.78 -23.54
C TRP C 312 -12.34 -5.57 -22.11
N TYR C 313 -12.17 -4.39 -21.53
CA TYR C 313 -12.27 -4.23 -20.06
C TYR C 313 -13.65 -4.45 -19.47
N LEU C 314 -14.69 -4.20 -20.26
CA LEU C 314 -16.07 -4.49 -19.84
C LEU C 314 -16.73 -5.64 -20.63
N ASP C 315 -15.92 -6.56 -21.15
CA ASP C 315 -16.42 -7.74 -21.88
C ASP C 315 -17.45 -8.57 -21.10
N PHE C 316 -17.25 -8.64 -19.78
CA PHE C 316 -18.16 -9.34 -18.86
C PHE C 316 -19.62 -8.81 -18.81
N LEU C 317 -19.83 -7.57 -19.23
CA LEU C 317 -21.17 -6.98 -19.38
C LEU C 317 -21.75 -7.02 -20.81
N ALA C 318 -20.95 -7.48 -21.76
CA ALA C 318 -21.21 -7.25 -23.19
C ALA C 318 -20.98 -8.53 -24.00
N PRO C 319 -22.03 -9.39 -24.10
CA PRO C 319 -21.89 -10.60 -24.91
C PRO C 319 -21.43 -10.29 -26.34
N ALA C 320 -20.55 -11.14 -26.87
CA ALA C 320 -19.95 -10.87 -28.20
C ALA C 320 -21.00 -10.79 -29.31
N LYS C 321 -21.96 -11.73 -29.30
CA LYS C 321 -23.01 -11.80 -30.33
C LYS C 321 -23.77 -10.47 -30.45
N ALA C 322 -24.22 -9.96 -29.32
CA ALA C 322 -25.02 -8.72 -29.26
C ALA C 322 -24.25 -7.42 -29.53
N THR C 323 -22.91 -7.48 -29.50
CA THR C 323 -22.05 -6.30 -29.69
C THR C 323 -21.23 -6.41 -30.97
N LEU C 324 -20.31 -7.36 -31.00
CA LEU C 324 -19.45 -7.59 -32.17
C LEU C 324 -20.25 -8.15 -33.34
N GLY C 325 -21.07 -9.14 -33.03
CA GLY C 325 -21.89 -9.83 -34.04
C GLY C 325 -22.88 -8.89 -34.70
N GLU C 326 -23.62 -8.16 -33.88
CA GLU C 326 -24.62 -7.18 -34.34
C GLU C 326 -24.00 -6.03 -35.13
N THR C 327 -22.84 -5.54 -34.68
CA THR C 327 -22.13 -4.50 -35.40
C THR C 327 -21.71 -4.99 -36.79
N HIS C 328 -21.21 -6.22 -36.87
CA HIS C 328 -20.83 -6.82 -38.15
C HIS C 328 -22.03 -7.01 -39.08
N ARG C 329 -23.13 -7.51 -38.54
CA ARG C 329 -24.38 -7.69 -39.31
C ARG C 329 -24.86 -6.36 -39.93
N LEU C 330 -24.87 -5.29 -39.13
CA LEU C 330 -25.23 -3.95 -39.62
C LEU C 330 -24.22 -3.35 -40.58
N PHE C 331 -22.94 -3.50 -40.26
CA PHE C 331 -21.85 -2.84 -41.01
C PHE C 331 -20.74 -3.86 -41.41
N PRO C 332 -21.08 -4.82 -42.29
CA PRO C 332 -20.16 -5.91 -42.63
C PRO C 332 -18.87 -5.53 -43.34
N ASN C 333 -18.81 -4.34 -43.94
CA ASN C 333 -17.61 -3.85 -44.63
C ASN C 333 -16.72 -2.97 -43.74
N THR C 334 -17.07 -2.79 -42.48
CA THR C 334 -16.26 -2.05 -41.51
C THR C 334 -15.63 -3.04 -40.54
N MET C 335 -14.31 -3.19 -40.64
CA MET C 335 -13.58 -4.17 -39.84
C MET C 335 -13.65 -3.89 -38.32
N LEU C 336 -13.70 -4.97 -37.55
CA LEU C 336 -13.63 -4.95 -36.11
C LEU C 336 -12.22 -5.42 -35.70
N PHE C 337 -11.60 -4.69 -34.79
CA PHE C 337 -10.22 -4.89 -34.39
C PHE C 337 -10.05 -4.69 -32.88
N ALA C 338 -9.42 -5.64 -32.20
CA ALA C 338 -9.18 -5.54 -30.75
C ALA C 338 -7.84 -4.84 -30.52
N SER C 339 -7.90 -3.61 -30.00
CA SER C 339 -6.73 -2.73 -29.91
C SER C 339 -6.05 -2.64 -28.54
N GLU C 340 -6.69 -3.16 -27.49
CA GLU C 340 -6.08 -3.11 -26.14
C GLU C 340 -6.71 -4.08 -25.17
N ALA C 341 -5.83 -4.78 -24.45
CA ALA C 341 -6.23 -5.68 -23.39
C ALA C 341 -5.09 -5.82 -22.39
N CYS C 342 -5.45 -5.85 -21.11
CA CYS C 342 -4.54 -6.26 -20.04
C CYS C 342 -5.34 -6.75 -18.85
N VAL C 343 -4.71 -7.61 -18.09
CA VAL C 343 -5.27 -8.11 -16.83
C VAL C 343 -4.54 -7.36 -15.71
N GLY C 344 -5.16 -7.35 -14.54
CA GLY C 344 -4.53 -6.85 -13.32
C GLY C 344 -5.01 -5.51 -12.83
N SER C 345 -5.93 -4.87 -13.54
CA SER C 345 -6.38 -3.55 -13.11
C SER C 345 -7.50 -3.59 -12.06
N LYS C 346 -8.07 -4.77 -11.82
CA LYS C 346 -9.17 -4.90 -10.86
C LYS C 346 -8.61 -4.77 -9.43
N PHE C 347 -9.23 -3.92 -8.62
CA PHE C 347 -8.68 -3.52 -7.30
C PHE C 347 -8.43 -4.68 -6.33
N TRP C 348 -9.20 -5.75 -6.48
CA TRP C 348 -9.14 -6.93 -5.60
C TRP C 348 -8.16 -8.00 -6.03
N GLU C 349 -7.49 -7.81 -7.16
CA GLU C 349 -6.46 -8.75 -7.61
C GLU C 349 -5.08 -8.12 -7.54
N GLN C 350 -4.07 -8.95 -7.47
CA GLN C 350 -2.70 -8.49 -7.63
C GLN C 350 -2.52 -7.98 -9.06
N SER C 351 -1.79 -6.88 -9.19
CA SER C 351 -1.46 -6.31 -10.50
C SER C 351 -0.70 -7.32 -11.34
N VAL C 352 0.32 -7.92 -10.72
CA VAL C 352 1.18 -8.90 -11.39
C VAL C 352 1.12 -10.23 -10.64
N ARG C 353 0.79 -11.31 -11.35
CA ARG C 353 0.73 -12.68 -10.79
C ARG C 353 1.64 -13.52 -11.64
N LEU C 354 2.91 -13.56 -11.26
CA LEU C 354 3.94 -14.24 -12.04
C LEU C 354 3.68 -15.73 -12.20
N GLY C 355 3.45 -16.16 -13.44
CA GLY C 355 3.16 -17.56 -13.74
C GLY C 355 1.68 -17.95 -13.75
N SER C 356 0.79 -16.95 -13.77
CA SER C 356 -0.66 -17.21 -13.78
C SER C 356 -1.15 -17.86 -15.07
N TRP C 357 -1.57 -19.11 -14.97
CA TRP C 357 -2.19 -19.81 -16.10
C TRP C 357 -3.56 -19.21 -16.40
N ASP C 358 -4.28 -18.80 -15.36
CA ASP C 358 -5.59 -18.20 -15.54
C ASP C 358 -5.53 -16.99 -16.46
N ARG C 359 -4.52 -16.15 -16.27
CA ARG C 359 -4.38 -14.95 -17.09
C ARG C 359 -4.02 -15.25 -18.54
N GLY C 360 -3.23 -16.31 -18.75
CA GLY C 360 -2.99 -16.85 -20.07
C GLY C 360 -4.29 -17.25 -20.74
N MET C 361 -5.10 -18.04 -20.05
CA MET C 361 -6.41 -18.50 -20.56
C MET C 361 -7.36 -17.36 -20.87
N GLN C 362 -7.30 -16.28 -20.09
CA GLN C 362 -8.12 -15.09 -20.37
C GLN C 362 -7.75 -14.49 -21.72
N TYR C 363 -6.45 -14.44 -22.02
CA TYR C 363 -5.96 -13.94 -23.31
C TYR C 363 -6.44 -14.84 -24.47
N SER C 364 -6.20 -16.14 -24.37
CA SER C 364 -6.55 -17.06 -25.47
C SER C 364 -8.06 -17.21 -25.64
N HIS C 365 -8.81 -17.24 -24.54
CA HIS C 365 -10.28 -17.25 -24.60
C HIS C 365 -10.83 -16.00 -25.29
N SER C 366 -10.29 -14.85 -24.92
CA SER C 366 -10.66 -13.59 -25.56
C SER C 366 -10.34 -13.58 -27.06
N ILE C 367 -9.15 -14.03 -27.45
CA ILE C 367 -8.75 -14.03 -28.86
C ILE C 367 -9.66 -14.92 -29.71
N ILE C 368 -9.96 -16.11 -29.20
CA ILE C 368 -10.84 -17.06 -29.87
C ILE C 368 -12.24 -16.47 -30.08
N THR C 369 -12.83 -15.98 -28.99
CA THR C 369 -14.16 -15.35 -29.02
C THR C 369 -14.19 -14.20 -30.01
N ASN C 370 -13.17 -13.35 -29.98
CA ASN C 370 -13.05 -12.26 -30.92
C ASN C 370 -12.98 -12.77 -32.36
N LEU C 371 -12.16 -13.79 -32.61
CA LEU C 371 -12.00 -14.38 -33.96
C LEU C 371 -13.30 -15.05 -34.45
N LEU C 372 -14.05 -15.65 -33.54
CA LEU C 372 -15.36 -16.23 -33.86
C LEU C 372 -16.47 -15.20 -34.12
N TYR C 373 -16.20 -13.92 -33.80
CA TYR C 373 -17.15 -12.84 -34.03
C TYR C 373 -16.54 -11.71 -34.84
N HIS C 374 -15.88 -12.11 -35.94
CA HIS C 374 -15.48 -11.23 -37.08
C HIS C 374 -14.26 -10.34 -36.85
N VAL C 375 -13.61 -10.45 -35.70
CA VAL C 375 -12.51 -9.56 -35.33
C VAL C 375 -11.25 -9.95 -36.09
N VAL C 376 -10.56 -8.96 -36.64
CA VAL C 376 -9.43 -9.18 -37.58
C VAL C 376 -8.04 -9.11 -36.91
N GLY C 377 -7.99 -8.69 -35.67
CA GLY C 377 -6.73 -8.65 -34.93
C GLY C 377 -6.90 -8.44 -33.44
N TRP C 378 -5.81 -8.64 -32.70
CA TRP C 378 -5.87 -8.56 -31.24
C TRP C 378 -4.54 -8.04 -30.75
N THR C 379 -4.61 -6.99 -29.95
CA THR C 379 -3.44 -6.23 -29.54
C THR C 379 -3.38 -6.17 -28.02
N ASP C 380 -2.28 -6.68 -27.48
CA ASP C 380 -1.96 -6.55 -26.06
C ASP C 380 -1.62 -5.10 -25.71
N TRP C 381 -1.66 -4.78 -24.42
CA TRP C 381 -1.23 -3.47 -23.92
C TRP C 381 0.31 -3.50 -23.75
N ASN C 382 0.84 -3.02 -22.63
CA ASN C 382 2.30 -2.88 -22.45
C ASN C 382 3.06 -4.14 -22.84
N LEU C 383 4.08 -3.97 -23.68
CA LEU C 383 4.93 -5.10 -24.10
C LEU C 383 5.75 -5.69 -22.95
N ALA C 384 6.09 -4.85 -21.99
CA ALA C 384 6.83 -5.27 -20.80
C ALA C 384 6.56 -4.34 -19.63
N LEU C 385 6.57 -4.90 -18.44
CA LEU C 385 6.42 -4.13 -17.20
C LEU C 385 7.39 -4.65 -16.14
N ASN C 386 7.57 -3.85 -15.08
CA ASN C 386 8.39 -4.26 -13.94
C ASN C 386 7.57 -5.17 -13.00
N PRO C 387 8.19 -5.76 -11.95
CA PRO C 387 7.41 -6.70 -11.13
C PRO C 387 6.24 -6.09 -10.37
N GLU C 388 6.27 -4.78 -10.17
CA GLU C 388 5.13 -4.05 -9.58
C GLU C 388 4.01 -3.80 -10.61
N GLY C 389 4.30 -3.98 -11.90
CA GLY C 389 3.34 -3.71 -12.96
C GLY C 389 3.38 -2.26 -13.44
N GLY C 390 4.57 -1.66 -13.37
CA GLY C 390 4.80 -0.28 -13.74
C GLY C 390 6.09 -0.11 -14.56
N PRO C 391 6.61 1.13 -14.64
CA PRO C 391 6.15 2.35 -13.98
C PRO C 391 4.83 2.91 -14.48
N ASN C 392 4.16 3.66 -13.60
CA ASN C 392 2.85 4.25 -13.89
C ASN C 392 2.62 5.39 -12.94
N TRP C 393 2.49 6.61 -13.47
CA TRP C 393 2.49 7.81 -12.63
C TRP C 393 1.25 7.98 -11.75
N VAL C 394 0.17 7.26 -12.03
CA VAL C 394 -1.04 7.23 -11.17
C VAL C 394 -1.25 5.91 -10.41
N ARG C 395 -0.26 5.02 -10.47
CA ARG C 395 -0.33 3.72 -9.78
C ARG C 395 -1.43 2.78 -10.30
N ASN C 396 -1.79 2.93 -11.58
CA ASN C 396 -2.67 1.96 -12.25
C ASN C 396 -1.84 0.78 -12.75
N PHE C 397 -1.30 0.01 -11.82
CA PHE C 397 -0.35 -1.05 -12.13
C PHE C 397 -1.11 -2.26 -12.64
N VAL C 398 -0.57 -2.91 -13.66
CA VAL C 398 -1.23 -4.04 -14.30
C VAL C 398 -0.19 -5.08 -14.68
N ASP C 399 -0.65 -6.20 -15.23
CA ASP C 399 0.22 -7.29 -15.67
C ASP C 399 0.61 -7.10 -17.13
N SER C 400 1.61 -7.87 -17.54
CA SER C 400 2.11 -7.87 -18.92
C SER C 400 2.71 -9.26 -19.22
N PRO C 401 2.71 -9.70 -20.49
CA PRO C 401 3.27 -11.01 -20.82
C PRO C 401 4.76 -11.16 -20.53
N ILE C 402 5.50 -10.04 -20.49
CA ILE C 402 6.90 -10.05 -20.09
C ILE C 402 7.11 -9.11 -18.90
N ILE C 403 7.72 -9.65 -17.85
CA ILE C 403 8.06 -8.89 -16.63
C ILE C 403 9.58 -8.81 -16.54
N VAL C 404 10.09 -7.58 -16.45
CA VAL C 404 11.53 -7.33 -16.43
C VAL C 404 11.97 -7.05 -14.99
N ASP C 405 13.02 -7.73 -14.53
CA ASP C 405 13.66 -7.44 -13.23
C ASP C 405 15.01 -6.74 -13.46
N ILE C 406 14.99 -5.41 -13.40
CA ILE C 406 16.16 -4.56 -13.66
C ILE C 406 17.41 -4.92 -12.83
N THR C 407 17.21 -5.25 -11.57
CA THR C 407 18.33 -5.54 -10.67
C THR C 407 19.08 -6.86 -10.99
N LYS C 408 18.44 -7.76 -11.74
CA LYS C 408 19.01 -9.07 -12.08
C LYS C 408 19.24 -9.29 -13.56
N ASP C 409 19.07 -8.23 -14.36
CA ASP C 409 19.23 -8.27 -15.82
C ASP C 409 18.52 -9.50 -16.39
N THR C 410 17.28 -9.68 -15.92
CA THR C 410 16.46 -10.87 -16.16
C THR C 410 15.06 -10.45 -16.57
N PHE C 411 14.45 -11.23 -17.46
CA PHE C 411 13.02 -11.09 -17.75
C PHE C 411 12.31 -12.44 -17.75
N TYR C 412 11.02 -12.37 -17.43
CA TYR C 412 10.17 -13.53 -17.20
C TYR C 412 9.06 -13.50 -18.24
N LYS C 413 8.93 -14.58 -19.00
CA LYS C 413 7.86 -14.72 -20.00
C LYS C 413 6.73 -15.50 -19.36
N GLN C 414 5.58 -14.83 -19.25
CA GLN C 414 4.42 -15.40 -18.55
C GLN C 414 3.58 -16.30 -19.45
N PRO C 415 2.63 -17.06 -18.86
CA PRO C 415 1.72 -17.82 -19.70
C PRO C 415 0.99 -16.98 -20.75
N MET C 416 0.64 -15.75 -20.40
CA MET C 416 0.07 -14.81 -21.39
C MET C 416 0.89 -14.71 -22.68
N PHE C 417 2.21 -14.68 -22.56
CA PHE C 417 3.09 -14.63 -23.74
C PHE C 417 2.82 -15.79 -24.67
N TYR C 418 2.76 -16.98 -24.11
CA TYR C 418 2.62 -18.22 -24.88
C TYR C 418 1.19 -18.39 -25.40
N HIS C 419 0.19 -18.04 -24.59
CA HIS C 419 -1.20 -18.10 -25.05
C HIS C 419 -1.45 -17.16 -26.22
N LEU C 420 -0.82 -15.99 -26.19
CA LEU C 420 -0.88 -15.05 -27.32
C LEU C 420 -0.10 -15.62 -28.52
N GLY C 421 1.07 -16.18 -28.22
CA GLY C 421 1.95 -16.80 -29.22
C GLY C 421 1.34 -17.94 -30.03
N HIS C 422 0.46 -18.69 -29.39
CA HIS C 422 -0.28 -19.77 -30.08
C HIS C 422 -1.12 -19.28 -31.28
N PHE C 423 -1.44 -17.97 -31.30
CA PHE C 423 -2.13 -17.31 -32.42
C PHE C 423 -1.16 -16.52 -33.25
N SER C 424 -0.44 -15.59 -32.63
CA SER C 424 0.45 -14.66 -33.36
C SER C 424 1.50 -15.35 -34.21
N LYS C 425 2.07 -16.44 -33.71
CA LYS C 425 3.14 -17.15 -34.43
C LYS C 425 2.62 -17.89 -35.66
N PHE C 426 1.35 -18.30 -35.63
CA PHE C 426 0.81 -19.27 -36.59
C PHE C 426 -0.36 -18.77 -37.44
N ILE C 427 -0.66 -17.48 -37.33
CA ILE C 427 -1.78 -16.87 -38.05
C ILE C 427 -1.24 -15.61 -38.69
N PRO C 428 -0.55 -15.77 -39.83
CA PRO C 428 -0.01 -14.58 -40.50
C PRO C 428 -1.09 -13.68 -41.10
N GLU C 429 -0.70 -12.45 -41.41
CA GLU C 429 -1.59 -11.47 -42.02
C GLU C 429 -2.14 -12.03 -43.34
N GLY C 430 -3.44 -11.82 -43.55
CA GLY C 430 -4.12 -12.36 -44.71
C GLY C 430 -4.71 -13.75 -44.51
N SER C 431 -4.46 -14.37 -43.36
CA SER C 431 -5.12 -15.64 -43.03
C SER C 431 -6.62 -15.38 -42.94
N GLN C 432 -7.41 -16.41 -43.20
CA GLN C 432 -8.87 -16.23 -43.22
C GLN C 432 -9.53 -17.23 -42.32
N ARG C 433 -10.42 -16.76 -41.45
CA ARG C 433 -11.15 -17.68 -40.59
C ARG C 433 -12.10 -18.49 -41.46
N VAL C 434 -12.15 -19.78 -41.18
CA VAL C 434 -13.05 -20.69 -41.87
C VAL C 434 -13.90 -21.45 -40.86
N GLY C 435 -14.93 -22.12 -41.37
CA GLY C 435 -15.84 -22.85 -40.52
C GLY C 435 -15.18 -24.02 -39.80
N LEU C 436 -15.68 -24.31 -38.60
CA LEU C 436 -15.27 -25.48 -37.83
C LEU C 436 -16.45 -25.85 -36.95
N VAL C 437 -16.99 -27.05 -37.16
CA VAL C 437 -18.21 -27.50 -36.47
C VAL C 437 -17.92 -28.71 -35.61
N ALA C 438 -18.59 -28.74 -34.46
CA ALA C 438 -18.43 -29.81 -33.48
C ALA C 438 -19.56 -30.82 -33.65
N SER C 439 -19.22 -32.10 -33.59
CA SER C 439 -20.20 -33.19 -33.67
C SER C 439 -21.11 -33.27 -32.45
N GLN C 440 -20.64 -32.76 -31.31
CA GLN C 440 -21.43 -32.70 -30.07
C GLN C 440 -21.02 -31.52 -29.19
N LYS C 441 -21.83 -31.26 -28.17
CA LYS C 441 -21.55 -30.22 -27.18
C LYS C 441 -20.25 -30.54 -26.43
N ASN C 442 -19.46 -29.51 -26.19
CA ASN C 442 -18.14 -29.68 -25.54
C ASN C 442 -17.70 -28.41 -24.82
N ASP C 443 -16.67 -28.55 -23.99
CA ASP C 443 -16.13 -27.45 -23.18
C ASP C 443 -14.91 -26.74 -23.80
N LEU C 444 -14.55 -27.13 -25.03
CA LEU C 444 -13.38 -26.56 -25.67
C LEU C 444 -13.71 -25.25 -26.34
N ASP C 445 -12.70 -24.41 -26.48
CA ASP C 445 -12.79 -23.22 -27.34
C ASP C 445 -11.86 -23.50 -28.52
N ALA C 446 -12.37 -23.31 -29.73
CA ALA C 446 -11.61 -23.62 -30.93
C ALA C 446 -11.93 -22.69 -32.07
N VAL C 447 -10.92 -22.47 -32.91
CA VAL C 447 -11.06 -21.65 -34.12
C VAL C 447 -10.17 -22.25 -35.21
N ALA C 448 -10.64 -22.16 -36.45
CA ALA C 448 -9.90 -22.64 -37.63
C ALA C 448 -9.71 -21.51 -38.61
N LEU C 449 -8.52 -21.44 -39.17
CA LEU C 449 -8.22 -20.49 -40.23
C LEU C 449 -7.41 -21.17 -41.33
N MET C 450 -7.37 -20.50 -42.47
CA MET C 450 -6.55 -20.92 -43.59
C MET C 450 -5.55 -19.82 -43.89
N HIS C 451 -4.28 -20.20 -43.99
CA HIS C 451 -3.21 -19.26 -44.38
C HIS C 451 -3.43 -18.83 -45.83
N PRO C 452 -2.77 -17.74 -46.29
CA PRO C 452 -2.85 -17.35 -47.71
C PRO C 452 -2.43 -18.46 -48.69
N ASP C 453 -1.43 -19.25 -48.33
CA ASP C 453 -0.99 -20.40 -49.14
C ASP C 453 -1.93 -21.63 -49.12
N GLY C 454 -3.05 -21.58 -48.41
CA GLY C 454 -4.03 -22.67 -48.35
C GLY C 454 -3.85 -23.67 -47.22
N SER C 455 -2.73 -23.62 -46.51
CA SER C 455 -2.51 -24.52 -45.35
C SER C 455 -3.45 -24.16 -44.20
N ALA C 456 -3.71 -25.15 -43.36
CA ALA C 456 -4.69 -25.03 -42.28
C ALA C 456 -4.02 -24.73 -40.95
N VAL C 457 -4.73 -23.98 -40.10
CA VAL C 457 -4.32 -23.76 -38.70
C VAL C 457 -5.57 -23.88 -37.83
N VAL C 458 -5.45 -24.66 -36.76
CA VAL C 458 -6.51 -24.76 -35.76
C VAL C 458 -5.91 -24.56 -34.37
N VAL C 459 -6.53 -23.68 -33.58
CA VAL C 459 -6.17 -23.50 -32.17
C VAL C 459 -7.27 -24.12 -31.30
N VAL C 460 -6.84 -24.94 -30.34
CA VAL C 460 -7.76 -25.59 -29.40
C VAL C 460 -7.35 -25.24 -27.96
N LEU C 461 -8.26 -24.59 -27.24
CA LEU C 461 -8.06 -24.21 -25.84
C LEU C 461 -8.98 -25.06 -24.95
N ASN C 462 -8.37 -25.72 -23.97
CA ASN C 462 -9.11 -26.47 -22.95
C ASN C 462 -8.95 -25.78 -21.59
N ARG C 463 -10.00 -25.07 -21.18
CA ARG C 463 -10.05 -24.39 -19.87
C ARG C 463 -10.60 -25.28 -18.75
N SER C 464 -11.08 -26.47 -19.09
CA SER C 464 -11.51 -27.45 -18.10
C SER C 464 -10.32 -28.25 -17.58
N SER C 465 -10.55 -29.00 -16.52
CA SER C 465 -9.56 -29.94 -15.95
C SER C 465 -9.56 -31.33 -16.60
N LYS C 466 -10.55 -31.62 -17.43
CA LYS C 466 -10.72 -32.94 -18.06
C LYS C 466 -10.03 -33.03 -19.43
N ASP C 467 -9.22 -34.07 -19.61
CA ASP C 467 -8.65 -34.41 -20.91
C ASP C 467 -9.77 -34.79 -21.88
N VAL C 468 -9.76 -34.21 -23.07
CA VAL C 468 -10.81 -34.44 -24.05
C VAL C 468 -10.18 -35.09 -25.29
N PRO C 469 -10.44 -36.39 -25.53
CA PRO C 469 -10.00 -37.01 -26.78
C PRO C 469 -10.75 -36.38 -27.93
N LEU C 470 -10.07 -36.12 -29.04
CA LEU C 470 -10.76 -35.49 -30.16
C LEU C 470 -10.12 -35.79 -31.50
N THR C 471 -10.92 -35.60 -32.54
CA THR C 471 -10.50 -35.81 -33.91
C THR C 471 -10.84 -34.59 -34.70
N ILE C 472 -9.89 -34.15 -35.53
CA ILE C 472 -10.13 -33.05 -36.46
C ILE C 472 -10.24 -33.66 -37.86
N LYS C 473 -11.38 -33.43 -38.51
CA LYS C 473 -11.62 -33.89 -39.87
C LYS C 473 -11.39 -32.76 -40.86
N ASP C 474 -10.45 -32.98 -41.78
CA ASP C 474 -10.29 -32.14 -42.96
C ASP C 474 -10.75 -33.00 -44.15
N PRO C 475 -11.82 -32.58 -44.87
CA PRO C 475 -12.34 -33.38 -46.00
C PRO C 475 -11.30 -33.66 -47.11
N ALA C 476 -10.38 -32.73 -47.31
CA ALA C 476 -9.31 -32.86 -48.31
C ALA C 476 -8.23 -33.88 -47.97
N VAL C 477 -7.76 -33.89 -46.72
CA VAL C 477 -6.59 -34.72 -46.30
C VAL C 477 -6.89 -35.92 -45.42
N GLY C 478 -7.94 -35.85 -44.59
CA GLY C 478 -8.28 -36.93 -43.66
C GLY C 478 -8.44 -36.48 -42.22
N PHE C 479 -8.05 -37.37 -41.30
CA PHE C 479 -8.38 -37.24 -39.87
C PHE C 479 -7.12 -37.09 -39.01
N LEU C 480 -7.12 -36.07 -38.15
CA LEU C 480 -6.09 -35.86 -37.11
C LEU C 480 -6.60 -36.37 -35.77
N GLU C 481 -5.99 -37.45 -35.29
CA GLU C 481 -6.36 -38.04 -34.00
C GLU C 481 -5.48 -37.44 -32.92
N THR C 482 -6.11 -36.90 -31.88
CA THR C 482 -5.37 -36.20 -30.82
C THR C 482 -6.13 -36.18 -29.49
N ILE C 483 -5.48 -35.64 -28.47
CA ILE C 483 -6.11 -35.41 -27.15
C ILE C 483 -5.85 -33.95 -26.80
N SER C 484 -6.86 -33.30 -26.22
CA SER C 484 -6.72 -31.95 -25.65
C SER C 484 -6.66 -32.09 -24.12
N PRO C 485 -5.44 -32.04 -23.53
CA PRO C 485 -5.39 -32.20 -22.08
C PRO C 485 -6.09 -31.08 -21.33
N GLY C 486 -6.44 -31.36 -20.08
CA GLY C 486 -6.98 -30.34 -19.18
C GLY C 486 -5.96 -29.21 -19.03
N TYR C 487 -6.43 -27.98 -19.04
CA TYR C 487 -5.56 -26.79 -18.86
C TYR C 487 -4.40 -26.82 -19.86
N SER C 488 -4.79 -26.84 -21.13
CA SER C 488 -3.85 -26.84 -22.23
C SER C 488 -4.31 -25.91 -23.34
N ILE C 489 -3.37 -25.56 -24.20
CA ILE C 489 -3.69 -24.90 -25.46
C ILE C 489 -2.78 -25.53 -26.52
N HIS C 490 -3.38 -25.86 -27.66
CA HIS C 490 -2.69 -26.52 -28.78
C HIS C 490 -2.92 -25.66 -30.03
N THR C 491 -1.89 -25.52 -30.85
CA THR C 491 -2.05 -25.04 -32.22
C THR C 491 -1.68 -26.19 -33.17
N TYR C 492 -2.60 -26.51 -34.09
CA TYR C 492 -2.40 -27.55 -35.11
C TYR C 492 -2.19 -26.89 -36.47
N LEU C 493 -1.20 -27.36 -37.22
CA LEU C 493 -0.93 -26.89 -38.58
C LEU C 493 -0.74 -28.06 -39.53
N TRP C 494 -1.26 -27.92 -40.75
CA TRP C 494 -1.04 -28.93 -41.80
C TRP C 494 -1.27 -28.41 -43.22
N ARG C 495 -0.52 -28.96 -44.17
CA ARG C 495 -0.73 -28.72 -45.62
C ARG C 495 -1.99 -29.44 -46.08
N ARG C 496 -2.72 -28.89 -47.05
CA ARG C 496 -4.06 -29.40 -47.44
C ARG C 496 -4.16 -30.24 -48.74
N ALA D 1 -25.28 24.50 20.50
CA ALA D 1 -24.46 24.42 21.75
C ALA D 1 -22.95 24.55 21.46
N ARG D 2 -22.44 23.72 20.54
CA ARG D 2 -21.01 23.70 20.22
C ARG D 2 -20.77 23.72 18.70
N PRO D 3 -19.98 24.70 18.21
CA PRO D 3 -19.77 24.78 16.76
C PRO D 3 -18.76 23.76 16.21
N CYS D 4 -18.78 23.62 14.89
CA CYS D 4 -17.81 22.84 14.11
C CYS D 4 -16.39 23.33 14.37
N ILE D 5 -15.46 22.41 14.63
CA ILE D 5 -14.02 22.71 14.59
C ILE D 5 -13.55 22.33 13.18
N PRO D 6 -13.36 23.33 12.29
CA PRO D 6 -13.07 22.99 10.90
C PRO D 6 -11.63 22.50 10.69
N LYS D 7 -11.46 21.62 9.71
CA LYS D 7 -10.14 21.17 9.31
C LYS D 7 -10.16 20.84 7.84
N SER D 8 -9.16 21.34 7.11
CA SER D 8 -9.07 21.14 5.69
C SER D 8 -8.02 20.07 5.39
N PHE D 9 -8.32 19.19 4.43
CA PHE D 9 -7.39 18.16 3.96
C PHE D 9 -7.04 18.35 2.48
N GLY D 10 -7.29 19.56 1.97
CA GLY D 10 -6.97 19.91 0.58
C GLY D 10 -8.06 19.73 -0.45
N TYR D 11 -9.25 19.29 -0.02
CA TYR D 11 -10.39 19.14 -0.94
C TYR D 11 -11.26 20.39 -0.85
N SER D 12 -12.44 20.38 -1.49
CA SER D 12 -13.21 21.61 -1.72
C SER D 12 -13.77 22.27 -0.45
N SER D 13 -13.90 21.52 0.64
CA SER D 13 -14.42 22.07 1.88
C SER D 13 -13.80 21.41 3.09
N VAL D 14 -14.31 21.74 4.28
CA VAL D 14 -13.74 21.27 5.53
C VAL D 14 -14.51 20.08 6.13
N VAL D 15 -13.81 19.34 6.99
CA VAL D 15 -14.46 18.40 7.90
C VAL D 15 -14.56 19.07 9.26
N CYS D 16 -15.42 18.51 10.11
CA CYS D 16 -15.56 18.97 11.48
C CYS D 16 -14.90 17.94 12.39
N VAL D 17 -13.99 18.40 13.24
CA VAL D 17 -13.17 17.53 14.06
C VAL D 17 -13.82 17.28 15.40
N CYS D 18 -13.90 16.01 15.78
CA CYS D 18 -14.42 15.60 17.08
C CYS D 18 -13.45 14.67 17.76
N ASN D 19 -13.53 14.62 19.08
CA ASN D 19 -12.64 13.78 19.88
C ASN D 19 -13.33 13.39 21.20
N ALA D 20 -12.56 12.95 22.21
CA ALA D 20 -13.13 12.46 23.50
C ALA D 20 -13.88 13.50 24.32
N THR D 21 -13.50 14.76 24.19
CA THR D 21 -14.05 15.86 25.00
C THR D 21 -14.81 16.92 24.21
N TYR D 22 -14.82 16.82 22.89
CA TYR D 22 -15.49 17.82 22.06
C TYR D 22 -16.09 17.20 20.80
N CYS D 23 -17.36 17.53 20.54
CA CYS D 23 -17.94 17.35 19.21
C CYS D 23 -18.98 18.42 18.99
N ASP D 24 -19.15 18.82 17.73
CA ASP D 24 -20.14 19.86 17.41
C ASP D 24 -21.54 19.29 17.62
N SER D 25 -22.46 20.13 18.09
CA SER D 25 -23.79 19.68 18.49
C SER D 25 -24.80 20.81 18.47
N PHE D 26 -26.07 20.43 18.47
CA PHE D 26 -27.18 21.38 18.49
C PHE D 26 -27.75 21.54 19.89
N ASP D 27 -28.39 22.69 20.10
CA ASP D 27 -29.27 22.87 21.28
C ASP D 27 -30.55 22.07 21.10
N PRO D 28 -31.29 21.83 22.20
CA PRO D 28 -32.58 21.13 22.05
C PRO D 28 -33.52 21.84 21.06
N PRO D 29 -34.33 21.08 20.30
CA PRO D 29 -35.22 21.71 19.32
C PRO D 29 -36.20 22.69 19.96
N THR D 30 -36.15 23.94 19.51
CA THR D 30 -37.12 24.96 19.87
C THR D 30 -38.14 25.11 18.74
N PHE D 31 -39.40 25.36 19.11
CA PHE D 31 -40.47 25.62 18.16
C PHE D 31 -40.73 27.14 18.13
N PRO D 32 -40.21 27.86 17.10
CA PRO D 32 -40.36 29.31 17.09
C PRO D 32 -41.78 29.75 16.73
N ALA D 33 -42.11 30.97 17.11
CA ALA D 33 -43.49 31.49 17.06
C ALA D 33 -44.03 31.59 15.64
N LEU D 34 -45.35 31.46 15.53
CA LEU D 34 -46.06 31.67 14.25
C LEU D 34 -45.76 33.07 13.72
N GLY D 35 -45.46 33.14 12.43
CA GLY D 35 -44.97 34.38 11.78
C GLY D 35 -43.45 34.49 11.59
N THR D 36 -42.71 33.54 12.17
CA THR D 36 -41.26 33.45 12.05
C THR D 36 -40.86 32.12 11.44
N PHE D 37 -39.72 32.13 10.72
CA PHE D 37 -39.13 30.90 10.19
C PHE D 37 -37.73 30.66 10.75
N SER D 38 -37.35 29.39 10.84
CA SER D 38 -35.99 28.96 11.12
C SER D 38 -35.30 28.55 9.80
N ARG D 39 -34.03 28.94 9.66
CA ARG D 39 -33.17 28.50 8.55
C ARG D 39 -31.92 27.83 9.13
N TYR D 40 -31.63 26.62 8.68
CA TYR D 40 -30.34 25.96 8.92
C TYR D 40 -29.56 25.98 7.63
N GLU D 41 -28.31 26.45 7.69
CA GLU D 41 -27.47 26.67 6.51
C GLU D 41 -26.13 25.94 6.62
N SER D 42 -25.78 25.21 5.55
CA SER D 42 -24.45 24.66 5.37
C SER D 42 -23.90 25.14 4.03
N THR D 43 -22.61 25.49 4.01
CA THR D 43 -21.96 26.00 2.80
C THR D 43 -20.61 25.34 2.59
N ARG D 44 -20.20 25.31 1.33
CA ARG D 44 -18.87 24.87 0.97
C ARG D 44 -17.79 25.68 1.67
N SER D 45 -18.04 26.98 1.82
CA SER D 45 -17.13 27.91 2.51
C SER D 45 -16.90 27.64 3.98
N GLY D 46 -17.73 26.81 4.61
CA GLY D 46 -17.47 26.34 5.98
C GLY D 46 -18.61 26.33 6.98
N ARG D 47 -19.75 26.94 6.66
CA ARG D 47 -20.89 26.93 7.58
C ARG D 47 -21.47 25.51 7.70
N ARG D 48 -21.80 25.13 8.92
CA ARG D 48 -22.31 23.78 9.19
C ARG D 48 -23.60 23.84 10.00
N MET D 49 -24.73 23.65 9.29
CA MET D 49 -26.09 23.66 9.87
C MET D 49 -26.29 24.80 10.89
N GLU D 50 -25.89 26.00 10.48
CA GLU D 50 -25.99 27.20 11.33
C GLU D 50 -27.42 27.74 11.36
N LEU D 51 -27.90 28.02 12.58
CA LEU D 51 -29.27 28.45 12.83
C LEU D 51 -29.40 29.96 12.76
N SER D 52 -30.29 30.42 11.89
CA SER D 52 -30.76 31.80 11.88
C SER D 52 -32.28 31.83 11.84
N MET D 53 -32.84 33.00 12.07
CA MET D 53 -34.29 33.23 12.06
C MET D 53 -34.66 34.51 11.34
N GLY D 54 -35.89 34.56 10.86
CA GLY D 54 -36.39 35.70 10.09
C GLY D 54 -37.91 35.79 10.10
N PRO D 55 -38.45 36.94 9.66
CA PRO D 55 -39.89 37.10 9.63
C PRO D 55 -40.51 36.51 8.36
N ILE D 56 -41.72 36.00 8.49
CA ILE D 56 -42.56 35.68 7.35
C ILE D 56 -43.35 36.95 7.07
N GLN D 57 -43.16 37.52 5.87
CA GLN D 57 -43.73 38.82 5.52
C GLN D 57 -45.10 38.68 4.86
N ALA D 58 -45.94 39.69 5.09
CA ALA D 58 -47.31 39.71 4.57
C ALA D 58 -47.36 39.88 3.05
N ASN D 59 -46.51 40.76 2.53
CA ASN D 59 -46.50 41.10 1.10
C ASN D 59 -45.17 40.81 0.43
N HIS D 60 -45.22 40.67 -0.88
CA HIS D 60 -44.04 40.44 -1.71
C HIS D 60 -44.21 41.05 -3.11
N THR D 61 -43.23 41.85 -3.51
CA THR D 61 -43.15 42.40 -4.87
C THR D 61 -41.80 42.02 -5.46
N GLY D 62 -41.75 41.93 -6.79
CA GLY D 62 -40.52 41.63 -7.52
C GLY D 62 -40.74 40.56 -8.58
N THR D 63 -39.76 40.42 -9.47
CA THR D 63 -39.76 39.38 -10.51
C THR D 63 -38.83 38.20 -10.17
N GLY D 64 -38.37 38.12 -8.92
CA GLY D 64 -37.45 37.06 -8.49
C GLY D 64 -38.08 35.67 -8.45
N LEU D 65 -37.24 34.67 -8.21
CA LEU D 65 -37.69 33.29 -8.17
C LEU D 65 -38.63 33.07 -6.98
N LEU D 66 -39.81 32.53 -7.25
CA LEU D 66 -40.81 32.23 -6.24
C LEU D 66 -41.03 30.73 -6.21
N LEU D 67 -40.92 30.14 -5.02
CA LEU D 67 -41.30 28.75 -4.78
C LEU D 67 -42.58 28.79 -3.96
N THR D 68 -43.63 28.18 -4.48
CA THR D 68 -44.96 28.28 -3.87
C THR D 68 -45.36 26.92 -3.31
N LEU D 69 -45.56 26.89 -1.99
CA LEU D 69 -46.02 25.68 -1.29
C LEU D 69 -47.45 25.36 -1.72
N GLN D 70 -47.71 24.07 -1.92
CA GLN D 70 -49.05 23.57 -2.30
C GLN D 70 -49.45 22.53 -1.27
N PRO D 71 -49.89 22.97 -0.08
CA PRO D 71 -50.13 22.05 1.03
C PRO D 71 -51.24 21.01 0.81
N GLU D 72 -52.15 21.27 -0.12
CA GLU D 72 -53.23 20.33 -0.45
C GLU D 72 -52.83 19.25 -1.46
N GLN D 73 -51.73 19.45 -2.18
CA GLN D 73 -51.12 18.40 -3.02
C GLN D 73 -50.29 17.50 -2.11
N LYS D 74 -50.84 16.34 -1.78
CA LYS D 74 -50.25 15.40 -0.80
C LYS D 74 -49.68 14.18 -1.52
N PHE D 75 -48.49 13.72 -1.10
CA PHE D 75 -47.83 12.57 -1.73
C PHE D 75 -47.46 11.53 -0.64
N GLN D 76 -46.27 10.93 -0.72
CA GLN D 76 -45.90 9.82 0.18
C GLN D 76 -45.63 10.32 1.60
N LYS D 77 -45.74 9.40 2.55
CA LYS D 77 -45.33 9.62 3.92
C LYS D 77 -43.95 9.01 4.16
N VAL D 78 -43.15 9.70 4.99
CA VAL D 78 -41.75 9.34 5.21
C VAL D 78 -41.62 8.30 6.31
N LYS D 79 -40.85 7.25 6.03
CA LYS D 79 -40.47 6.24 7.04
C LYS D 79 -39.28 6.76 7.84
N GLY D 80 -38.23 7.18 7.15
CA GLY D 80 -37.05 7.75 7.82
C GLY D 80 -35.73 7.75 7.09
N PHE D 81 -34.68 8.00 7.86
CA PHE D 81 -33.31 8.16 7.36
C PHE D 81 -32.32 7.50 8.30
N GLY D 82 -31.24 6.97 7.73
CA GLY D 82 -30.20 6.41 8.56
C GLY D 82 -29.01 5.84 7.81
N GLY D 83 -28.34 4.88 8.43
CA GLY D 83 -27.15 4.25 7.87
C GLY D 83 -26.92 2.84 8.40
N ALA D 84 -25.80 2.25 7.99
CA ALA D 84 -25.56 0.82 8.19
C ALA D 84 -24.53 0.50 9.26
N MET D 85 -24.90 -0.39 10.18
CA MET D 85 -24.01 -0.90 11.22
C MET D 85 -23.32 -2.16 10.71
N THR D 86 -22.35 -1.95 9.83
CA THR D 86 -21.49 -3.02 9.35
C THR D 86 -20.46 -3.41 10.42
N ASP D 87 -19.78 -4.53 10.19
CA ASP D 87 -18.62 -4.91 11.01
C ASP D 87 -17.57 -3.79 10.96
N ALA D 88 -17.31 -3.26 9.77
CA ALA D 88 -16.32 -2.19 9.58
C ALA D 88 -16.70 -0.95 10.39
N ALA D 89 -17.97 -0.57 10.31
CA ALA D 89 -18.48 0.59 11.04
C ALA D 89 -18.33 0.41 12.53
N ALA D 90 -18.74 -0.75 13.02
CA ALA D 90 -18.67 -1.08 14.45
C ALA D 90 -17.23 -1.09 14.98
N LEU D 91 -16.33 -1.67 14.18
CA LEU D 91 -14.90 -1.76 14.52
C LEU D 91 -14.28 -0.35 14.65
N ASN D 92 -14.60 0.50 13.68
CA ASN D 92 -14.14 1.89 13.69
C ASN D 92 -14.66 2.70 14.87
N ILE D 93 -15.95 2.55 15.19
CA ILE D 93 -16.55 3.25 16.34
C ILE D 93 -15.89 2.78 17.64
N LEU D 94 -15.74 1.47 17.81
CA LEU D 94 -15.13 0.89 19.02
C LEU D 94 -13.61 1.07 19.13
N ALA D 95 -12.97 1.47 18.04
CA ALA D 95 -11.58 1.96 18.06
C ALA D 95 -11.38 3.26 18.86
N LEU D 96 -12.46 4.05 18.99
CA LEU D 96 -12.41 5.26 19.80
C LEU D 96 -12.53 4.92 21.29
N SER D 97 -12.08 5.84 22.14
CA SER D 97 -12.34 5.75 23.58
C SER D 97 -13.85 5.94 23.84
N PRO D 98 -14.38 5.35 24.93
CA PRO D 98 -15.84 5.42 25.19
C PRO D 98 -16.50 6.81 25.12
N PRO D 99 -15.85 7.87 25.67
CA PRO D 99 -16.51 9.18 25.54
C PRO D 99 -16.61 9.66 24.08
N ALA D 100 -15.58 9.39 23.28
CA ALA D 100 -15.59 9.73 21.85
C ALA D 100 -16.66 8.92 21.11
N GLN D 101 -16.76 7.65 21.47
CA GLN D 101 -17.81 6.76 20.92
C GLN D 101 -19.19 7.35 21.12
N ASN D 102 -19.45 7.81 22.34
CA ASN D 102 -20.75 8.40 22.68
C ASN D 102 -21.04 9.69 21.93
N LEU D 103 -20.02 10.51 21.71
CA LEU D 103 -20.17 11.71 20.88
C LEU D 103 -20.47 11.39 19.41
N LEU D 104 -19.89 10.31 18.90
CA LEU D 104 -20.17 9.86 17.54
C LEU D 104 -21.61 9.35 17.43
N LEU D 105 -21.99 8.47 18.34
CA LEU D 105 -23.36 7.96 18.38
C LEU D 105 -24.38 9.08 18.59
N LYS D 106 -24.08 10.03 19.49
CA LYS D 106 -24.95 11.20 19.68
C LYS D 106 -25.10 12.03 18.40
N SER D 107 -24.00 12.18 17.65
CA SER D 107 -24.01 12.93 16.39
C SER D 107 -25.04 12.39 15.41
N TYR D 108 -25.14 11.08 15.33
CA TYR D 108 -26.07 10.41 14.43
C TYR D 108 -27.48 10.29 14.98
N PHE D 109 -27.60 9.89 16.24
CA PHE D 109 -28.87 9.36 16.77
C PHE D 109 -29.65 10.26 17.73
N SER D 110 -29.01 11.23 18.39
CA SER D 110 -29.71 12.10 19.35
C SER D 110 -30.30 13.34 18.67
N GLU D 111 -31.12 14.06 19.43
CA GLU D 111 -31.71 15.33 18.96
C GLU D 111 -30.66 16.45 19.00
N GLU D 112 -29.58 16.22 19.75
CA GLU D 112 -28.41 17.10 19.73
C GLU D 112 -27.52 16.82 18.51
N GLY D 113 -27.81 15.73 17.80
CA GLY D 113 -27.23 15.42 16.50
C GLY D 113 -28.25 15.53 15.37
N ILE D 114 -28.22 14.57 14.44
CA ILE D 114 -29.07 14.64 13.23
C ILE D 114 -30.25 13.63 13.18
N GLY D 115 -30.52 12.95 14.28
CA GLY D 115 -31.82 12.27 14.49
C GLY D 115 -32.14 11.09 13.56
N TYR D 116 -31.12 10.30 13.23
CA TYR D 116 -31.30 9.06 12.48
C TYR D 116 -32.35 8.16 13.14
N ASN D 117 -33.25 7.58 12.35
CA ASN D 117 -34.23 6.61 12.86
C ASN D 117 -34.25 5.27 12.13
N ILE D 118 -33.21 5.02 11.32
CA ILE D 118 -33.04 3.74 10.63
C ILE D 118 -31.61 3.26 10.83
N ILE D 119 -31.47 1.96 11.12
CA ILE D 119 -30.17 1.30 11.11
C ILE D 119 -30.30 0.04 10.25
N ARG D 120 -29.45 -0.07 9.23
CA ARG D 120 -29.39 -1.26 8.40
C ARG D 120 -28.32 -2.20 8.96
N VAL D 121 -28.68 -3.48 9.12
CA VAL D 121 -27.83 -4.47 9.78
C VAL D 121 -27.60 -5.62 8.80
N PRO D 122 -26.35 -5.83 8.36
CA PRO D 122 -26.11 -7.02 7.55
C PRO D 122 -26.32 -8.31 8.32
N MET D 123 -26.88 -9.31 7.63
CA MET D 123 -27.03 -10.65 8.21
C MET D 123 -25.74 -11.39 7.88
N ALA D 124 -24.85 -11.41 8.86
CA ALA D 124 -23.52 -11.99 8.76
C ALA D 124 -22.61 -11.14 7.86
N SER D 125 -21.59 -11.73 7.24
CA SER D 125 -20.49 -10.95 6.67
C SER D 125 -20.82 -10.34 5.30
N CYS D 126 -20.22 -9.19 5.01
CA CYS D 126 -20.18 -8.61 3.65
C CYS D 126 -18.73 -8.21 3.35
N ASP D 127 -18.52 -7.43 2.30
CA ASP D 127 -17.17 -6.94 1.99
C ASP D 127 -16.60 -6.05 3.10
N PHE D 128 -17.46 -5.31 3.81
CA PHE D 128 -17.06 -4.51 4.97
C PHE D 128 -17.02 -5.31 6.26
N SER D 129 -16.21 -6.37 6.18
CA SER D 129 -15.96 -7.32 7.26
C SER D 129 -14.50 -7.72 7.14
N ILE D 130 -13.92 -8.23 8.21
CA ILE D 130 -12.52 -8.70 8.22
C ILE D 130 -12.37 -10.19 7.92
N ARG D 131 -13.50 -10.89 7.81
CA ARG D 131 -13.50 -12.29 7.41
C ARG D 131 -14.85 -12.69 6.82
N THR D 132 -14.87 -13.84 6.17
CA THR D 132 -16.03 -14.31 5.45
C THR D 132 -16.58 -15.28 6.51
N TYR D 133 -17.83 -15.09 6.92
CA TYR D 133 -18.49 -15.96 7.86
C TYR D 133 -19.97 -15.83 7.56
N THR D 134 -20.69 -16.91 7.82
CA THR D 134 -22.15 -16.89 7.90
C THR D 134 -22.48 -17.31 9.31
N TYR D 135 -23.76 -17.32 9.63
CA TYR D 135 -24.23 -17.82 10.92
C TYR D 135 -24.28 -19.34 11.05
N ALA D 136 -24.11 -20.06 9.94
CA ALA D 136 -24.22 -21.52 9.91
C ALA D 136 -23.20 -22.13 8.96
N ASP D 137 -21.93 -22.02 9.33
CA ASP D 137 -20.81 -22.51 8.51
C ASP D 137 -20.49 -23.99 8.69
N THR D 138 -20.96 -24.62 9.76
CA THR D 138 -20.85 -26.09 9.92
C THR D 138 -21.56 -26.79 8.74
N PRO D 139 -20.82 -27.55 7.91
CA PRO D 139 -21.39 -28.06 6.65
C PRO D 139 -22.63 -28.92 6.80
N ASP D 140 -23.50 -28.84 5.80
CA ASP D 140 -24.71 -29.64 5.69
C ASP D 140 -25.60 -29.68 6.94
N ASP D 141 -25.68 -28.55 7.64
CA ASP D 141 -26.52 -28.40 8.82
C ASP D 141 -27.92 -27.87 8.41
N PHE D 142 -28.68 -28.69 7.68
CA PHE D 142 -30.00 -28.26 7.15
C PHE D 142 -31.03 -27.94 8.24
N GLN D 143 -30.85 -28.56 9.40
CA GLN D 143 -31.60 -28.22 10.61
C GLN D 143 -31.19 -26.92 11.32
N LEU D 144 -30.00 -26.42 11.00
CA LEU D 144 -29.46 -25.20 11.62
C LEU D 144 -29.33 -25.36 13.13
N HIS D 145 -28.89 -26.55 13.56
CA HIS D 145 -28.55 -26.81 14.97
C HIS D 145 -27.35 -26.00 15.44
N ASN D 146 -26.40 -25.76 14.54
CA ASN D 146 -25.20 -24.97 14.83
C ASN D 146 -25.26 -23.50 14.33
N PHE D 147 -26.48 -22.99 14.12
CA PHE D 147 -26.68 -21.56 13.86
C PHE D 147 -26.26 -20.79 15.11
N SER D 148 -25.35 -19.82 14.94
CA SER D 148 -25.03 -18.91 16.04
C SER D 148 -24.43 -17.59 15.57
N LEU D 149 -24.65 -16.58 16.42
CA LEU D 149 -24.10 -15.24 16.22
C LEU D 149 -22.67 -15.18 16.73
N PRO D 150 -21.71 -14.85 15.84
CA PRO D 150 -20.33 -14.74 16.28
C PRO D 150 -20.07 -13.41 17.02
N GLU D 151 -18.82 -13.21 17.42
CA GLU D 151 -18.35 -11.99 18.11
C GLU D 151 -18.74 -10.68 17.41
N GLU D 152 -18.72 -10.66 16.08
CA GLU D 152 -19.08 -9.45 15.31
C GLU D 152 -20.45 -8.93 15.71
N ASP D 153 -21.41 -9.83 15.91
CA ASP D 153 -22.75 -9.43 16.32
C ASP D 153 -22.83 -9.17 17.83
N THR D 154 -22.38 -10.15 18.60
CA THR D 154 -22.61 -10.14 20.08
C THR D 154 -21.77 -9.11 20.85
N LYS D 155 -20.53 -8.90 20.40
CA LYS D 155 -19.62 -7.95 21.05
C LYS D 155 -19.52 -6.58 20.35
N LEU D 156 -19.75 -6.51 19.03
CA LEU D 156 -19.58 -5.24 18.26
C LEU D 156 -20.90 -4.60 17.86
N LYS D 157 -21.66 -5.26 16.99
CA LYS D 157 -22.86 -4.64 16.40
C LYS D 157 -24.00 -4.45 17.39
N ILE D 158 -24.36 -5.52 18.11
CA ILE D 158 -25.53 -5.50 19.01
C ILE D 158 -25.39 -4.48 20.17
N PRO D 159 -24.24 -4.48 20.87
CA PRO D 159 -24.07 -3.46 21.92
C PRO D 159 -24.13 -2.02 21.40
N LEU D 160 -23.56 -1.78 20.22
CA LEU D 160 -23.64 -0.43 19.59
C LEU D 160 -25.05 -0.04 19.20
N ILE D 161 -25.82 -1.00 18.69
CA ILE D 161 -27.22 -0.75 18.32
C ILE D 161 -28.04 -0.39 19.57
N HIS D 162 -27.81 -1.13 20.67
CA HIS D 162 -28.44 -0.81 21.97
C HIS D 162 -28.15 0.63 22.37
N ARG D 163 -26.87 0.98 22.36
CA ARG D 163 -26.42 2.32 22.77
C ARG D 163 -27.04 3.41 21.89
N ALA D 164 -27.15 3.14 20.59
CA ALA D 164 -27.81 4.07 19.65
C ALA D 164 -29.29 4.29 19.97
N LEU D 165 -30.00 3.19 20.27
CA LEU D 165 -31.44 3.26 20.62
C LEU D 165 -31.68 4.00 21.95
N GLN D 166 -30.78 3.82 22.92
CA GLN D 166 -30.79 4.56 24.19
C GLN D 166 -30.66 6.07 23.98
N LEU D 167 -29.81 6.46 23.04
CA LEU D 167 -29.57 7.90 22.73
C LEU D 167 -30.64 8.55 21.88
N ALA D 168 -31.43 7.75 21.16
CA ALA D 168 -32.43 8.28 20.23
C ALA D 168 -33.70 8.67 20.95
N GLN D 169 -34.24 9.83 20.57
CA GLN D 169 -35.55 10.29 21.07
C GLN D 169 -36.71 9.78 20.19
N ARG D 170 -36.45 9.62 18.89
CA ARG D 170 -37.41 9.00 17.96
C ARG D 170 -37.27 7.48 18.00
N PRO D 171 -38.38 6.74 17.77
CA PRO D 171 -38.26 5.29 17.58
C PRO D 171 -37.37 4.95 16.38
N VAL D 172 -36.47 3.99 16.57
CA VAL D 172 -35.52 3.60 15.54
C VAL D 172 -35.98 2.28 14.94
N SER D 173 -36.01 2.22 13.62
CA SER D 173 -36.36 1.02 12.89
C SER D 173 -35.10 0.28 12.37
N LEU D 174 -35.00 -1.01 12.67
CA LEU D 174 -33.89 -1.84 12.17
C LEU D 174 -34.27 -2.57 10.90
N LEU D 175 -33.34 -2.61 9.95
CA LEU D 175 -33.53 -3.24 8.64
C LEU D 175 -32.41 -4.25 8.41
N ALA D 176 -32.74 -5.51 8.15
CA ALA D 176 -31.75 -6.56 7.96
C ALA D 176 -31.66 -6.99 6.50
N SER D 177 -30.45 -7.32 6.05
CA SER D 177 -30.21 -7.78 4.66
C SER D 177 -29.08 -8.78 4.63
N PRO D 178 -29.27 -9.94 3.97
CA PRO D 178 -28.16 -10.89 3.82
C PRO D 178 -27.39 -10.69 2.53
N TRP D 179 -26.10 -11.01 2.57
CA TRP D 179 -25.25 -10.95 1.38
C TRP D 179 -25.10 -12.37 0.82
N THR D 180 -24.62 -13.29 1.65
CA THR D 180 -24.53 -14.69 1.24
C THR D 180 -25.19 -15.65 2.23
N SER D 181 -25.60 -16.79 1.69
CA SER D 181 -26.01 -17.94 2.50
C SER D 181 -24.77 -18.73 2.83
N PRO D 182 -24.89 -19.72 3.75
CA PRO D 182 -23.84 -20.72 3.89
C PRO D 182 -23.50 -21.34 2.55
N THR D 183 -22.22 -21.61 2.35
CA THR D 183 -21.69 -22.04 1.04
C THR D 183 -22.23 -23.40 0.61
N TRP D 184 -22.49 -24.26 1.59
CA TRP D 184 -23.13 -25.58 1.37
C TRP D 184 -24.60 -25.53 0.91
N LEU D 185 -25.23 -24.35 0.93
CA LEU D 185 -26.53 -24.12 0.27
C LEU D 185 -26.44 -23.61 -1.16
N LYS D 186 -25.22 -23.37 -1.65
CA LYS D 186 -25.02 -22.66 -2.91
C LYS D 186 -24.47 -23.57 -4.00
N THR D 187 -24.87 -23.27 -5.23
CA THR D 187 -24.46 -24.04 -6.42
C THR D 187 -22.95 -24.02 -6.63
N ASN D 188 -22.31 -22.90 -6.31
CA ASN D 188 -20.85 -22.74 -6.51
C ASN D 188 -19.98 -23.09 -5.29
N GLY D 189 -20.62 -23.33 -4.16
CA GLY D 189 -19.88 -23.71 -2.93
C GLY D 189 -18.90 -22.67 -2.43
N ALA D 190 -19.19 -21.40 -2.68
CA ALA D 190 -18.32 -20.29 -2.24
C ALA D 190 -19.16 -19.07 -1.86
N VAL D 191 -18.60 -18.22 -1.00
CA VAL D 191 -19.30 -17.00 -0.51
C VAL D 191 -19.51 -15.95 -1.62
N ASN D 192 -18.58 -15.94 -2.58
CA ASN D 192 -18.58 -14.97 -3.67
C ASN D 192 -18.73 -15.69 -5.02
N GLY D 193 -18.63 -14.95 -6.11
CA GLY D 193 -18.76 -15.51 -7.44
C GLY D 193 -20.20 -15.70 -7.87
N LYS D 194 -20.37 -16.19 -9.10
CA LYS D 194 -21.69 -16.51 -9.66
C LYS D 194 -22.21 -17.77 -8.98
N GLY D 195 -23.36 -17.66 -8.36
CA GLY D 195 -23.94 -18.77 -7.63
C GLY D 195 -25.24 -18.40 -6.97
N SER D 196 -26.17 -19.34 -7.01
CA SER D 196 -27.48 -19.20 -6.38
C SER D 196 -27.67 -20.33 -5.38
N LEU D 197 -28.83 -20.31 -4.73
CA LEU D 197 -29.28 -21.46 -3.94
C LEU D 197 -29.40 -22.70 -4.82
N LYS D 198 -28.93 -23.83 -4.28
CA LYS D 198 -29.07 -25.13 -4.94
C LYS D 198 -30.55 -25.49 -5.08
N GLY D 199 -30.86 -26.22 -6.14
CA GLY D 199 -32.19 -26.79 -6.33
C GLY D 199 -33.24 -25.80 -6.81
N GLN D 200 -34.42 -25.85 -6.21
CA GLN D 200 -35.56 -25.00 -6.64
C GLN D 200 -36.45 -24.63 -5.45
N PRO D 201 -37.20 -23.49 -5.57
CA PRO D 201 -38.10 -23.05 -4.49
C PRO D 201 -39.05 -24.15 -4.08
N GLY D 202 -39.25 -24.27 -2.76
CA GLY D 202 -40.03 -25.36 -2.16
C GLY D 202 -39.14 -26.37 -1.45
N ASP D 203 -37.97 -26.66 -2.03
CA ASP D 203 -37.10 -27.75 -1.54
C ASP D 203 -36.41 -27.46 -0.21
N ILE D 204 -35.61 -28.41 0.27
CA ILE D 204 -34.87 -28.30 1.54
C ILE D 204 -33.86 -27.12 1.60
N TYR D 205 -33.16 -26.89 0.49
CA TYR D 205 -32.14 -25.82 0.42
C TYR D 205 -32.79 -24.45 0.67
N HIS D 206 -33.91 -24.23 -0.02
CA HIS D 206 -34.67 -23.00 0.09
C HIS D 206 -35.41 -22.86 1.41
N GLN D 207 -35.88 -23.98 1.95
CA GLN D 207 -36.55 -23.98 3.26
C GLN D 207 -35.56 -23.72 4.39
N THR D 208 -34.37 -24.29 4.28
CA THR D 208 -33.27 -24.01 5.23
C THR D 208 -32.88 -22.52 5.19
N TRP D 209 -32.74 -21.97 3.98
CA TRP D 209 -32.39 -20.55 3.83
C TRP D 209 -33.48 -19.65 4.42
N ALA D 210 -34.74 -19.95 4.13
CA ALA D 210 -35.86 -19.22 4.74
C ALA D 210 -35.82 -19.31 6.26
N ARG D 211 -35.55 -20.51 6.78
CA ARG D 211 -35.45 -20.72 8.23
C ARG D 211 -34.28 -19.97 8.89
N TYR D 212 -33.19 -19.80 8.15
CA TYR D 212 -32.04 -18.97 8.58
C TYR D 212 -32.47 -17.52 8.91
N PHE D 213 -33.38 -16.96 8.12
CA PHE D 213 -33.94 -15.61 8.43
C PHE D 213 -34.60 -15.61 9.81
N VAL D 214 -35.42 -16.62 10.07
CA VAL D 214 -36.12 -16.74 11.35
C VAL D 214 -35.13 -16.93 12.49
N LYS D 215 -34.16 -17.84 12.28
CA LYS D 215 -33.06 -18.04 13.24
C LYS D 215 -32.32 -16.75 13.56
N PHE D 216 -32.04 -15.94 12.54
CA PHE D 216 -31.43 -14.60 12.72
C PHE D 216 -32.31 -13.70 13.61
N LEU D 217 -33.58 -13.61 13.27
CA LEU D 217 -34.53 -12.77 14.02
C LEU D 217 -34.69 -13.25 15.48
N ASP D 218 -34.73 -14.56 15.67
CA ASP D 218 -34.77 -15.18 17.00
C ASP D 218 -33.58 -14.77 17.83
N ALA D 219 -32.39 -14.95 17.26
CA ALA D 219 -31.13 -14.65 17.97
C ALA D 219 -31.04 -13.18 18.36
N TYR D 220 -31.39 -12.28 17.44
CA TYR D 220 -31.44 -10.84 17.74
C TYR D 220 -32.53 -10.51 18.78
N ALA D 221 -33.66 -11.21 18.72
CA ALA D 221 -34.73 -11.07 19.75
C ALA D 221 -34.29 -11.50 21.15
N GLU D 222 -33.52 -12.58 21.25
CA GLU D 222 -32.88 -12.96 22.52
C GLU D 222 -31.95 -11.89 23.10
N HIS D 223 -31.38 -11.05 22.22
CA HIS D 223 -30.62 -9.84 22.61
C HIS D 223 -31.45 -8.55 22.70
N LYS D 224 -32.77 -8.69 22.77
CA LYS D 224 -33.71 -7.59 22.96
C LYS D 224 -33.71 -6.58 21.80
N LEU D 225 -33.63 -7.12 20.58
CA LEU D 225 -33.71 -6.30 19.38
C LEU D 225 -34.74 -6.90 18.42
N GLN D 226 -35.64 -6.03 17.96
CA GLN D 226 -36.70 -6.37 17.03
C GLN D 226 -36.48 -5.62 15.72
N PHE D 227 -36.80 -6.25 14.61
CA PHE D 227 -36.65 -5.65 13.29
C PHE D 227 -37.95 -5.13 12.72
N TRP D 228 -37.88 -3.94 12.14
CA TRP D 228 -38.98 -3.36 11.37
C TRP D 228 -39.12 -4.14 10.07
N ALA D 229 -37.99 -4.43 9.43
CA ALA D 229 -38.01 -5.05 8.11
C ALA D 229 -36.79 -5.90 7.81
N VAL D 230 -36.94 -6.74 6.80
CA VAL D 230 -35.83 -7.47 6.18
C VAL D 230 -35.95 -7.34 4.67
N THR D 231 -34.83 -7.49 3.98
CA THR D 231 -34.82 -7.57 2.52
C THR D 231 -34.61 -9.03 2.14
N ALA D 232 -35.11 -9.39 0.96
CA ALA D 232 -35.04 -10.77 0.47
C ALA D 232 -33.62 -11.22 0.10
N GLU D 233 -32.74 -10.26 -0.19
CA GLU D 233 -31.31 -10.47 -0.50
C GLU D 233 -30.68 -9.11 -0.81
N ASN D 234 -29.46 -8.87 -0.32
CA ASN D 234 -28.72 -7.71 -0.78
C ASN D 234 -28.29 -7.93 -2.23
N GLU D 235 -28.65 -7.00 -3.10
CA GLU D 235 -28.20 -6.99 -4.51
C GLU D 235 -28.18 -8.37 -5.18
N PRO D 236 -29.36 -9.01 -5.33
CA PRO D 236 -29.47 -10.35 -5.95
C PRO D 236 -28.90 -10.44 -7.36
N SER D 237 -28.88 -9.34 -8.10
CA SER D 237 -28.23 -9.33 -9.42
C SER D 237 -26.72 -9.62 -9.36
N ALA D 238 -26.07 -9.25 -8.25
CA ALA D 238 -24.61 -9.45 -8.11
C ALA D 238 -24.20 -10.91 -8.22
N GLY D 239 -24.98 -11.79 -7.60
CA GLY D 239 -24.73 -13.23 -7.64
C GLY D 239 -25.01 -13.91 -8.98
N LEU D 240 -25.54 -13.16 -9.94
CA LEU D 240 -25.62 -13.60 -11.34
C LEU D 240 -24.38 -13.29 -12.18
N LEU D 241 -23.42 -12.57 -11.61
N LEU D 241 -23.42 -12.55 -11.61
CA LEU D 241 -22.23 -12.10 -12.32
CA LEU D 241 -22.23 -12.14 -12.33
C LEU D 241 -21.02 -13.01 -12.04
C LEU D 241 -21.06 -13.07 -12.04
N SER D 242 -20.43 -13.55 -13.11
CA SER D 242 -19.20 -14.34 -13.02
C SER D 242 -18.06 -13.52 -12.42
N GLY D 243 -17.42 -14.10 -11.42
CA GLY D 243 -16.28 -13.47 -10.76
C GLY D 243 -16.64 -12.35 -9.80
N TYR D 244 -17.91 -12.23 -9.41
CA TYR D 244 -18.30 -11.18 -8.46
C TYR D 244 -17.44 -11.35 -7.20
N PRO D 245 -16.68 -10.30 -6.83
CA PRO D 245 -15.57 -10.48 -5.91
C PRO D 245 -15.91 -10.70 -4.44
N PHE D 246 -17.09 -10.30 -4.00
CA PHE D 246 -17.43 -10.48 -2.58
C PHE D 246 -18.80 -11.14 -2.34
N GLN D 247 -19.17 -11.27 -1.07
CA GLN D 247 -20.33 -12.07 -0.64
C GLN D 247 -21.55 -11.68 -1.45
N CYS D 248 -22.16 -12.69 -2.05
CA CYS D 248 -23.38 -12.51 -2.84
C CYS D 248 -24.18 -13.81 -2.91
N LEU D 249 -25.40 -13.67 -3.41
CA LEU D 249 -26.29 -14.80 -3.64
C LEU D 249 -27.26 -14.42 -4.75
N GLY D 250 -27.13 -15.10 -5.89
CA GLY D 250 -27.82 -14.70 -7.12
C GLY D 250 -29.26 -15.13 -7.18
N PHE D 251 -30.12 -14.19 -7.57
CA PHE D 251 -31.53 -14.46 -7.84
C PHE D 251 -31.91 -13.68 -9.08
N THR D 252 -32.54 -14.37 -10.03
CA THR D 252 -33.32 -13.71 -11.06
C THR D 252 -34.60 -13.19 -10.40
N PRO D 253 -35.34 -12.27 -11.06
CA PRO D 253 -36.62 -11.85 -10.48
C PRO D 253 -37.63 -12.99 -10.26
N GLU D 254 -37.62 -13.95 -11.17
CA GLU D 254 -38.50 -15.13 -11.10
C GLU D 254 -38.12 -16.01 -9.90
N HIS D 255 -36.82 -16.25 -9.76
CA HIS D 255 -36.29 -17.01 -8.61
C HIS D 255 -36.64 -16.32 -7.28
N GLN D 256 -36.50 -14.99 -7.23
CA GLN D 256 -36.91 -14.23 -6.03
C GLN D 256 -38.41 -14.32 -5.79
N ARG D 257 -39.20 -14.13 -6.85
CA ARG D 257 -40.67 -14.28 -6.76
C ARG D 257 -41.04 -15.62 -6.11
N ASP D 258 -40.49 -16.69 -6.67
CA ASP D 258 -40.84 -18.05 -6.24
C ASP D 258 -40.29 -18.38 -4.86
N PHE D 259 -39.12 -17.84 -4.54
CA PHE D 259 -38.52 -18.01 -3.20
C PHE D 259 -39.37 -17.33 -2.13
N ILE D 260 -39.85 -16.12 -2.44
CA ILE D 260 -40.75 -15.39 -1.54
C ILE D 260 -42.05 -16.16 -1.34
N ALA D 261 -42.67 -16.55 -2.46
CA ALA D 261 -43.99 -17.22 -2.46
C ALA D 261 -43.97 -18.57 -1.76
N ARG D 262 -43.00 -19.41 -2.12
CA ARG D 262 -42.90 -20.79 -1.63
C ARG D 262 -42.21 -20.96 -0.28
N ASP D 263 -41.24 -20.10 0.03
CA ASP D 263 -40.37 -20.32 1.22
C ASP D 263 -40.34 -19.17 2.22
N LEU D 264 -39.83 -18.02 1.79
CA LEU D 264 -39.52 -16.94 2.73
C LEU D 264 -40.78 -16.32 3.35
N GLY D 265 -41.74 -16.00 2.50
CA GLY D 265 -43.03 -15.45 2.95
C GLY D 265 -43.74 -16.32 3.99
N PRO D 266 -44.07 -17.58 3.63
CA PRO D 266 -44.74 -18.52 4.53
C PRO D 266 -44.00 -18.74 5.84
N THR D 267 -42.67 -18.93 5.75
CA THR D 267 -41.83 -19.19 6.93
C THR D 267 -41.83 -18.00 7.91
N LEU D 268 -41.77 -16.78 7.38
CA LEU D 268 -41.86 -15.56 8.21
C LEU D 268 -43.26 -15.40 8.82
N ALA D 269 -44.29 -15.57 7.99
CA ALA D 269 -45.70 -15.46 8.42
C ALA D 269 -46.10 -16.50 9.48
N ASN D 270 -45.52 -17.70 9.40
CA ASN D 270 -45.76 -18.78 10.38
C ASN D 270 -44.85 -18.74 11.61
N SER D 271 -44.13 -17.64 11.82
CA SER D 271 -43.20 -17.50 12.95
C SER D 271 -43.69 -16.41 13.90
N THR D 272 -43.02 -16.31 15.04
CA THR D 272 -43.26 -15.24 16.00
C THR D 272 -42.89 -13.83 15.47
N HIS D 273 -42.15 -13.77 14.35
CA HIS D 273 -41.75 -12.50 13.70
C HIS D 273 -42.59 -12.14 12.47
N HIS D 274 -43.87 -12.51 12.49
CA HIS D 274 -44.78 -12.31 11.34
C HIS D 274 -45.06 -10.84 11.04
N ASN D 275 -44.91 -9.97 12.03
CA ASN D 275 -45.06 -8.51 11.82
C ASN D 275 -43.90 -7.82 11.11
N VAL D 276 -42.76 -8.49 10.99
CA VAL D 276 -41.59 -7.93 10.30
C VAL D 276 -41.93 -7.76 8.82
N ARG D 277 -41.64 -6.58 8.27
CA ARG D 277 -41.92 -6.30 6.86
C ARG D 277 -40.88 -6.97 5.97
N LEU D 278 -41.30 -7.35 4.77
CA LEU D 278 -40.40 -7.94 3.79
C LEU D 278 -40.29 -6.98 2.63
N LEU D 279 -39.06 -6.56 2.34
CA LEU D 279 -38.76 -5.71 1.19
C LEU D 279 -38.08 -6.54 0.11
N MET D 280 -38.46 -6.28 -1.13
CA MET D 280 -37.90 -6.96 -2.28
C MET D 280 -36.87 -6.07 -2.99
N LEU D 281 -36.17 -6.68 -3.94
CA LEU D 281 -35.17 -6.06 -4.82
C LEU D 281 -33.87 -5.77 -4.07
N ASP D 282 -33.82 -4.68 -3.30
CA ASP D 282 -32.60 -4.24 -2.58
C ASP D 282 -31.42 -4.17 -3.56
N ASP D 283 -31.67 -3.48 -4.67
CA ASP D 283 -30.78 -3.51 -5.83
C ASP D 283 -31.01 -2.26 -6.66
N GLN D 284 -30.35 -2.16 -7.80
CA GLN D 284 -30.32 -0.93 -8.59
C GLN D 284 -31.70 -0.64 -9.18
N ARG D 285 -32.07 0.65 -9.21
CA ARG D 285 -33.41 1.04 -9.69
C ARG D 285 -33.58 0.87 -11.20
N LEU D 286 -32.47 0.70 -11.91
CA LEU D 286 -32.44 0.26 -13.32
C LEU D 286 -33.24 -1.03 -13.57
N LEU D 287 -33.31 -1.89 -12.55
CA LEU D 287 -34.07 -3.13 -12.62
C LEU D 287 -35.60 -2.94 -12.51
N LEU D 288 -36.05 -1.72 -12.24
CA LEU D 288 -37.48 -1.39 -12.18
C LEU D 288 -37.92 -0.72 -13.49
N PRO D 289 -39.21 -0.88 -13.86
CA PRO D 289 -40.28 -1.60 -13.12
C PRO D 289 -40.30 -3.13 -13.33
N HIS D 290 -39.47 -3.66 -14.21
CA HIS D 290 -39.52 -5.07 -14.57
C HIS D 290 -39.55 -6.01 -13.37
N TRP D 291 -38.61 -5.81 -12.45
CA TRP D 291 -38.52 -6.66 -11.26
C TRP D 291 -39.79 -6.60 -10.41
N ALA D 292 -40.35 -5.41 -10.25
CA ALA D 292 -41.63 -5.24 -9.55
C ALA D 292 -42.80 -5.93 -10.26
N LYS D 293 -42.81 -5.86 -11.60
CA LYS D 293 -43.84 -6.53 -12.40
C LYS D 293 -43.78 -8.05 -12.17
N VAL D 294 -42.59 -8.62 -12.35
CA VAL D 294 -42.38 -10.07 -12.20
C VAL D 294 -42.84 -10.57 -10.84
N VAL D 295 -42.46 -9.88 -9.77
CA VAL D 295 -42.79 -10.34 -8.41
C VAL D 295 -44.24 -10.06 -8.03
N LEU D 296 -44.67 -8.82 -8.22
CA LEU D 296 -45.96 -8.35 -7.66
C LEU D 296 -47.21 -8.72 -8.48
N THR D 297 -47.05 -9.18 -9.70
CA THR D 297 -48.18 -9.76 -10.47
C THR D 297 -48.50 -11.21 -10.07
N ASP D 298 -47.64 -11.85 -9.29
CA ASP D 298 -47.93 -13.14 -8.66
C ASP D 298 -48.52 -12.87 -7.28
N PRO D 299 -49.83 -13.08 -7.09
CA PRO D 299 -50.42 -12.77 -5.79
C PRO D 299 -49.91 -13.63 -4.63
N GLU D 300 -49.40 -14.82 -4.94
CA GLU D 300 -48.78 -15.71 -3.92
C GLU D 300 -47.47 -15.10 -3.33
N ALA D 301 -46.73 -14.36 -4.17
CA ALA D 301 -45.58 -13.55 -3.72
C ALA D 301 -46.02 -12.17 -3.18
N ALA D 302 -46.81 -11.44 -3.98
CA ALA D 302 -47.23 -10.06 -3.66
C ALA D 302 -47.81 -9.87 -2.25
N LYS D 303 -48.54 -10.86 -1.76
CA LYS D 303 -49.15 -10.81 -0.42
C LYS D 303 -48.15 -10.78 0.74
N TYR D 304 -46.89 -11.14 0.48
CA TYR D 304 -45.82 -11.09 1.48
C TYR D 304 -44.91 -9.85 1.39
N VAL D 305 -45.03 -9.08 0.31
CA VAL D 305 -44.11 -7.99 0.01
C VAL D 305 -44.70 -6.63 0.42
N HIS D 306 -44.11 -6.02 1.45
CA HIS D 306 -44.50 -4.68 1.92
C HIS D 306 -43.97 -3.56 1.04
N GLY D 307 -42.75 -3.73 0.51
CA GLY D 307 -42.10 -2.66 -0.24
C GLY D 307 -40.94 -3.09 -1.13
N ILE D 308 -40.36 -2.09 -1.80
CA ILE D 308 -39.28 -2.28 -2.76
C ILE D 308 -38.08 -1.42 -2.33
N ALA D 309 -36.96 -2.08 -2.04
CA ALA D 309 -35.73 -1.40 -1.63
C ALA D 309 -34.82 -1.15 -2.84
N VAL D 310 -34.32 0.10 -2.96
CA VAL D 310 -33.44 0.45 -4.09
C VAL D 310 -32.06 0.97 -3.65
N HIS D 311 -31.05 0.66 -4.45
CA HIS D 311 -29.68 1.14 -4.26
C HIS D 311 -29.39 2.13 -5.35
N TRP D 312 -28.45 3.03 -5.11
CA TRP D 312 -28.25 4.18 -6.00
C TRP D 312 -27.17 4.02 -7.09
N TYR D 313 -26.49 2.87 -7.12
CA TYR D 313 -25.19 2.79 -7.82
C TYR D 313 -25.27 2.96 -9.34
N LEU D 314 -26.40 2.59 -9.94
CA LEU D 314 -26.61 2.79 -11.39
C LEU D 314 -27.69 3.84 -11.72
N ASP D 315 -27.90 4.79 -10.82
CA ASP D 315 -28.88 5.87 -11.03
C ASP D 315 -28.66 6.67 -12.32
N PHE D 316 -27.40 6.85 -12.70
CA PHE D 316 -27.02 7.55 -13.94
C PHE D 316 -27.56 6.90 -15.25
N LEU D 317 -27.89 5.62 -15.22
CA LEU D 317 -28.51 4.91 -16.35
C LEU D 317 -30.02 4.82 -16.28
N ALA D 318 -30.61 5.27 -15.17
CA ALA D 318 -31.98 4.94 -14.81
C ALA D 318 -32.73 6.18 -14.34
N PRO D 319 -33.35 6.92 -15.29
CA PRO D 319 -34.09 8.13 -14.90
C PRO D 319 -35.19 7.79 -13.89
N ALA D 320 -35.38 8.67 -12.91
CA ALA D 320 -36.28 8.39 -11.79
C ALA D 320 -37.72 8.19 -12.26
N LYS D 321 -38.18 9.03 -13.18
CA LYS D 321 -39.55 8.98 -13.71
C LYS D 321 -39.88 7.60 -14.29
N ALA D 322 -39.00 7.09 -15.14
CA ALA D 322 -39.20 5.81 -15.83
C ALA D 322 -39.02 4.56 -14.95
N THR D 323 -38.45 4.73 -13.76
CA THR D 323 -38.17 3.60 -12.86
C THR D 323 -38.99 3.71 -11.59
N LEU D 324 -38.70 4.72 -10.78
CA LEU D 324 -39.41 4.95 -9.52
C LEU D 324 -40.84 5.39 -9.79
N GLY D 325 -40.99 6.34 -10.72
CA GLY D 325 -42.30 6.91 -11.06
C GLY D 325 -43.23 5.85 -11.63
N GLU D 326 -42.74 5.13 -12.64
CA GLU D 326 -43.50 4.06 -13.29
C GLU D 326 -43.86 2.90 -12.34
N THR D 327 -42.94 2.53 -11.46
CA THR D 327 -43.21 1.50 -10.45
C THR D 327 -44.32 1.94 -9.51
N HIS D 328 -44.28 3.21 -9.10
CA HIS D 328 -45.32 3.75 -8.23
C HIS D 328 -46.69 3.78 -8.93
N ARG D 329 -46.70 4.22 -10.18
CA ARG D 329 -47.94 4.27 -10.97
C ARG D 329 -48.59 2.88 -11.08
N LEU D 330 -47.79 1.87 -11.39
CA LEU D 330 -48.26 0.49 -11.47
C LEU D 330 -48.66 -0.11 -10.12
N PHE D 331 -47.84 0.17 -9.09
CA PHE D 331 -48.02 -0.44 -7.76
C PHE D 331 -48.02 0.61 -6.63
N PRO D 332 -49.04 1.49 -6.59
CA PRO D 332 -49.03 2.63 -5.68
C PRO D 332 -49.09 2.30 -4.19
N ASN D 333 -49.54 1.09 -3.85
CA ASN D 333 -49.63 0.65 -2.45
C ASN D 333 -48.40 -0.11 -1.96
N THR D 334 -47.39 -0.23 -2.82
CA THR D 334 -46.10 -0.84 -2.46
C THR D 334 -45.05 0.26 -2.36
N MET D 335 -44.62 0.53 -1.13
CA MET D 335 -43.67 1.61 -0.87
C MET D 335 -42.30 1.40 -1.54
N LEU D 336 -41.72 2.52 -1.95
CA LEU D 336 -40.35 2.57 -2.48
C LEU D 336 -39.45 3.18 -1.41
N PHE D 337 -38.31 2.52 -1.18
CA PHE D 337 -37.38 2.86 -0.10
C PHE D 337 -35.94 2.74 -0.57
N ALA D 338 -35.13 3.78 -0.33
CA ALA D 338 -33.70 3.75 -0.69
C ALA D 338 -32.90 3.16 0.46
N SER D 339 -32.34 1.95 0.24
CA SER D 339 -31.73 1.16 1.31
C SER D 339 -30.19 1.19 1.37
N GLU D 340 -29.53 1.70 0.33
CA GLU D 340 -28.05 1.78 0.35
C GLU D 340 -27.49 2.77 -0.66
N ALA D 341 -26.51 3.53 -0.20
CA ALA D 341 -25.78 4.46 -1.03
C ALA D 341 -24.40 4.74 -0.40
N CYS D 342 -23.39 4.81 -1.25
CA CYS D 342 -22.09 5.35 -0.88
C CYS D 342 -21.37 5.84 -2.11
N VAL D 343 -20.47 6.78 -1.87
CA VAL D 343 -19.57 7.30 -2.90
C VAL D 343 -18.22 6.66 -2.68
N GLY D 344 -17.41 6.67 -3.73
CA GLY D 344 -16.02 6.25 -3.66
C GLY D 344 -15.73 4.89 -4.25
N SER D 345 -16.77 4.17 -4.74
CA SER D 345 -16.64 2.80 -5.25
C SER D 345 -16.39 2.69 -6.76
N LYS D 346 -16.46 3.80 -7.47
CA LYS D 346 -16.15 3.77 -8.89
C LYS D 346 -14.65 3.44 -9.03
N PHE D 347 -14.33 2.49 -9.91
CA PHE D 347 -12.98 1.89 -9.98
C PHE D 347 -11.85 2.90 -10.19
N TRP D 348 -12.15 4.01 -10.85
CA TRP D 348 -11.16 5.04 -11.18
C TRP D 348 -11.01 6.17 -10.15
N GLU D 349 -11.88 6.21 -9.15
CA GLU D 349 -11.95 7.38 -8.25
C GLU D 349 -11.34 7.06 -6.88
N GLN D 350 -10.96 8.11 -6.15
CA GLN D 350 -10.41 7.94 -4.81
C GLN D 350 -11.50 7.53 -3.84
N SER D 351 -11.19 6.58 -2.96
CA SER D 351 -12.15 6.06 -2.00
C SER D 351 -12.65 7.11 -0.99
N VAL D 352 -11.72 7.78 -0.33
CA VAL D 352 -12.02 8.78 0.70
C VAL D 352 -11.45 10.12 0.25
N ARG D 353 -12.29 11.15 0.21
CA ARG D 353 -11.88 12.53 -0.08
C ARG D 353 -12.34 13.41 1.07
N LEU D 354 -11.48 13.54 2.09
CA LEU D 354 -11.85 14.21 3.34
C LEU D 354 -12.20 15.67 3.10
N GLY D 355 -13.46 16.02 3.37
CA GLY D 355 -13.97 17.39 3.21
C GLY D 355 -14.58 17.67 1.86
N SER D 356 -14.88 16.63 1.08
CA SER D 356 -15.48 16.78 -0.26
C SER D 356 -16.90 17.33 -0.21
N TRP D 357 -17.05 18.57 -0.68
CA TRP D 357 -18.38 19.17 -0.83
C TRP D 357 -19.17 18.48 -1.94
N ASP D 358 -18.48 18.07 -3.01
CA ASP D 358 -19.13 17.37 -4.12
C ASP D 358 -19.88 16.13 -3.64
N ARG D 359 -19.24 15.36 -2.76
CA ARG D 359 -19.85 14.13 -2.25
C ARG D 359 -21.05 14.41 -1.36
N GLY D 360 -21.00 15.50 -0.60
CA GLY D 360 -22.16 15.99 0.13
C GLY D 360 -23.31 16.27 -0.80
N MET D 361 -23.04 17.02 -1.86
CA MET D 361 -24.06 17.38 -2.86
C MET D 361 -24.66 16.16 -3.57
N GLN D 362 -23.85 15.13 -3.77
CA GLN D 362 -24.37 13.88 -4.36
C GLN D 362 -25.43 13.26 -3.46
N TYR D 363 -25.19 13.28 -2.15
CA TYR D 363 -26.14 12.74 -1.18
C TYR D 363 -27.44 13.54 -1.18
N SER D 364 -27.34 14.86 -1.03
CA SER D 364 -28.54 15.70 -0.96
C SER D 364 -29.32 15.73 -2.28
N HIS D 365 -28.61 15.74 -3.42
CA HIS D 365 -29.26 15.65 -4.74
C HIS D 365 -30.04 14.34 -4.92
N SER D 366 -29.42 13.24 -4.51
CA SER D 366 -30.07 11.94 -4.54
C SER D 366 -31.31 11.87 -3.64
N ILE D 367 -31.20 12.39 -2.42
CA ILE D 367 -32.33 12.34 -1.48
C ILE D 367 -33.53 13.12 -2.01
N ILE D 368 -33.25 14.31 -2.55
CA ILE D 368 -34.30 15.17 -3.12
C ILE D 368 -35.01 14.48 -4.29
N THR D 369 -34.24 14.00 -5.25
CA THR D 369 -34.80 13.28 -6.40
C THR D 369 -35.65 12.08 -5.95
N ASN D 370 -35.14 11.30 -5.01
CA ASN D 370 -35.88 10.17 -4.46
C ASN D 370 -37.20 10.62 -3.83
N LEU D 371 -37.15 11.68 -3.03
CA LEU D 371 -38.34 12.22 -2.36
C LEU D 371 -39.37 12.78 -3.37
N LEU D 372 -38.88 13.36 -4.46
CA LEU D 372 -39.74 13.84 -5.55
C LEU D 372 -40.36 12.72 -6.40
N TYR D 373 -39.91 11.47 -6.21
CA TYR D 373 -40.46 10.30 -6.92
C TYR D 373 -40.86 9.17 -5.97
N HIS D 374 -41.61 9.58 -4.93
CA HIS D 374 -42.41 8.69 -4.08
C HIS D 374 -41.66 7.88 -3.04
N VAL D 375 -40.34 8.09 -2.94
CA VAL D 375 -39.50 7.29 -2.04
C VAL D 375 -39.71 7.75 -0.60
N VAL D 376 -39.86 6.78 0.30
CA VAL D 376 -40.27 7.05 1.69
C VAL D 376 -39.10 7.14 2.68
N GLY D 377 -37.89 6.80 2.24
CA GLY D 377 -36.71 6.86 3.09
C GLY D 377 -35.42 6.69 2.33
N TRP D 378 -34.31 7.00 3.01
CA TRP D 378 -33.00 6.99 2.36
C TRP D 378 -31.97 6.58 3.40
N THR D 379 -31.19 5.56 3.05
CA THR D 379 -30.29 4.91 3.98
C THR D 379 -28.87 4.92 3.44
N ASP D 380 -27.98 5.52 4.20
CA ASP D 380 -26.55 5.50 3.92
C ASP D 380 -25.99 4.09 4.12
N TRP D 381 -24.81 3.83 3.59
CA TRP D 381 -24.07 2.59 3.84
C TRP D 381 -23.29 2.75 5.17
N ASN D 382 -22.01 2.38 5.21
CA ASN D 382 -21.25 2.33 6.49
C ASN D 382 -21.39 3.62 7.30
N LEU D 383 -21.73 3.47 8.57
CA LEU D 383 -21.87 4.63 9.47
C LEU D 383 -20.53 5.33 9.72
N ALA D 384 -19.45 4.55 9.68
CA ALA D 384 -18.11 5.07 9.87
C ALA D 384 -17.09 4.20 9.18
N LEU D 385 -16.02 4.82 8.69
CA LEU D 385 -14.90 4.11 8.10
C LEU D 385 -13.58 4.73 8.54
N ASN D 386 -12.48 4.03 8.29
CA ASN D 386 -11.14 4.55 8.59
C ASN D 386 -10.67 5.43 7.43
N PRO D 387 -9.51 6.10 7.55
CA PRO D 387 -9.12 7.02 6.47
C PRO D 387 -8.85 6.39 5.11
N GLU D 388 -8.58 5.08 5.10
CA GLU D 388 -8.44 4.32 3.85
C GLU D 388 -9.81 3.95 3.24
N GLY D 389 -10.88 4.10 4.02
CA GLY D 389 -12.23 3.73 3.56
C GLY D 389 -12.56 2.28 3.86
N GLY D 390 -11.97 1.76 4.94
CA GLY D 390 -12.12 0.36 5.36
C GLY D 390 -12.34 0.23 6.85
N PRO D 391 -12.12 -0.98 7.41
CA PRO D 391 -11.60 -2.18 6.76
C PRO D 391 -12.57 -2.84 5.77
N ASN D 392 -11.99 -3.56 4.82
CA ASN D 392 -12.73 -4.26 3.79
C ASN D 392 -11.85 -5.39 3.24
N TRP D 393 -12.30 -6.64 3.39
CA TRP D 393 -11.43 -7.79 3.10
C TRP D 393 -11.10 -7.99 1.60
N VAL D 394 -11.85 -7.35 0.70
CA VAL D 394 -11.59 -7.38 -0.76
C VAL D 394 -11.06 -6.05 -1.29
N ARG D 395 -10.78 -5.11 -0.40
CA ARG D 395 -10.26 -3.77 -0.76
C ARG D 395 -11.24 -2.92 -1.57
N ASN D 396 -12.54 -3.16 -1.41
CA ASN D 396 -13.58 -2.30 -1.99
C ASN D 396 -13.80 -1.10 -1.06
N PHE D 397 -12.77 -0.27 -0.95
CA PHE D 397 -12.76 0.85 -0.02
C PHE D 397 -13.63 1.98 -0.58
N VAL D 398 -14.40 2.61 0.30
CA VAL D 398 -15.33 3.66 -0.10
C VAL D 398 -15.32 4.76 0.96
N ASP D 399 -16.08 5.82 0.70
CA ASP D 399 -16.20 6.93 1.65
C ASP D 399 -17.37 6.69 2.62
N SER D 400 -17.38 7.49 3.68
CA SER D 400 -18.44 7.46 4.70
C SER D 400 -18.58 8.86 5.29
N PRO D 401 -19.79 9.22 5.78
CA PRO D 401 -19.94 10.56 6.41
C PRO D 401 -19.08 10.82 7.63
N ILE D 402 -18.66 9.76 8.31
CA ILE D 402 -17.76 9.88 9.45
C ILE D 402 -16.53 9.02 9.20
N ILE D 403 -15.36 9.64 9.30
CA ILE D 403 -14.07 8.98 9.19
C ILE D 403 -13.40 8.99 10.56
N VAL D 404 -13.01 7.81 11.04
CA VAL D 404 -12.41 7.64 12.38
C VAL D 404 -10.92 7.45 12.24
N ASP D 405 -10.14 8.23 12.98
CA ASP D 405 -8.68 8.07 13.06
C ASP D 405 -8.32 7.46 14.41
N ILE D 406 -8.19 6.14 14.43
CA ILE D 406 -7.85 5.35 15.64
C ILE D 406 -6.61 5.86 16.42
N THR D 407 -5.56 6.24 15.70
CA THR D 407 -4.30 6.65 16.33
C THR D 407 -4.38 7.99 17.09
N LYS D 408 -5.39 8.81 16.78
CA LYS D 408 -5.58 10.13 17.43
C LYS D 408 -6.86 10.27 18.26
N ASP D 409 -7.57 9.15 18.47
CA ASP D 409 -8.86 9.14 19.19
C ASP D 409 -9.78 10.27 18.71
N THR D 410 -9.87 10.39 17.39
CA THR D 410 -10.49 11.50 16.69
C THR D 410 -11.37 10.97 15.59
N PHE D 411 -12.49 11.66 15.36
CA PHE D 411 -13.29 11.43 14.15
C PHE D 411 -13.68 12.73 13.44
N TYR D 412 -13.91 12.58 12.13
CA TYR D 412 -14.13 13.69 11.21
C TYR D 412 -15.50 13.53 10.62
N LYS D 413 -16.32 14.58 10.74
CA LYS D 413 -17.65 14.60 10.14
C LYS D 413 -17.58 15.34 8.81
N GLN D 414 -17.87 14.61 7.75
CA GLN D 414 -17.73 15.11 6.38
C GLN D 414 -18.95 15.89 5.93
N PRO D 415 -18.84 16.62 4.81
CA PRO D 415 -20.03 17.29 4.27
C PRO D 415 -21.22 16.35 4.06
N MET D 416 -20.96 15.10 3.66
CA MET D 416 -22.01 14.10 3.55
C MET D 416 -22.86 13.99 4.83
N PHE D 417 -22.22 14.06 5.99
CA PHE D 417 -22.94 14.00 7.28
C PHE D 417 -23.99 15.10 7.37
N TYR D 418 -23.57 16.31 7.03
CA TYR D 418 -24.42 17.49 7.15
C TYR D 418 -25.48 17.55 6.05
N HIS D 419 -25.12 17.16 4.83
CA HIS D 419 -26.09 17.10 3.74
C HIS D 419 -27.20 16.11 4.04
N LEU D 420 -26.85 14.98 4.63
CA LEU D 420 -27.84 13.99 5.05
C LEU D 420 -28.65 14.54 6.23
N GLY D 421 -27.96 15.20 7.16
CA GLY D 421 -28.56 15.82 8.33
C GLY D 421 -29.62 16.86 8.04
N HIS D 422 -29.44 17.58 6.94
CA HIS D 422 -30.43 18.58 6.50
C HIS D 422 -31.82 17.99 6.22
N PHE D 423 -31.89 16.68 6.01
CA PHE D 423 -33.13 15.92 5.86
C PHE D 423 -33.46 15.15 7.13
N SER D 424 -32.53 14.31 7.58
CA SER D 424 -32.79 13.39 8.70
C SER D 424 -33.21 14.12 9.98
N LYS D 425 -32.60 15.26 10.25
CA LYS D 425 -32.89 16.00 11.48
C LYS D 425 -34.26 16.64 11.46
N PHE D 426 -34.76 16.99 10.28
CA PHE D 426 -35.90 17.88 10.15
C PHE D 426 -37.11 17.26 9.44
N ILE D 427 -37.04 15.96 9.16
CA ILE D 427 -38.11 15.25 8.45
C ILE D 427 -38.41 14.00 9.27
N PRO D 428 -39.19 14.15 10.35
CA PRO D 428 -39.48 12.98 11.18
C PRO D 428 -40.39 11.97 10.48
N GLU D 429 -40.43 10.75 11.02
CA GLU D 429 -41.30 9.69 10.52
C GLU D 429 -42.74 10.18 10.52
N GLY D 430 -43.45 9.88 9.44
CA GLY D 430 -44.83 10.33 9.27
C GLY D 430 -44.97 11.68 8.60
N SER D 431 -43.85 12.37 8.32
CA SER D 431 -43.91 13.59 7.51
C SER D 431 -44.40 13.24 6.12
N GLN D 432 -45.02 14.20 5.44
CA GLN D 432 -45.62 13.93 4.15
C GLN D 432 -45.11 14.93 3.14
N ARG D 433 -44.64 14.42 1.99
CA ARG D 433 -44.24 15.34 0.94
C ARG D 433 -45.46 16.05 0.40
N VAL D 434 -45.31 17.34 0.16
CA VAL D 434 -46.35 18.16 -0.43
C VAL D 434 -45.81 18.90 -1.64
N GLY D 435 -46.72 19.50 -2.40
CA GLY D 435 -46.36 20.19 -3.62
C GLY D 435 -45.51 21.44 -3.37
N LEU D 436 -44.63 21.72 -4.32
CA LEU D 436 -43.83 22.94 -4.32
C LEU D 436 -43.50 23.27 -5.76
N VAL D 437 -43.97 24.42 -6.22
CA VAL D 437 -43.86 24.83 -7.62
C VAL D 437 -43.00 26.07 -7.77
N ALA D 438 -42.23 26.11 -8.86
CA ALA D 438 -41.35 27.22 -9.17
C ALA D 438 -42.02 28.14 -10.18
N SER D 439 -41.89 29.45 -9.95
CA SER D 439 -42.42 30.46 -10.88
C SER D 439 -41.67 30.51 -12.21
N GLN D 440 -40.42 30.08 -12.21
CA GLN D 440 -39.60 30.03 -13.43
C GLN D 440 -38.56 28.92 -13.36
N LYS D 441 -37.93 28.64 -14.49
CA LYS D 441 -36.85 27.66 -14.58
C LYS D 441 -35.66 28.11 -13.72
N ASN D 442 -35.04 27.16 -13.03
CA ASN D 442 -33.95 27.46 -12.10
C ASN D 442 -33.04 26.26 -11.93
N ASP D 443 -31.88 26.52 -11.32
CA ASP D 443 -30.85 25.50 -11.08
C ASP D 443 -30.90 24.86 -9.68
N LEU D 444 -31.89 25.22 -8.88
CA LEU D 444 -32.01 24.69 -7.53
C LEU D 444 -32.69 23.33 -7.51
N ASP D 445 -32.37 22.53 -6.49
CA ASP D 445 -33.12 21.31 -6.19
C ASP D 445 -33.84 21.58 -4.88
N ALA D 446 -35.13 21.28 -4.84
CA ALA D 446 -35.95 21.60 -3.67
C ALA D 446 -37.06 20.60 -3.46
N VAL D 447 -37.40 20.41 -2.19
CA VAL D 447 -38.53 19.56 -1.80
C VAL D 447 -39.21 20.18 -0.58
N ALA D 448 -40.53 20.00 -0.50
CA ALA D 448 -41.33 20.49 0.63
C ALA D 448 -42.08 19.32 1.25
N LEU D 449 -42.11 19.32 2.57
CA LEU D 449 -42.91 18.34 3.31
C LEU D 449 -43.61 19.03 4.46
N MET D 450 -44.60 18.33 4.99
CA MET D 450 -45.32 18.75 6.18
C MET D 450 -45.11 17.70 7.26
N HIS D 451 -44.72 18.16 8.44
CA HIS D 451 -44.61 17.29 9.62
C HIS D 451 -46.01 16.78 10.02
N PRO D 452 -46.08 15.73 10.85
CA PRO D 452 -47.38 15.28 11.38
C PRO D 452 -48.19 16.38 12.09
N ASP D 453 -47.52 17.27 12.81
CA ASP D 453 -48.18 18.41 13.48
C ASP D 453 -48.62 19.57 12.57
N GLY D 454 -48.41 19.46 11.26
CA GLY D 454 -48.80 20.51 10.31
C GLY D 454 -47.76 21.56 9.96
N SER D 455 -46.66 21.61 10.71
CA SER D 455 -45.58 22.56 10.40
C SER D 455 -44.90 22.18 9.08
N ALA D 456 -44.29 23.18 8.45
CA ALA D 456 -43.68 23.03 7.13
C ALA D 456 -42.17 22.83 7.21
N VAL D 457 -41.62 22.07 6.26
CA VAL D 457 -40.17 21.93 6.09
C VAL D 457 -39.86 21.99 4.61
N VAL D 458 -38.88 22.82 4.25
CA VAL D 458 -38.40 22.91 2.88
C VAL D 458 -36.87 22.82 2.86
N VAL D 459 -36.35 21.94 2.01
CA VAL D 459 -34.90 21.82 1.79
C VAL D 459 -34.57 22.39 0.43
N VAL D 460 -33.58 23.28 0.39
CA VAL D 460 -33.13 23.91 -0.85
C VAL D 460 -31.63 23.68 -1.04
N LEU D 461 -31.30 23.01 -2.15
CA LEU D 461 -29.93 22.69 -2.51
C LEU D 461 -29.53 23.53 -3.72
N ASN D 462 -28.43 24.27 -3.59
CA ASN D 462 -27.82 24.99 -4.72
C ASN D 462 -26.46 24.38 -5.10
N ARG D 463 -26.47 23.63 -6.19
CA ARG D 463 -25.26 23.01 -6.74
C ARG D 463 -24.50 23.89 -7.72
N SER D 464 -25.07 25.03 -8.09
CA SER D 464 -24.39 26.03 -8.91
C SER D 464 -23.50 26.93 -8.05
N SER D 465 -22.65 27.71 -8.72
CA SER D 465 -21.78 28.70 -8.07
C SER D 465 -22.46 30.05 -7.86
N LYS D 466 -23.64 30.25 -8.45
CA LYS D 466 -24.34 31.54 -8.40
C LYS D 466 -25.32 31.60 -7.22
N ASP D 467 -25.23 32.68 -6.43
CA ASP D 467 -26.23 33.01 -5.43
C ASP D 467 -27.58 33.26 -6.11
N VAL D 468 -28.64 32.63 -5.61
CA VAL D 468 -29.99 32.76 -6.18
C VAL D 468 -30.91 33.39 -5.14
N PRO D 469 -31.30 34.67 -5.35
CA PRO D 469 -32.32 35.25 -4.46
C PRO D 469 -33.62 34.52 -4.68
N LEU D 470 -34.33 34.24 -3.59
CA LEU D 470 -35.60 33.54 -3.75
C LEU D 470 -36.59 33.84 -2.65
N THR D 471 -37.85 33.56 -2.95
CA THR D 471 -38.93 33.75 -2.03
C THR D 471 -39.72 32.45 -1.97
N ILE D 472 -40.07 32.05 -0.74
CA ILE D 472 -40.96 30.91 -0.53
C ILE D 472 -42.32 31.46 -0.11
N LYS D 473 -43.35 31.14 -0.90
CA LYS D 473 -44.72 31.53 -0.58
C LYS D 473 -45.48 30.39 0.07
N ASP D 474 -45.95 30.65 1.28
CA ASP D 474 -46.92 29.79 1.94
C ASP D 474 -48.25 30.57 1.94
N PRO D 475 -49.30 30.05 1.24
CA PRO D 475 -50.60 30.77 1.17
C PRO D 475 -51.22 31.09 2.53
N ALA D 476 -50.98 30.23 3.51
CA ALA D 476 -51.51 30.42 4.87
C ALA D 476 -50.84 31.55 5.63
N VAL D 477 -49.51 31.62 5.57
CA VAL D 477 -48.72 32.49 6.46
C VAL D 477 -48.08 33.71 5.80
N GLY D 478 -47.72 33.60 4.52
CA GLY D 478 -47.05 34.69 3.81
C GLY D 478 -45.77 34.27 3.11
N PHE D 479 -44.83 35.21 3.05
CA PHE D 479 -43.64 35.12 2.20
C PHE D 479 -42.35 35.07 3.03
N LEU D 480 -41.51 34.07 2.76
CA LEU D 480 -40.14 33.97 3.31
C LEU D 480 -39.14 34.50 2.29
N GLU D 481 -38.52 35.64 2.59
CA GLU D 481 -37.53 36.26 1.70
C GLU D 481 -36.14 35.77 2.09
N THR D 482 -35.41 35.22 1.13
CA THR D 482 -34.11 34.63 1.43
C THR D 482 -33.21 34.58 0.19
N ILE D 483 -31.98 34.13 0.41
CA ILE D 483 -31.01 33.91 -0.67
C ILE D 483 -30.48 32.50 -0.52
N SER D 484 -30.32 31.80 -1.65
CA SER D 484 -29.66 30.49 -1.68
C SER D 484 -28.25 30.69 -2.24
N PRO D 485 -27.23 30.75 -1.36
CA PRO D 485 -25.88 30.98 -1.90
C PRO D 485 -25.40 29.85 -2.78
N GLY D 486 -24.42 30.16 -3.62
CA GLY D 486 -23.75 29.14 -4.45
C GLY D 486 -23.15 28.10 -3.52
N TYR D 487 -23.27 26.83 -3.90
CA TYR D 487 -22.67 25.72 -3.12
C TYR D 487 -23.15 25.79 -1.66
N SER D 488 -24.47 25.71 -1.51
CA SER D 488 -25.11 25.73 -0.21
C SER D 488 -26.24 24.75 -0.15
N ILE D 489 -26.64 24.42 1.07
CA ILE D 489 -27.87 23.69 1.31
C ILE D 489 -28.52 24.33 2.53
N HIS D 490 -29.83 24.57 2.42
CA HIS D 490 -30.63 25.20 3.47
C HIS D 490 -31.79 24.29 3.81
N THR D 491 -32.12 24.20 5.10
CA THR D 491 -33.41 23.66 5.52
C THR D 491 -34.20 24.79 6.17
N TYR D 492 -35.43 25.00 5.68
CA TYR D 492 -36.37 25.99 6.24
C TYR D 492 -37.49 25.30 7.00
N LEU D 493 -37.80 25.80 8.18
CA LEU D 493 -38.91 25.29 9.00
C LEU D 493 -39.78 26.43 9.50
N TRP D 494 -41.10 26.21 9.52
CA TRP D 494 -42.03 27.18 10.10
C TRP D 494 -43.38 26.58 10.48
N ARG D 495 -43.99 27.13 11.54
CA ARG D 495 -45.36 26.80 11.92
C ARG D 495 -46.33 27.39 10.91
N ARG D 496 -47.39 26.65 10.61
CA ARG D 496 -48.48 27.10 9.76
C ARG D 496 -49.77 27.46 10.53
N GLN D 497 -49.85 27.05 11.79
CA GLN D 497 -50.94 27.42 12.72
C GLN D 497 -50.34 27.63 14.11
#